data_4NK4
#
_entry.id   4NK4
#
_cell.length_a   203.488
_cell.length_b   203.488
_cell.length_c   81.764
_cell.angle_alpha   90.00
_cell.angle_beta   90.00
_cell.angle_gamma   120.00
#
_symmetry.space_group_name_H-M   'P 32 2 1'
#
loop_
_entity.id
_entity.type
_entity.pdbx_description
1 polymer 'Enoyl-[acyl-carrier-protein] reductase [NADH]'
2 non-polymer DI(HYDROXYETHYL)ETHER
3 water water
#
_entity_poly.entity_id   1
_entity_poly.type   'polypeptide(L)'
_entity_poly.pdbx_seq_one_letter_code
;MGSSHHHHHHSSGENLYFEGSHMASMTGGQQMGRMINILKGKRGLIMGVANDHSIAWGIAKVLHSAGAQLAFSYQGESIG
KRLKPLALTVDSDFMIPCNVEDPSSMDLLFERIKERWETLDFVVHSIAFSDKNELRGPYYNTSRDNFIQTMLVSCFSFTE
IVRRAAQLMPHGGAMITLTYGGSMRVVPNYNAMAPAKSALESSTKYLACDYGGMNIRINAISAGPVRTLAGASISNGRDI
AAWSKENSPLKRTVSLEDIGNSALYLLSYLSNGVTGEIHYVDCGYNIVAMPSYNKNKVIEN
;
_entity_poly.pdbx_strand_id   A,B,C,D,E,F
#
# COMPACT_ATOMS: atom_id res chain seq x y z
N MET A 35 -27.14 49.33 -44.19
CA MET A 35 -25.87 49.13 -44.90
C MET A 35 -25.07 47.95 -44.33
N ILE A 36 -25.23 47.68 -43.04
CA ILE A 36 -24.43 46.64 -42.39
C ILE A 36 -24.76 45.27 -42.97
N ASN A 37 -23.72 44.52 -43.34
CA ASN A 37 -23.91 43.28 -44.08
C ASN A 37 -22.95 42.19 -43.63
N ILE A 38 -22.58 42.21 -42.35
CA ILE A 38 -21.53 41.31 -41.86
C ILE A 38 -21.98 39.87 -41.66
N LEU A 39 -23.28 39.59 -41.89
CA LEU A 39 -23.77 38.21 -41.87
C LEU A 39 -24.23 37.77 -43.26
N LYS A 40 -23.73 38.46 -44.28
CA LYS A 40 -23.97 38.04 -45.66
C LYS A 40 -23.55 36.59 -45.86
N GLY A 41 -24.44 35.78 -46.40
CA GLY A 41 -24.11 34.40 -46.71
C GLY A 41 -24.17 33.47 -45.51
N LYS A 42 -24.51 34.01 -44.33
CA LYS A 42 -24.57 33.18 -43.13
C LYS A 42 -25.99 32.64 -42.91
N ARG A 43 -26.06 31.49 -42.25
CA ARG A 43 -27.33 30.80 -41.97
C ARG A 43 -27.41 30.51 -40.47
N GLY A 44 -28.57 30.71 -39.87
CA GLY A 44 -28.68 30.48 -38.44
C GLY A 44 -30.05 30.04 -37.98
N LEU A 45 -30.08 29.48 -36.78
CA LEU A 45 -31.31 29.01 -36.14
C LEU A 45 -31.73 29.95 -35.01
N ILE A 46 -32.99 30.36 -35.04
CA ILE A 46 -33.57 31.21 -34.00
C ILE A 46 -34.60 30.41 -33.21
N MET A 47 -34.36 30.27 -31.90
CA MET A 47 -35.27 29.58 -31.00
C MET A 47 -35.86 30.52 -29.96
N GLY A 48 -37.18 30.44 -29.77
CA GLY A 48 -37.87 31.22 -28.76
C GLY A 48 -38.80 32.32 -29.23
N VAL A 49 -39.12 32.36 -30.52
CA VAL A 49 -40.10 33.34 -30.98
C VAL A 49 -41.49 32.86 -30.59
N ALA A 50 -42.21 33.68 -29.82
CA ALA A 50 -43.61 33.38 -29.48
C ALA A 50 -44.54 34.39 -30.14
N ASN A 51 -44.07 35.63 -30.24
CA ASN A 51 -44.79 36.69 -30.94
C ASN A 51 -43.82 37.79 -31.31
N ASP A 52 -44.35 38.92 -31.78
CA ASP A 52 -43.49 39.99 -32.26
C ASP A 52 -42.88 40.86 -31.17
N HIS A 53 -43.11 40.48 -29.91
CA HIS A 53 -42.48 41.18 -28.80
C HIS A 53 -41.39 40.31 -28.17
N SER A 54 -41.22 39.10 -28.69
CA SER A 54 -40.23 38.16 -28.12
C SER A 54 -38.82 38.67 -28.35
N ILE A 55 -37.96 38.48 -27.34
CA ILE A 55 -36.54 38.81 -27.50
C ILE A 55 -35.94 38.13 -28.74
N ALA A 56 -36.30 36.88 -28.96
CA ALA A 56 -35.80 36.12 -30.09
C ALA A 56 -36.19 36.78 -31.41
N TRP A 57 -37.36 37.41 -31.44
CA TRP A 57 -37.82 38.09 -32.64
C TRP A 57 -37.05 39.40 -32.88
N GLY A 58 -36.81 40.18 -31.83
CA GLY A 58 -36.02 41.40 -31.99
C GLY A 58 -34.64 41.03 -32.52
N ILE A 59 -34.12 39.93 -32.00
CA ILE A 59 -32.83 39.45 -32.47
C ILE A 59 -32.89 39.05 -33.95
N ALA A 60 -33.90 38.27 -34.29
CA ALA A 60 -34.04 37.79 -35.67
C ALA A 60 -34.06 38.97 -36.64
N LYS A 61 -34.81 40.02 -36.29
CA LYS A 61 -34.90 41.16 -37.21
C LYS A 61 -33.53 41.79 -37.43
N VAL A 62 -32.79 41.98 -36.34
CA VAL A 62 -31.44 42.55 -36.53
C VAL A 62 -30.49 41.65 -37.33
N LEU A 63 -30.47 40.35 -37.05
CA LEU A 63 -29.57 39.46 -37.77
C LEU A 63 -29.91 39.36 -39.26
N HIS A 64 -31.20 39.37 -39.57
CA HIS A 64 -31.62 39.32 -40.97
C HIS A 64 -31.21 40.60 -41.67
N SER A 65 -31.34 41.73 -40.97
CA SER A 65 -30.97 43.00 -41.58
C SER A 65 -29.48 43.07 -41.89
N ALA A 66 -28.69 42.23 -41.22
CA ALA A 66 -27.26 42.17 -41.45
C ALA A 66 -26.89 41.11 -42.48
N GLY A 67 -27.90 40.43 -43.03
CA GLY A 67 -27.67 39.50 -44.12
C GLY A 67 -27.99 38.04 -43.91
N ALA A 68 -28.36 37.69 -42.68
CA ALA A 68 -28.50 36.27 -42.33
C ALA A 68 -29.76 35.66 -42.90
N GLN A 69 -29.67 34.40 -43.31
CA GLN A 69 -30.82 33.57 -43.61
C GLN A 69 -31.20 32.85 -42.32
N LEU A 70 -32.49 32.78 -42.03
CA LEU A 70 -32.92 32.27 -40.72
C LEU A 70 -33.85 31.08 -40.80
N ALA A 71 -33.68 30.16 -39.85
CA ALA A 71 -34.64 29.09 -39.59
C ALA A 71 -35.18 29.34 -38.20
N PHE A 72 -36.43 28.94 -37.95
CA PHE A 72 -37.06 29.21 -36.67
C PHE A 72 -37.62 27.92 -36.12
N SER A 73 -37.47 27.72 -34.81
CA SER A 73 -38.22 26.65 -34.18
C SER A 73 -39.51 27.24 -33.66
N TYR A 74 -40.53 26.41 -33.44
CA TYR A 74 -41.73 26.89 -32.78
C TYR A 74 -42.35 25.84 -31.90
N GLN A 75 -42.89 26.30 -30.78
CA GLN A 75 -43.51 25.46 -29.77
C GLN A 75 -45.03 25.58 -29.84
N GLY A 76 -45.70 24.66 -30.52
CA GLY A 76 -47.15 24.67 -30.56
C GLY A 76 -47.73 25.40 -31.76
N GLU A 77 -48.98 25.10 -32.09
CA GLU A 77 -49.58 25.56 -33.34
C GLU A 77 -50.03 27.03 -33.35
N SER A 78 -50.47 27.57 -32.21
CA SER A 78 -50.85 28.99 -32.17
C SER A 78 -49.62 29.90 -32.36
N ILE A 79 -48.53 29.54 -31.69
CA ILE A 79 -47.25 30.21 -31.97
C ILE A 79 -46.88 30.07 -33.44
N GLY A 80 -47.00 28.86 -34.01
CA GLY A 80 -46.70 28.65 -35.41
C GLY A 80 -47.46 29.58 -36.33
N LYS A 81 -48.76 29.73 -36.06
CA LYS A 81 -49.61 30.63 -36.83
C LYS A 81 -49.17 32.09 -36.69
N ARG A 82 -48.69 32.47 -35.51
CA ARG A 82 -48.15 33.81 -35.33
C ARG A 82 -46.80 34.00 -36.04
N LEU A 83 -46.00 32.94 -36.06
CA LEU A 83 -44.64 32.98 -36.58
C LEU A 83 -44.62 33.06 -38.10
N LYS A 84 -45.56 32.40 -38.76
CA LYS A 84 -45.54 32.40 -40.23
C LYS A 84 -45.45 33.80 -40.88
N PRO A 85 -46.35 34.73 -40.53
CA PRO A 85 -46.22 36.04 -41.17
C PRO A 85 -44.98 36.82 -40.73
N LEU A 86 -44.53 36.64 -39.48
CA LEU A 86 -43.32 37.30 -39.02
C LEU A 86 -42.11 36.81 -39.81
N ALA A 87 -41.95 35.49 -39.91
CA ALA A 87 -40.83 34.91 -40.62
C ALA A 87 -40.79 35.37 -42.08
N LEU A 88 -41.97 35.50 -42.68
CA LEU A 88 -42.03 35.98 -44.04
C LEU A 88 -41.41 37.37 -44.19
N THR A 89 -41.57 38.23 -43.18
CA THR A 89 -40.99 39.58 -43.26
C THR A 89 -39.47 39.57 -43.16
N VAL A 90 -38.88 38.46 -42.71
CA VAL A 90 -37.43 38.30 -42.78
C VAL A 90 -37.07 37.24 -43.81
N ASP A 91 -37.94 37.10 -44.81
CA ASP A 91 -37.69 36.25 -45.97
C ASP A 91 -37.46 34.76 -45.63
N SER A 92 -38.19 34.27 -44.65
CA SER A 92 -38.06 32.87 -44.26
C SER A 92 -39.42 32.17 -44.24
N ASP A 93 -39.42 30.93 -44.72
CA ASP A 93 -40.53 30.01 -44.48
C ASP A 93 -40.01 28.73 -43.83
N PHE A 94 -38.82 28.83 -43.25
CA PHE A 94 -38.15 27.67 -42.68
C PHE A 94 -38.52 27.62 -41.20
N MET A 95 -39.64 26.98 -40.90
CA MET A 95 -40.19 26.95 -39.54
C MET A 95 -40.38 25.49 -39.17
N ILE A 96 -39.85 25.10 -38.01
CA ILE A 96 -39.78 23.70 -37.64
C ILE A 96 -40.31 23.51 -36.23
N PRO A 97 -41.31 22.64 -36.05
CA PRO A 97 -41.78 22.49 -34.67
C PRO A 97 -40.74 21.85 -33.76
N CYS A 98 -40.75 22.25 -32.49
CA CYS A 98 -39.83 21.66 -31.53
C CYS A 98 -40.33 21.82 -30.12
N ASN A 99 -40.32 20.72 -29.37
CA ASN A 99 -40.57 20.75 -27.95
C ASN A 99 -39.24 20.52 -27.25
N VAL A 100 -38.69 21.55 -26.60
CA VAL A 100 -37.34 21.44 -26.06
C VAL A 100 -37.27 20.56 -24.80
N GLU A 101 -38.41 20.05 -24.37
CA GLU A 101 -38.41 19.06 -23.28
C GLU A 101 -38.29 17.63 -23.79
N ASP A 102 -38.37 17.49 -25.11
CA ASP A 102 -38.44 16.19 -25.77
C ASP A 102 -37.21 15.98 -26.64
N PRO A 103 -36.25 15.17 -26.16
CA PRO A 103 -35.03 14.88 -26.94
C PRO A 103 -35.31 14.38 -28.36
N SER A 104 -36.38 13.61 -28.55
CA SER A 104 -36.70 13.09 -29.88
C SER A 104 -37.08 14.23 -30.81
N SER A 105 -37.76 15.21 -30.24
CA SER A 105 -38.23 16.38 -30.99
C SER A 105 -37.03 17.21 -31.40
N MET A 106 -36.05 17.36 -30.50
CA MET A 106 -34.84 18.10 -30.84
C MET A 106 -34.00 17.40 -31.91
N ASP A 107 -33.97 16.05 -31.87
CA ASP A 107 -33.31 15.30 -32.92
C ASP A 107 -34.00 15.59 -34.25
N LEU A 108 -35.34 15.58 -34.23
CA LEU A 108 -36.10 15.83 -35.46
C LEU A 108 -35.87 17.26 -35.99
N LEU A 109 -35.78 18.23 -35.08
CA LEU A 109 -35.47 19.61 -35.47
C LEU A 109 -34.20 19.64 -36.30
N PHE A 110 -33.16 18.97 -35.79
CA PHE A 110 -31.92 19.02 -36.55
C PHE A 110 -31.90 18.21 -37.85
N GLU A 111 -32.67 17.11 -37.90
CA GLU A 111 -32.83 16.41 -39.18
C GLU A 111 -33.49 17.32 -40.22
N ARG A 112 -34.49 18.08 -39.77
CA ARG A 112 -35.19 19.02 -40.65
C ARG A 112 -34.28 20.13 -41.13
N ILE A 113 -33.41 20.61 -40.25
CA ILE A 113 -32.43 21.60 -40.69
C ILE A 113 -31.50 21.00 -41.74
N LYS A 114 -30.99 19.79 -41.48
CA LYS A 114 -30.06 19.12 -42.38
C LYS A 114 -30.67 18.87 -43.75
N GLU A 115 -32.01 18.81 -43.83
CA GLU A 115 -32.66 18.72 -45.16
C GLU A 115 -32.31 19.89 -46.10
N ARG A 116 -32.16 21.10 -45.56
CA ARG A 116 -31.85 22.26 -46.40
C ARG A 116 -30.37 22.63 -46.31
N TRP A 117 -29.81 22.51 -45.12
CA TRP A 117 -28.50 23.10 -44.82
C TRP A 117 -27.49 22.09 -44.29
N GLU A 118 -26.33 22.00 -44.95
CA GLU A 118 -25.27 21.11 -44.48
C GLU A 118 -24.68 21.64 -43.17
N THR A 119 -24.65 22.96 -43.02
CA THR A 119 -24.04 23.60 -41.86
C THR A 119 -24.87 24.78 -41.36
N LEU A 120 -24.58 25.23 -40.14
CA LEU A 120 -25.19 26.43 -39.54
C LEU A 120 -24.04 27.34 -39.16
N ASP A 121 -24.26 28.65 -39.24
CA ASP A 121 -23.24 29.58 -38.74
C ASP A 121 -23.50 30.03 -37.32
N PHE A 122 -24.76 30.10 -36.92
CA PHE A 122 -25.08 30.55 -35.57
C PHE A 122 -26.38 29.96 -35.03
N VAL A 123 -26.53 30.05 -33.71
CA VAL A 123 -27.74 29.63 -33.03
C VAL A 123 -28.09 30.68 -31.98
N VAL A 124 -29.35 31.10 -31.95
CA VAL A 124 -29.86 31.94 -30.88
C VAL A 124 -30.81 31.12 -30.00
N HIS A 125 -30.49 31.01 -28.72
CA HIS A 125 -31.34 30.29 -27.78
C HIS A 125 -31.97 31.30 -26.82
N SER A 126 -33.26 31.56 -27.00
CA SER A 126 -33.95 32.53 -26.16
C SER A 126 -35.22 31.84 -25.69
N ILE A 127 -35.02 30.89 -24.80
CA ILE A 127 -36.08 30.00 -24.34
C ILE A 127 -36.08 30.02 -22.83
N ALA A 128 -37.14 30.53 -22.23
CA ALA A 128 -37.28 30.51 -20.79
C ALA A 128 -38.72 30.23 -20.40
N PHE A 129 -38.88 29.37 -19.39
CA PHE A 129 -40.21 29.07 -18.87
C PHE A 129 -40.12 28.73 -17.40
N SER A 130 -41.09 29.22 -16.64
CA SER A 130 -41.35 28.73 -15.29
C SER A 130 -42.84 28.91 -15.01
N ASP A 131 -43.37 28.19 -14.02
CA ASP A 131 -44.78 28.34 -13.66
C ASP A 131 -44.99 29.74 -13.12
N LYS A 132 -45.80 30.54 -13.82
CA LYS A 132 -46.04 31.91 -13.40
C LYS A 132 -46.66 32.00 -12.00
N ASN A 133 -47.38 30.95 -11.59
CA ASN A 133 -47.99 30.94 -10.26
C ASN A 133 -46.96 30.91 -9.16
N GLU A 134 -45.74 30.51 -9.50
CA GLU A 134 -44.67 30.38 -8.53
C GLU A 134 -43.65 31.51 -8.66
N LEU A 135 -43.88 32.41 -9.62
CA LEU A 135 -43.02 33.59 -9.75
C LEU A 135 -43.63 34.76 -8.97
N ARG A 136 -43.86 34.49 -7.69
CA ARG A 136 -44.43 35.45 -6.76
C ARG A 136 -44.30 34.81 -5.40
N GLY A 137 -44.29 35.63 -4.35
CA GLY A 137 -44.08 35.08 -3.03
C GLY A 137 -42.65 34.60 -2.86
N PRO A 138 -42.36 33.98 -1.71
CA PRO A 138 -40.97 33.58 -1.41
C PRO A 138 -40.43 32.48 -2.31
N TYR A 139 -39.13 32.51 -2.58
CA TYR A 139 -38.50 31.47 -3.39
C TYR A 139 -38.71 30.09 -2.76
N TYR A 140 -38.72 30.01 -1.44
CA TYR A 140 -38.77 28.71 -0.77
C TYR A 140 -40.05 27.93 -1.05
N ASN A 141 -41.07 28.60 -1.58
CA ASN A 141 -42.30 27.89 -1.92
C ASN A 141 -42.27 27.28 -3.32
N THR A 142 -41.12 27.37 -3.98
CA THR A 142 -40.95 26.73 -5.28
C THR A 142 -41.19 25.23 -5.18
N SER A 143 -42.04 24.70 -6.07
CA SER A 143 -42.28 23.26 -6.06
C SER A 143 -41.19 22.49 -6.78
N ARG A 144 -41.00 21.23 -6.39
CA ARG A 144 -40.05 20.33 -7.03
C ARG A 144 -40.32 20.19 -8.53
N ASP A 145 -41.58 19.99 -8.91
CA ASP A 145 -41.91 19.83 -10.33
C ASP A 145 -41.60 21.10 -11.12
N ASN A 146 -41.93 22.25 -10.56
CA ASN A 146 -41.61 23.51 -11.25
C ASN A 146 -40.10 23.74 -11.33
N PHE A 147 -39.39 23.41 -10.26
CA PHE A 147 -37.94 23.52 -10.28
C PHE A 147 -37.37 22.68 -11.42
N ILE A 148 -37.82 21.43 -11.52
CA ILE A 148 -37.32 20.53 -12.56
C ILE A 148 -37.65 21.01 -13.97
N GLN A 149 -38.90 21.41 -14.20
CA GLN A 149 -39.33 21.82 -15.53
C GLN A 149 -38.63 23.11 -15.93
N THR A 150 -38.50 24.02 -14.97
CA THR A 150 -37.84 25.28 -15.22
C THR A 150 -36.38 25.01 -15.57
N MET A 151 -35.75 24.10 -14.84
CA MET A 151 -34.38 23.71 -15.17
C MET A 151 -34.23 23.08 -16.55
N LEU A 152 -35.12 22.15 -16.89
CA LEU A 152 -35.01 21.48 -18.18
C LEU A 152 -35.26 22.43 -19.35
N VAL A 153 -36.24 23.31 -19.21
CA VAL A 153 -36.58 24.22 -20.32
C VAL A 153 -35.62 25.40 -20.40
N SER A 154 -35.35 26.02 -19.26
CA SER A 154 -34.60 27.28 -19.25
C SER A 154 -33.10 27.09 -19.19
N CYS A 155 -32.65 25.92 -18.74
CA CYS A 155 -31.22 25.66 -18.69
C CYS A 155 -30.77 24.51 -19.60
N PHE A 156 -31.29 23.30 -19.36
CA PHE A 156 -30.69 22.16 -20.03
C PHE A 156 -30.95 22.14 -21.53
N SER A 157 -32.03 22.78 -21.96
CA SER A 157 -32.32 22.81 -23.39
C SER A 157 -31.18 23.48 -24.16
N PHE A 158 -30.45 24.38 -23.52
CA PHE A 158 -29.31 25.00 -24.21
C PHE A 158 -28.23 23.95 -24.46
N THR A 159 -27.97 23.09 -23.48
CA THR A 159 -27.00 22.02 -23.68
C THR A 159 -27.43 21.06 -24.78
N GLU A 160 -28.71 20.65 -24.75
CA GLU A 160 -29.27 19.79 -25.79
C GLU A 160 -29.08 20.40 -27.19
N ILE A 161 -29.39 21.69 -27.28
CA ILE A 161 -29.36 22.38 -28.57
C ILE A 161 -27.93 22.59 -29.06
N VAL A 162 -27.05 23.06 -28.17
CA VAL A 162 -25.66 23.32 -28.52
C VAL A 162 -24.99 22.06 -29.02
N ARG A 163 -25.19 20.93 -28.32
CA ARG A 163 -24.47 19.74 -28.72
C ARG A 163 -24.99 19.19 -30.04
N ARG A 164 -26.27 19.42 -30.32
CA ARG A 164 -26.74 19.09 -31.68
C ARG A 164 -26.21 20.03 -32.77
N ALA A 165 -26.22 21.33 -32.47
CA ALA A 165 -25.81 22.36 -33.43
C ALA A 165 -24.33 22.27 -33.77
N ALA A 166 -23.51 21.85 -32.81
CA ALA A 166 -22.08 21.78 -33.06
C ALA A 166 -21.75 20.82 -34.19
N GLN A 167 -22.61 19.82 -34.39
CA GLN A 167 -22.42 18.85 -35.47
C GLN A 167 -22.66 19.49 -36.85
N LEU A 168 -23.20 20.71 -36.86
CA LEU A 168 -23.41 21.46 -38.09
C LEU A 168 -22.40 22.61 -38.23
N MET A 169 -21.36 22.61 -37.38
CA MET A 169 -20.36 23.67 -37.41
C MET A 169 -18.94 23.15 -37.56
N PRO A 170 -18.66 22.47 -38.67
CA PRO A 170 -17.37 21.80 -38.84
C PRO A 170 -16.21 22.80 -38.86
N HIS A 171 -16.45 24.03 -39.30
CA HIS A 171 -15.40 25.04 -39.32
C HIS A 171 -15.61 26.13 -38.29
N GLY A 172 -16.38 25.81 -37.24
CA GLY A 172 -16.62 26.78 -36.18
C GLY A 172 -17.89 27.57 -36.37
N GLY A 173 -18.18 28.47 -35.43
CA GLY A 173 -19.43 29.20 -35.47
C GLY A 173 -19.62 29.88 -34.13
N ALA A 174 -20.84 30.33 -33.86
CA ALA A 174 -21.09 31.09 -32.63
C ALA A 174 -22.52 30.88 -32.19
N MET A 175 -22.72 30.80 -30.87
CA MET A 175 -24.06 30.63 -30.34
C MET A 175 -24.22 31.54 -29.13
N ILE A 176 -25.46 31.95 -28.89
CA ILE A 176 -25.79 32.70 -27.69
C ILE A 176 -27.00 32.17 -26.97
N THR A 177 -27.03 32.40 -25.66
CA THR A 177 -28.26 32.22 -24.90
C THR A 177 -28.59 33.53 -24.19
N LEU A 178 -29.79 33.61 -23.61
CA LEU A 178 -30.25 34.81 -22.92
C LEU A 178 -30.35 34.54 -21.45
N THR A 179 -29.83 35.46 -20.66
CA THR A 179 -29.95 35.37 -19.21
C THR A 179 -30.35 36.72 -18.61
N TYR A 180 -30.32 36.79 -17.29
CA TYR A 180 -30.75 37.97 -16.56
C TYR A 180 -30.00 38.01 -15.24
N GLY A 181 -29.67 39.23 -14.79
CA GLY A 181 -28.88 39.40 -13.59
C GLY A 181 -29.51 38.89 -12.30
N GLY A 182 -30.79 38.54 -12.36
CA GLY A 182 -31.48 37.92 -11.24
C GLY A 182 -30.91 36.55 -10.92
N SER A 183 -30.05 36.03 -11.80
CA SER A 183 -29.39 34.75 -11.55
C SER A 183 -28.53 34.79 -10.29
N MET A 184 -27.80 35.88 -10.06
CA MET A 184 -26.92 35.87 -8.88
C MET A 184 -27.04 37.11 -7.97
N ARG A 185 -28.02 37.97 -8.27
CA ARG A 185 -28.43 38.99 -7.32
C ARG A 185 -29.93 38.87 -7.20
N VAL A 186 -30.46 39.05 -6.00
CA VAL A 186 -31.84 38.67 -5.73
C VAL A 186 -32.87 39.69 -6.22
N VAL A 187 -33.71 39.25 -7.17
CA VAL A 187 -34.82 40.03 -7.70
C VAL A 187 -36.10 39.43 -7.12
N PRO A 188 -36.95 40.25 -6.51
CA PRO A 188 -38.17 39.68 -5.90
C PRO A 188 -39.01 38.97 -6.94
N ASN A 189 -39.53 37.80 -6.55
CA ASN A 189 -40.43 37.00 -7.36
C ASN A 189 -39.77 36.21 -8.50
N TYR A 190 -38.49 36.46 -8.77
CA TYR A 190 -37.85 35.76 -9.88
C TYR A 190 -37.70 34.27 -9.57
N ASN A 191 -37.54 33.97 -8.28
CA ASN A 191 -37.69 32.61 -7.74
C ASN A 191 -37.03 31.48 -8.55
N ALA A 192 -37.80 30.52 -9.05
CA ALA A 192 -37.18 29.36 -9.72
C ALA A 192 -36.33 29.71 -10.93
N MET A 193 -36.62 30.84 -11.58
CA MET A 193 -35.85 31.24 -12.74
C MET A 193 -34.42 31.58 -12.36
N ALA A 194 -34.21 31.97 -11.11
CA ALA A 194 -32.86 32.39 -10.71
C ALA A 194 -31.84 31.26 -10.73
N PRO A 195 -32.11 30.14 -10.02
CA PRO A 195 -31.14 29.05 -10.15
C PRO A 195 -31.03 28.51 -11.57
N ALA A 196 -32.12 28.58 -12.33
CA ALA A 196 -32.10 28.05 -13.70
C ALA A 196 -31.16 28.89 -14.54
N LYS A 197 -31.25 30.22 -14.40
CA LYS A 197 -30.38 31.10 -15.18
C LYS A 197 -28.94 30.98 -14.70
N SER A 198 -28.75 30.79 -13.39
CA SER A 198 -27.38 30.63 -12.90
C SER A 198 -26.74 29.37 -13.46
N ALA A 199 -27.52 28.28 -13.48
CA ALA A 199 -27.08 27.04 -14.09
C ALA A 199 -26.82 27.23 -15.58
N LEU A 200 -27.66 28.03 -16.24
CA LEU A 200 -27.46 28.30 -17.67
C LEU A 200 -26.16 29.05 -17.92
N GLU A 201 -25.87 30.03 -17.06
CA GLU A 201 -24.62 30.79 -17.20
C GLU A 201 -23.42 29.87 -16.98
N SER A 202 -23.53 28.97 -16.02
CA SER A 202 -22.46 28.01 -15.76
C SER A 202 -22.24 27.14 -16.98
N SER A 203 -23.33 26.62 -17.52
CA SER A 203 -23.22 25.70 -18.64
C SER A 203 -22.66 26.41 -19.86
N THR A 204 -22.97 27.70 -20.00
CA THR A 204 -22.43 28.52 -21.11
C THR A 204 -20.91 28.47 -21.10
N LYS A 205 -20.32 28.60 -19.92
CA LYS A 205 -18.88 28.58 -19.82
C LYS A 205 -18.30 27.20 -20.03
N TYR A 206 -18.95 26.17 -19.49
CA TYR A 206 -18.48 24.80 -19.73
C TYR A 206 -18.57 24.43 -21.19
N LEU A 207 -19.66 24.82 -21.86
CA LEU A 207 -19.79 24.51 -23.29
C LEU A 207 -18.74 25.27 -24.11
N ALA A 208 -18.45 26.50 -23.70
CA ALA A 208 -17.45 27.31 -24.39
C ALA A 208 -16.09 26.60 -24.33
N CYS A 209 -15.79 25.97 -23.20
CA CYS A 209 -14.57 25.19 -23.10
C CYS A 209 -14.63 23.89 -23.90
N ASP A 210 -15.77 23.20 -23.88
CA ASP A 210 -15.89 21.96 -24.65
C ASP A 210 -15.66 22.20 -26.15
N TYR A 211 -16.19 23.30 -26.67
CA TYR A 211 -16.22 23.51 -28.11
C TYR A 211 -15.22 24.52 -28.66
N GLY A 212 -14.48 25.15 -27.77
CA GLY A 212 -13.53 26.18 -28.20
C GLY A 212 -12.46 25.66 -29.15
N GLY A 213 -12.06 24.40 -28.96
CA GLY A 213 -11.07 23.79 -29.81
C GLY A 213 -11.54 23.67 -31.25
N MET A 214 -12.85 23.69 -31.45
CA MET A 214 -13.45 23.67 -32.78
C MET A 214 -13.76 25.06 -33.31
N ASN A 215 -13.32 26.09 -32.59
CA ASN A 215 -13.62 27.47 -32.95
C ASN A 215 -15.11 27.76 -32.97
N ILE A 216 -15.84 27.13 -32.06
CA ILE A 216 -17.22 27.51 -31.78
C ILE A 216 -17.23 28.36 -30.51
N ARG A 217 -17.75 29.58 -30.62
CA ARG A 217 -17.84 30.48 -29.47
C ARG A 217 -19.24 30.45 -28.88
N ILE A 218 -19.32 30.50 -27.55
CA ILE A 218 -20.60 30.37 -26.85
C ILE A 218 -20.67 31.45 -25.80
N ASN A 219 -21.66 32.33 -25.90
CA ASN A 219 -21.77 33.47 -24.98
C ASN A 219 -23.22 33.67 -24.55
N ALA A 220 -23.42 34.53 -23.56
CA ALA A 220 -24.77 34.85 -23.10
C ALA A 220 -24.98 36.35 -23.07
N ILE A 221 -26.18 36.79 -23.44
CA ILE A 221 -26.55 38.18 -23.20
C ILE A 221 -27.37 38.22 -21.94
N SER A 222 -26.92 38.97 -20.96
CA SER A 222 -27.71 39.20 -19.75
C SER A 222 -28.47 40.48 -20.00
N ALA A 223 -29.72 40.32 -20.40
CA ALA A 223 -30.53 41.46 -20.79
C ALA A 223 -31.12 42.14 -19.56
N GLY A 224 -31.39 43.43 -19.67
CA GLY A 224 -32.23 44.11 -18.69
C GLY A 224 -33.67 43.81 -19.02
N PRO A 225 -34.60 44.25 -18.16
CA PRO A 225 -36.01 44.08 -18.50
C PRO A 225 -36.38 44.94 -19.69
N VAL A 226 -37.29 44.44 -20.53
CA VAL A 226 -37.72 45.18 -21.72
C VAL A 226 -39.11 45.69 -21.42
N ARG A 227 -39.36 46.98 -21.63
CA ARG A 227 -40.68 47.53 -21.30
C ARG A 227 -41.80 46.80 -22.04
N THR A 228 -42.87 46.53 -21.30
CA THR A 228 -44.04 45.77 -21.75
C THR A 228 -43.87 44.24 -21.78
N LEU A 229 -42.75 43.74 -22.32
CA LEU A 229 -42.45 42.31 -22.25
C LEU A 229 -42.33 41.88 -20.78
N ALA A 230 -41.75 42.77 -19.98
CA ALA A 230 -41.51 42.53 -18.57
C ALA A 230 -42.80 42.24 -17.78
N GLY A 231 -43.79 43.11 -17.91
CA GLY A 231 -45.06 42.93 -17.20
C GLY A 231 -45.80 41.69 -17.64
N ALA A 232 -45.66 41.34 -18.91
CA ALA A 232 -46.27 40.12 -19.44
C ALA A 232 -45.60 38.88 -18.90
N SER A 233 -44.30 38.99 -18.60
CA SER A 233 -43.49 37.82 -18.24
C SER A 233 -43.56 37.38 -16.76
N ILE A 234 -43.79 38.32 -15.85
CA ILE A 234 -43.72 38.04 -14.41
C ILE A 234 -44.60 39.02 -13.63
N SER A 235 -45.08 38.62 -12.45
CA SER A 235 -46.11 39.34 -11.71
C SER A 235 -45.86 40.84 -11.47
N ASN A 236 -44.64 41.16 -11.08
CA ASN A 236 -44.25 42.52 -10.74
C ASN A 236 -43.34 43.08 -11.80
N GLY A 237 -43.45 42.53 -13.01
CA GLY A 237 -42.59 42.90 -14.12
C GLY A 237 -42.57 44.38 -14.42
N ARG A 238 -43.74 45.03 -14.35
CA ARG A 238 -43.81 46.47 -14.60
C ARG A 238 -42.96 47.24 -13.59
N ASP A 239 -43.01 46.81 -12.33
CA ASP A 239 -42.24 47.48 -11.28
C ASP A 239 -40.74 47.23 -11.45
N ILE A 240 -40.38 46.02 -11.84
CA ILE A 240 -38.97 45.71 -12.10
C ILE A 240 -38.44 46.59 -13.23
N ALA A 241 -39.20 46.67 -14.31
CA ALA A 241 -38.81 47.49 -15.45
C ALA A 241 -38.71 48.97 -15.08
N ALA A 242 -39.69 49.47 -14.33
CA ALA A 242 -39.69 50.88 -13.93
C ALA A 242 -38.52 51.22 -13.03
N TRP A 243 -38.22 50.33 -12.08
CA TRP A 243 -37.12 50.56 -11.17
C TRP A 243 -35.80 50.55 -11.94
N SER A 244 -35.67 49.58 -12.84
CA SER A 244 -34.43 49.45 -13.60
C SER A 244 -34.23 50.67 -14.49
N LYS A 245 -35.32 51.16 -15.08
CA LYS A 245 -35.23 52.35 -15.91
C LYS A 245 -34.85 53.60 -15.11
N GLU A 246 -35.48 53.78 -13.95
CA GLU A 246 -35.22 54.95 -13.13
C GLU A 246 -33.79 54.95 -12.60
N ASN A 247 -33.24 53.76 -12.38
CA ASN A 247 -31.95 53.70 -11.68
C ASN A 247 -30.76 53.31 -12.54
N SER A 248 -31.00 53.00 -13.80
CA SER A 248 -29.88 52.72 -14.70
C SER A 248 -29.14 54.02 -15.01
N PRO A 249 -27.81 53.95 -15.23
CA PRO A 249 -27.01 55.12 -15.59
C PRO A 249 -27.58 55.86 -16.80
N LEU A 250 -28.17 55.12 -17.74
CA LEU A 250 -28.67 55.71 -19.00
C LEU A 250 -30.13 56.17 -18.92
N LYS A 251 -30.79 55.88 -17.80
CA LYS A 251 -32.19 56.30 -17.60
C LYS A 251 -33.14 55.80 -18.67
N ARG A 252 -32.89 54.60 -19.18
CA ARG A 252 -33.80 53.96 -20.11
C ARG A 252 -33.72 52.45 -19.98
N THR A 253 -34.73 51.75 -20.45
CA THR A 253 -34.68 50.29 -20.49
C THR A 253 -34.13 49.87 -21.84
N VAL A 254 -33.55 48.68 -21.87
CA VAL A 254 -33.01 48.13 -23.09
C VAL A 254 -34.15 47.82 -24.07
N SER A 255 -33.90 48.06 -25.36
CA SER A 255 -34.89 47.75 -26.39
C SER A 255 -34.58 46.41 -27.04
N LEU A 256 -35.57 45.85 -27.73
CA LEU A 256 -35.37 44.62 -28.48
C LEU A 256 -34.29 44.81 -29.54
N GLU A 257 -34.23 46.01 -30.11
CA GLU A 257 -33.21 46.30 -31.10
C GLU A 257 -31.80 46.36 -30.46
N ASP A 258 -31.69 46.91 -29.26
CA ASP A 258 -30.40 46.92 -28.54
C ASP A 258 -29.92 45.48 -28.36
N ILE A 259 -30.82 44.63 -27.90
CA ILE A 259 -30.48 43.23 -27.68
C ILE A 259 -30.08 42.58 -28.99
N GLY A 260 -30.83 42.85 -30.06
CA GLY A 260 -30.49 42.31 -31.36
C GLY A 260 -29.13 42.76 -31.86
N ASN A 261 -28.78 44.02 -31.62
CA ASN A 261 -27.49 44.54 -32.03
C ASN A 261 -26.35 43.88 -31.28
N SER A 262 -26.57 43.66 -29.99
CA SER A 262 -25.59 42.93 -29.18
C SER A 262 -25.46 41.48 -29.64
N ALA A 263 -26.57 40.86 -30.02
CA ALA A 263 -26.52 39.52 -30.58
C ALA A 263 -25.73 39.51 -31.87
N LEU A 264 -25.95 40.52 -32.70
CA LEU A 264 -25.19 40.64 -33.94
C LEU A 264 -23.71 40.69 -33.66
N TYR A 265 -23.32 41.50 -32.67
CA TYR A 265 -21.92 41.51 -32.27
C TYR A 265 -21.42 40.11 -31.88
N LEU A 266 -22.14 39.46 -30.97
CA LEU A 266 -21.69 38.18 -30.42
C LEU A 266 -21.77 37.01 -31.40
N LEU A 267 -22.48 37.18 -32.50
CA LEU A 267 -22.63 36.08 -33.45
C LEU A 267 -21.87 36.30 -34.76
N SER A 268 -21.17 37.43 -34.87
CA SER A 268 -20.42 37.74 -36.07
C SER A 268 -18.93 37.76 -35.81
N TYR A 269 -18.14 37.98 -36.87
CA TYR A 269 -16.69 38.06 -36.74
C TYR A 269 -16.22 39.12 -35.74
N LEU A 270 -17.08 40.09 -35.42
CA LEU A 270 -16.69 41.22 -34.58
C LEU A 270 -16.25 40.74 -33.20
N SER A 271 -16.82 39.63 -32.74
CA SER A 271 -16.56 39.13 -31.40
C SER A 271 -15.65 37.90 -31.42
N ASN A 272 -14.81 37.82 -32.44
CA ASN A 272 -13.90 36.70 -32.60
C ASN A 272 -13.01 36.44 -31.38
N GLY A 273 -12.79 37.44 -30.54
CA GLY A 273 -11.99 37.26 -29.34
C GLY A 273 -12.80 37.00 -28.08
N VAL A 274 -14.09 36.68 -28.24
CA VAL A 274 -15.00 36.61 -27.10
C VAL A 274 -15.69 35.26 -26.98
N THR A 275 -15.48 34.57 -25.86
CA THR A 275 -16.25 33.35 -25.60
C THR A 275 -16.40 33.12 -24.11
N GLY A 276 -17.47 32.45 -23.73
CA GLY A 276 -17.78 32.20 -22.33
C GLY A 276 -18.21 33.45 -21.57
N GLU A 277 -18.57 34.51 -22.30
CA GLU A 277 -18.83 35.81 -21.70
C GLU A 277 -20.30 35.97 -21.32
N ILE A 278 -20.55 36.43 -20.09
CA ILE A 278 -21.89 36.86 -19.70
C ILE A 278 -21.92 38.37 -19.85
N HIS A 279 -22.53 38.83 -20.94
CA HIS A 279 -22.37 40.21 -21.42
C HIS A 279 -23.61 40.99 -21.04
N TYR A 280 -23.45 42.02 -20.20
CA TYR A 280 -24.60 42.76 -19.71
C TYR A 280 -25.07 43.81 -20.69
N VAL A 281 -26.32 43.66 -21.13
CA VAL A 281 -26.95 44.59 -22.05
C VAL A 281 -28.20 45.06 -21.29
N ASP A 282 -27.96 45.90 -20.29
CA ASP A 282 -29.00 46.28 -19.34
C ASP A 282 -28.95 47.77 -19.04
N CYS A 283 -28.37 48.51 -19.99
CA CYS A 283 -28.14 49.96 -19.85
C CYS A 283 -27.36 50.33 -18.59
N GLY A 284 -26.48 49.42 -18.16
CA GLY A 284 -25.63 49.64 -17.00
C GLY A 284 -26.25 49.45 -15.63
N TYR A 285 -27.49 48.95 -15.57
CA TYR A 285 -28.20 48.85 -14.29
C TYR A 285 -27.36 48.09 -13.27
N ASN A 286 -26.72 47.03 -13.74
CA ASN A 286 -25.98 46.15 -12.82
C ASN A 286 -24.86 46.84 -12.04
N ILE A 287 -24.37 47.97 -12.54
CA ILE A 287 -23.21 48.60 -11.89
C ILE A 287 -23.60 49.51 -10.73
N VAL A 288 -24.91 49.75 -10.56
CA VAL A 288 -25.39 50.74 -9.59
C VAL A 288 -25.64 50.10 -8.23
N ALA A 289 -25.01 50.64 -7.18
CA ALA A 289 -25.09 50.03 -5.85
C ALA A 289 -26.34 50.44 -5.08
N MET A 290 -26.84 51.63 -5.39
CA MET A 290 -28.05 52.15 -4.73
C MET A 290 -28.50 53.39 -5.50
N PRO A 291 -29.76 53.84 -5.28
CA PRO A 291 -30.23 55.01 -6.04
C PRO A 291 -29.45 56.28 -5.73
N SER A 292 -29.47 57.23 -6.65
CA SER A 292 -28.98 58.58 -6.39
C SER A 292 -30.10 59.39 -5.71
N MET B 35 -11.45 26.59 25.10
CA MET B 35 -10.94 27.71 24.30
C MET B 35 -12.07 28.38 23.51
N ILE B 36 -12.92 27.58 22.90
CA ILE B 36 -14.09 28.12 22.23
C ILE B 36 -15.32 27.26 22.52
N ASN B 37 -16.35 27.89 23.07
CA ASN B 37 -17.56 27.20 23.49
C ASN B 37 -18.81 27.95 23.02
N ILE B 38 -18.70 28.61 21.87
CA ILE B 38 -19.75 29.51 21.43
C ILE B 38 -21.02 28.84 20.91
N LEU B 39 -21.02 27.51 20.83
CA LEU B 39 -22.25 26.78 20.53
C LEU B 39 -22.76 26.00 21.75
N LYS B 40 -22.30 26.39 22.94
CA LYS B 40 -22.83 25.77 24.15
C LYS B 40 -24.35 25.96 24.19
N GLY B 41 -25.08 24.87 24.42
CA GLY B 41 -26.53 24.95 24.50
C GLY B 41 -27.22 24.90 23.17
N LYS B 42 -26.44 24.81 22.08
CA LYS B 42 -27.03 24.79 20.75
C LYS B 42 -27.11 23.38 20.20
N ARG B 43 -28.04 23.17 19.29
CA ARG B 43 -28.14 21.85 18.66
C ARG B 43 -28.47 21.98 17.18
N GLY B 44 -27.99 21.03 16.39
CA GLY B 44 -28.19 21.15 14.96
C GLY B 44 -28.08 19.85 14.21
N LEU B 45 -28.35 19.93 12.91
CA LEU B 45 -28.44 18.77 12.05
C LEU B 45 -27.27 18.80 11.09
N ILE B 46 -26.58 17.67 10.99
CA ILE B 46 -25.47 17.47 10.05
C ILE B 46 -25.91 16.51 8.94
N MET B 47 -25.86 17.01 7.70
CA MET B 47 -26.19 16.16 6.56
C MET B 47 -24.97 15.98 5.68
N GLY B 48 -24.72 14.75 5.27
CA GLY B 48 -23.68 14.45 4.30
C GLY B 48 -22.49 13.64 4.79
N VAL B 49 -22.55 13.09 6.01
CA VAL B 49 -21.45 12.24 6.46
C VAL B 49 -21.51 10.90 5.74
N ALA B 50 -20.42 10.51 5.07
CA ALA B 50 -20.34 9.19 4.44
C ALA B 50 -19.24 8.37 5.10
N ASN B 51 -18.12 9.02 5.42
CA ASN B 51 -17.09 8.38 6.24
C ASN B 51 -16.26 9.41 7.01
N ASP B 52 -15.19 9.01 7.67
CA ASP B 52 -14.44 9.99 8.47
C ASP B 52 -13.64 11.00 7.66
N HIS B 53 -13.71 10.92 6.34
CA HIS B 53 -13.05 11.90 5.47
C HIS B 53 -14.06 12.86 4.86
N SER B 54 -15.34 12.69 5.18
CA SER B 54 -16.37 13.57 4.64
C SER B 54 -16.25 14.96 5.20
N ILE B 55 -16.47 15.96 4.34
CA ILE B 55 -16.53 17.34 4.80
C ILE B 55 -17.52 17.53 5.96
N ALA B 56 -18.66 16.85 5.89
CA ALA B 56 -19.68 16.99 6.92
C ALA B 56 -19.17 16.48 8.26
N TRP B 57 -18.29 15.48 8.21
CA TRP B 57 -17.75 14.94 9.46
C TRP B 57 -16.73 15.90 10.07
N GLY B 58 -15.85 16.47 9.26
CA GLY B 58 -14.90 17.45 9.77
C GLY B 58 -15.63 18.61 10.44
N ILE B 59 -16.72 19.02 9.79
CA ILE B 59 -17.55 20.09 10.36
C ILE B 59 -18.15 19.63 11.69
N ALA B 60 -18.71 18.42 11.72
CA ALA B 60 -19.38 17.95 12.93
C ALA B 60 -18.42 17.94 14.12
N LYS B 61 -17.20 17.48 13.88
CA LYS B 61 -16.22 17.43 14.98
C LYS B 61 -15.96 18.81 15.53
N VAL B 62 -15.77 19.79 14.63
CA VAL B 62 -15.54 21.14 15.16
C VAL B 62 -16.75 21.71 15.89
N LEU B 63 -17.95 21.52 15.35
CA LEU B 63 -19.13 22.09 15.98
C LEU B 63 -19.36 21.47 17.35
N HIS B 64 -19.13 20.16 17.47
CA HIS B 64 -19.32 19.53 18.77
C HIS B 64 -18.29 20.03 19.76
N SER B 65 -17.05 20.19 19.29
CA SER B 65 -15.99 20.71 20.17
C SER B 65 -16.33 22.10 20.73
N ALA B 66 -17.14 22.86 20.00
CA ALA B 66 -17.55 24.20 20.46
C ALA B 66 -18.83 24.17 21.27
N GLY B 67 -19.33 22.96 21.57
CA GLY B 67 -20.48 22.85 22.47
C GLY B 67 -21.78 22.31 21.92
N ALA B 68 -21.87 22.13 20.60
CA ALA B 68 -23.14 21.78 19.97
C ALA B 68 -23.53 20.32 20.17
N GLN B 69 -24.83 20.08 20.30
CA GLN B 69 -25.38 18.72 20.24
C GLN B 69 -25.76 18.46 18.78
N LEU B 70 -25.51 17.24 18.31
CA LEU B 70 -25.66 16.95 16.89
C LEU B 70 -26.65 15.83 16.59
N ALA B 71 -27.40 16.01 15.50
CA ALA B 71 -28.18 14.93 14.90
C ALA B 71 -27.61 14.72 13.51
N PHE B 72 -27.67 13.50 13.00
CA PHE B 72 -27.08 13.19 11.69
C PHE B 72 -28.09 12.51 10.80
N SER B 73 -28.15 12.94 9.53
CA SER B 73 -28.85 12.11 8.55
C SER B 73 -27.86 11.07 8.00
N TYR B 74 -28.36 9.99 7.41
CA TYR B 74 -27.47 9.10 6.69
C TYR B 74 -28.15 8.48 5.49
N GLN B 75 -27.39 8.35 4.39
CA GLN B 75 -27.97 8.03 3.09
C GLN B 75 -28.17 6.54 2.83
N GLY B 76 -27.52 5.69 3.62
CA GLY B 76 -27.66 4.25 3.48
C GLY B 76 -27.04 3.49 4.63
N GLU B 77 -27.33 2.20 4.71
CA GLU B 77 -26.85 1.40 5.84
C GLU B 77 -25.33 1.27 5.92
N SER B 78 -24.66 1.13 4.78
CA SER B 78 -23.21 0.98 4.82
C SER B 78 -22.56 2.24 5.39
N ILE B 79 -23.14 3.39 5.06
CA ILE B 79 -22.72 4.63 5.70
C ILE B 79 -23.12 4.64 7.17
N GLY B 80 -24.38 4.27 7.46
CA GLY B 80 -24.87 4.30 8.84
C GLY B 80 -23.99 3.51 9.79
N LYS B 81 -23.45 2.39 9.31
CA LYS B 81 -22.54 1.56 10.08
C LYS B 81 -21.24 2.28 10.44
N ARG B 82 -20.73 3.09 9.52
CA ARG B 82 -19.52 3.87 9.80
C ARG B 82 -19.87 5.07 10.69
N LEU B 83 -21.08 5.60 10.53
CA LEU B 83 -21.50 6.79 11.25
C LEU B 83 -21.69 6.51 12.73
N LYS B 84 -22.23 5.33 13.07
CA LYS B 84 -22.49 5.05 14.48
C LYS B 84 -21.30 5.28 15.43
N PRO B 85 -20.14 4.63 15.17
CA PRO B 85 -19.01 4.91 16.06
C PRO B 85 -18.53 6.36 16.00
N LEU B 86 -18.54 6.97 14.82
CA LEU B 86 -18.17 8.38 14.71
C LEU B 86 -19.09 9.25 15.58
N ALA B 87 -20.40 9.06 15.43
CA ALA B 87 -21.35 9.89 16.18
C ALA B 87 -21.13 9.75 17.69
N LEU B 88 -20.76 8.54 18.13
CA LEU B 88 -20.49 8.34 19.55
C LEU B 88 -19.32 9.20 20.03
N THR B 89 -18.34 9.43 19.17
CA THR B 89 -17.19 10.24 19.59
C THR B 89 -17.55 11.71 19.74
N VAL B 90 -18.71 12.10 19.20
CA VAL B 90 -19.24 13.44 19.45
C VAL B 90 -20.52 13.40 20.28
N ASP B 91 -20.62 12.38 21.13
CA ASP B 91 -21.68 12.28 22.13
C ASP B 91 -23.08 12.21 21.53
N SER B 92 -23.22 11.58 20.38
CA SER B 92 -24.51 11.49 19.72
C SER B 92 -24.85 10.06 19.33
N ASP B 93 -26.11 9.68 19.56
CA ASP B 93 -26.64 8.47 18.95
C ASP B 93 -27.88 8.82 18.14
N PHE B 94 -27.96 10.08 17.68
CA PHE B 94 -29.13 10.61 17.01
C PHE B 94 -28.85 10.54 15.52
N MET B 95 -29.26 9.44 14.88
CA MET B 95 -28.93 9.17 13.49
C MET B 95 -30.20 8.73 12.76
N ILE B 96 -30.50 9.37 11.63
CA ILE B 96 -31.79 9.18 10.99
C ILE B 96 -31.59 8.92 9.50
N PRO B 97 -32.17 7.83 8.97
CA PRO B 97 -31.96 7.54 7.55
C PRO B 97 -32.73 8.56 6.71
N CYS B 98 -32.14 9.01 5.61
CA CYS B 98 -32.84 9.95 4.74
C CYS B 98 -32.32 9.85 3.32
N ASN B 99 -33.24 9.83 2.36
CA ASN B 99 -32.90 9.96 0.95
C ASN B 99 -33.29 11.36 0.50
N VAL B 100 -32.31 12.23 0.26
CA VAL B 100 -32.65 13.63 -0.02
C VAL B 100 -33.22 13.82 -1.42
N GLU B 101 -33.30 12.75 -2.20
CA GLU B 101 -34.02 12.85 -3.47
C GLU B 101 -35.53 12.69 -3.27
N ASP B 102 -35.95 12.28 -2.07
CA ASP B 102 -37.36 11.96 -1.81
C ASP B 102 -37.96 12.89 -0.77
N PRO B 103 -38.87 13.78 -1.20
CA PRO B 103 -39.49 14.73 -0.29
C PRO B 103 -40.15 14.05 0.94
N SER B 104 -40.78 12.90 0.73
CA SER B 104 -41.39 12.21 1.87
C SER B 104 -40.35 11.72 2.88
N SER B 105 -39.20 11.29 2.38
CA SER B 105 -38.10 10.91 3.26
C SER B 105 -37.62 12.09 4.10
N MET B 106 -37.59 13.29 3.50
CA MET B 106 -37.15 14.48 4.22
C MET B 106 -38.21 14.94 5.24
N ASP B 107 -39.48 14.76 4.89
CA ASP B 107 -40.55 14.97 5.86
C ASP B 107 -40.34 14.06 7.07
N LEU B 108 -40.08 12.78 6.80
CA LEU B 108 -39.86 11.80 7.87
C LEU B 108 -38.64 12.16 8.71
N LEU B 109 -37.58 12.65 8.06
CA LEU B 109 -36.40 13.09 8.76
C LEU B 109 -36.77 14.14 9.80
N PHE B 110 -37.57 15.12 9.42
CA PHE B 110 -37.90 16.15 10.40
C PHE B 110 -38.91 15.71 11.47
N GLU B 111 -39.80 14.80 11.12
CA GLU B 111 -40.63 14.19 12.15
C GLU B 111 -39.78 13.48 13.20
N ARG B 112 -38.72 12.81 12.75
CA ARG B 112 -37.83 12.10 13.66
C ARG B 112 -37.05 13.06 14.53
N ILE B 113 -36.56 14.14 13.93
CA ILE B 113 -35.89 15.17 14.72
C ILE B 113 -36.81 15.68 15.83
N LYS B 114 -38.07 15.93 15.48
CA LYS B 114 -39.00 16.53 16.44
C LYS B 114 -39.39 15.61 17.60
N GLU B 115 -39.09 14.33 17.47
CA GLU B 115 -39.35 13.39 18.56
C GLU B 115 -38.47 13.72 19.75
N ARG B 116 -37.33 14.37 19.50
CA ARG B 116 -36.40 14.73 20.57
C ARG B 116 -36.28 16.24 20.76
N TRP B 117 -36.29 16.97 19.67
CA TRP B 117 -35.97 18.39 19.69
C TRP B 117 -37.11 19.22 19.14
N GLU B 118 -37.58 20.19 19.93
CA GLU B 118 -38.64 21.09 19.49
C GLU B 118 -38.10 22.14 18.53
N THR B 119 -36.81 22.47 18.70
CA THR B 119 -36.18 23.50 17.88
C THR B 119 -34.78 23.07 17.43
N LEU B 120 -34.25 23.74 16.40
CA LEU B 120 -32.89 23.54 15.89
C LEU B 120 -32.21 24.90 15.89
N ASP B 121 -30.89 24.92 16.02
CA ASP B 121 -30.17 26.18 15.92
C ASP B 121 -29.40 26.33 14.61
N PHE B 122 -29.01 25.22 14.03
CA PHE B 122 -28.26 25.25 12.76
C PHE B 122 -28.49 24.00 11.92
N VAL B 123 -28.19 24.12 10.63
CA VAL B 123 -28.16 22.95 9.75
C VAL B 123 -26.90 23.06 8.90
N VAL B 124 -26.23 21.92 8.73
CA VAL B 124 -25.10 21.78 7.79
C VAL B 124 -25.56 20.88 6.65
N HIS B 125 -25.55 21.41 5.44
CA HIS B 125 -25.91 20.66 4.23
C HIS B 125 -24.66 20.48 3.40
N SER B 126 -24.11 19.26 3.40
CA SER B 126 -22.89 18.97 2.66
C SER B 126 -23.17 17.74 1.82
N ILE B 127 -23.94 17.93 0.76
CA ILE B 127 -24.39 16.80 -0.05
C ILE B 127 -24.09 17.04 -1.52
N ALA B 128 -23.08 16.34 -2.03
CA ALA B 128 -22.68 16.46 -3.42
C ALA B 128 -22.84 15.10 -4.10
N PHE B 129 -23.69 15.05 -5.13
CA PHE B 129 -23.88 13.81 -5.86
C PHE B 129 -24.04 14.07 -7.34
N SER B 130 -23.38 13.22 -8.13
CA SER B 130 -23.67 13.11 -9.55
C SER B 130 -23.17 11.73 -9.95
N ASP B 131 -23.59 11.24 -11.11
CA ASP B 131 -23.04 9.99 -11.61
C ASP B 131 -21.56 10.21 -11.94
N LYS B 132 -20.67 9.62 -11.14
CA LYS B 132 -19.24 9.84 -11.33
C LYS B 132 -18.73 9.37 -12.69
N ASN B 133 -19.45 8.44 -13.30
CA ASN B 133 -19.05 8.00 -14.63
C ASN B 133 -19.23 9.09 -15.69
N GLU B 134 -20.07 10.09 -15.38
CA GLU B 134 -20.27 11.21 -16.28
C GLU B 134 -19.38 12.40 -15.91
N LEU B 135 -18.63 12.29 -14.82
CA LEU B 135 -17.69 13.36 -14.42
C LEU B 135 -16.33 13.06 -15.03
N ARG B 136 -16.33 12.97 -16.36
CA ARG B 136 -15.19 12.50 -17.13
C ARG B 136 -15.50 12.97 -18.54
N GLY B 137 -14.48 13.43 -19.26
CA GLY B 137 -14.71 13.88 -20.62
C GLY B 137 -15.46 15.19 -20.66
N PRO B 138 -15.92 15.61 -21.85
CA PRO B 138 -16.60 16.89 -22.04
C PRO B 138 -17.91 17.04 -21.29
N TYR B 139 -18.23 18.28 -20.90
CA TYR B 139 -19.49 18.57 -20.22
C TYR B 139 -20.69 18.19 -21.11
N TYR B 140 -20.55 18.36 -22.43
CA TYR B 140 -21.71 18.18 -23.33
C TYR B 140 -22.29 16.77 -23.36
N ASN B 141 -21.54 15.79 -22.87
CA ASN B 141 -22.05 14.42 -22.82
C ASN B 141 -22.94 14.16 -21.61
N THR B 142 -23.08 15.17 -20.74
CA THR B 142 -23.95 15.04 -19.56
C THR B 142 -25.34 14.61 -20.00
N SER B 143 -25.86 13.55 -19.38
CA SER B 143 -27.17 13.06 -19.76
C SER B 143 -28.29 13.85 -19.10
N ARG B 144 -29.44 13.91 -19.76
CA ARG B 144 -30.61 14.56 -19.22
C ARG B 144 -30.96 13.97 -17.85
N ASP B 145 -30.92 12.64 -17.74
CA ASP B 145 -31.26 11.99 -16.48
C ASP B 145 -30.27 12.32 -15.36
N ASN B 146 -28.99 12.31 -15.67
CA ASN B 146 -28.01 12.67 -14.65
C ASN B 146 -28.14 14.14 -14.28
N PHE B 147 -28.42 14.99 -15.27
CA PHE B 147 -28.60 16.40 -14.98
C PHE B 147 -29.74 16.58 -13.96
N ILE B 148 -30.86 15.91 -14.22
CA ILE B 148 -32.02 16.04 -13.33
C ILE B 148 -31.69 15.52 -11.93
N GLN B 149 -31.08 14.35 -11.84
CA GLN B 149 -30.82 13.78 -10.52
C GLN B 149 -29.77 14.60 -9.75
N THR B 150 -28.77 15.08 -10.47
CA THR B 150 -27.74 15.92 -9.87
C THR B 150 -28.36 17.21 -9.38
N MET B 151 -29.25 17.78 -10.17
CA MET B 151 -29.93 19.01 -9.77
C MET B 151 -30.76 18.81 -8.50
N LEU B 152 -31.51 17.71 -8.48
CA LEU B 152 -32.36 17.45 -7.32
C LEU B 152 -31.56 17.20 -6.04
N VAL B 153 -30.47 16.46 -6.14
CA VAL B 153 -29.72 16.07 -4.94
C VAL B 153 -28.72 17.14 -4.51
N SER B 154 -27.97 17.66 -5.46
CA SER B 154 -26.91 18.61 -5.15
C SER B 154 -27.38 20.06 -5.03
N CYS B 155 -28.53 20.38 -5.61
CA CYS B 155 -29.08 21.71 -5.47
C CYS B 155 -30.39 21.74 -4.71
N PHE B 156 -31.45 21.14 -5.27
CA PHE B 156 -32.76 21.39 -4.71
C PHE B 156 -32.96 20.85 -3.29
N SER B 157 -32.20 19.82 -2.93
CA SER B 157 -32.29 19.29 -1.57
C SER B 157 -31.98 20.35 -0.52
N PHE B 158 -31.11 21.31 -0.84
CA PHE B 158 -30.88 22.39 0.12
C PHE B 158 -32.14 23.23 0.34
N THR B 159 -32.86 23.57 -0.72
CA THR B 159 -34.12 24.31 -0.56
C THR B 159 -35.13 23.49 0.26
N GLU B 160 -35.22 22.20 -0.05
CA GLU B 160 -36.14 21.30 0.67
C GLU B 160 -35.81 21.26 2.18
N ILE B 161 -34.52 21.09 2.45
CA ILE B 161 -34.05 20.99 3.83
C ILE B 161 -34.23 22.32 4.58
N VAL B 162 -33.82 23.42 3.94
CA VAL B 162 -33.93 24.74 4.57
C VAL B 162 -35.36 25.06 4.95
N ARG B 163 -36.29 24.81 4.03
CA ARG B 163 -37.66 25.22 4.32
C ARG B 163 -38.27 24.35 5.41
N ARG B 164 -37.82 23.11 5.53
CA ARG B 164 -38.30 22.32 6.68
C ARG B 164 -37.68 22.77 8.00
N ALA B 165 -36.37 23.02 7.97
CA ALA B 165 -35.63 23.38 9.17
C ALA B 165 -36.01 24.75 9.73
N ALA B 166 -36.35 25.67 8.85
CA ALA B 166 -36.72 27.01 9.28
C ALA B 166 -37.93 26.98 10.21
N GLN B 167 -38.77 25.97 10.02
CA GLN B 167 -39.96 25.81 10.88
C GLN B 167 -39.60 25.48 12.32
N LEU B 168 -38.36 25.07 12.54
CA LEU B 168 -37.86 24.72 13.87
C LEU B 168 -36.97 25.82 14.44
N MET B 169 -36.99 27.00 13.81
CA MET B 169 -36.18 28.13 14.24
C MET B 169 -37.01 29.37 14.58
N PRO B 170 -37.85 29.27 15.61
CA PRO B 170 -38.75 30.39 15.93
C PRO B 170 -38.02 31.63 16.41
N HIS B 171 -36.76 31.48 16.84
CA HIS B 171 -35.99 32.63 17.30
C HIS B 171 -34.74 32.86 16.44
N GLY B 172 -34.82 32.40 15.19
CA GLY B 172 -33.70 32.54 14.25
C GLY B 172 -32.72 31.39 14.33
N GLY B 173 -31.67 31.47 13.52
CA GLY B 173 -30.67 30.42 13.48
C GLY B 173 -29.76 30.65 12.27
N ALA B 174 -29.00 29.62 11.90
CA ALA B 174 -28.08 29.78 10.78
C ALA B 174 -27.93 28.47 10.07
N MET B 175 -27.75 28.50 8.75
CA MET B 175 -27.54 27.28 7.98
C MET B 175 -26.44 27.52 6.95
N ILE B 176 -25.72 26.46 6.61
CA ILE B 176 -24.77 26.54 5.51
C ILE B 176 -24.94 25.41 4.53
N THR B 177 -24.55 25.68 3.29
CA THR B 177 -24.35 24.59 2.33
C THR B 177 -22.90 24.63 1.84
N LEU B 178 -22.48 23.59 1.14
CA LEU B 178 -21.14 23.52 0.59
C LEU B 178 -21.18 23.65 -0.92
N THR B 179 -20.24 24.41 -1.46
CA THR B 179 -20.11 24.55 -2.91
C THR B 179 -18.62 24.50 -3.29
N TYR B 180 -18.34 24.72 -4.57
CA TYR B 180 -17.00 24.68 -5.10
C TYR B 180 -16.90 25.67 -6.25
N GLY B 181 -15.74 26.30 -6.41
CA GLY B 181 -15.56 27.35 -7.39
C GLY B 181 -15.72 26.88 -8.82
N GLY B 182 -15.79 25.56 -9.03
CA GLY B 182 -16.08 25.01 -10.34
C GLY B 182 -17.47 25.36 -10.83
N SER B 183 -18.29 25.94 -9.96
CA SER B 183 -19.61 26.41 -10.35
C SER B 183 -19.56 27.48 -11.43
N MET B 184 -18.60 28.39 -11.36
CA MET B 184 -18.62 29.46 -12.36
C MET B 184 -17.26 29.74 -13.01
N ARG B 185 -16.27 28.89 -12.71
CA ARG B 185 -15.05 28.83 -13.50
C ARG B 185 -14.83 27.36 -13.87
N VAL B 186 -14.31 27.11 -15.07
CA VAL B 186 -14.41 25.77 -15.61
C VAL B 186 -13.31 24.81 -15.12
N VAL B 187 -13.75 23.76 -14.42
CA VAL B 187 -12.86 22.72 -13.94
C VAL B 187 -13.09 21.48 -14.78
N PRO B 188 -12.02 20.95 -15.39
CA PRO B 188 -12.20 19.77 -16.23
C PRO B 188 -12.86 18.63 -15.48
N ASN B 189 -13.80 17.97 -16.17
CA ASN B 189 -14.54 16.82 -15.66
C ASN B 189 -15.65 17.17 -14.66
N TYR B 190 -15.68 18.40 -14.14
CA TYR B 190 -16.64 18.71 -13.07
C TYR B 190 -18.07 18.65 -13.62
N ASN B 191 -18.20 19.02 -14.89
CA ASN B 191 -19.39 18.68 -15.69
C ASN B 191 -20.72 18.98 -15.01
N ALA B 192 -21.57 17.97 -14.80
CA ALA B 192 -22.91 18.22 -14.26
C ALA B 192 -22.90 18.91 -12.89
N MET B 193 -21.85 18.69 -12.11
CA MET B 193 -21.78 19.35 -10.80
C MET B 193 -21.72 20.87 -10.92
N ALA B 194 -21.22 21.39 -12.03
CA ALA B 194 -21.07 22.83 -12.16
C ALA B 194 -22.40 23.61 -12.18
N PRO B 195 -23.32 23.31 -13.13
CA PRO B 195 -24.59 24.02 -13.07
C PRO B 195 -25.32 23.76 -11.76
N ALA B 196 -25.16 22.57 -11.20
CA ALA B 196 -25.82 22.24 -9.94
C ALA B 196 -25.32 23.14 -8.80
N LYS B 197 -24.02 23.33 -8.72
CA LYS B 197 -23.45 24.17 -7.67
C LYS B 197 -23.75 25.63 -7.95
N SER B 198 -23.79 26.03 -9.21
CA SER B 198 -24.15 27.43 -9.50
C SER B 198 -25.59 27.70 -9.08
N ALA B 199 -26.46 26.74 -9.36
CA ALA B 199 -27.87 26.87 -8.97
C ALA B 199 -27.96 26.90 -7.44
N LEU B 200 -27.16 26.09 -6.79
CA LEU B 200 -27.14 26.05 -5.32
C LEU B 200 -26.72 27.39 -4.74
N GLU B 201 -25.70 28.02 -5.33
CA GLU B 201 -25.24 29.33 -4.88
C GLU B 201 -26.33 30.39 -5.05
N SER B 202 -27.02 30.31 -6.17
CA SER B 202 -28.12 31.22 -6.45
C SER B 202 -29.21 31.04 -5.41
N SER B 203 -29.56 29.78 -5.16
CA SER B 203 -30.61 29.48 -4.19
C SER B 203 -30.25 29.95 -2.78
N THR B 204 -28.97 29.86 -2.44
CA THR B 204 -28.50 30.29 -1.13
C THR B 204 -28.83 31.76 -0.92
N LYS B 205 -28.62 32.57 -1.95
CA LYS B 205 -28.89 34.00 -1.85
C LYS B 205 -30.38 34.28 -1.78
N TYR B 206 -31.17 33.59 -2.60
CA TYR B 206 -32.62 33.78 -2.55
C TYR B 206 -33.19 33.33 -1.21
N LEU B 207 -32.68 32.23 -0.68
CA LEU B 207 -33.15 31.76 0.63
C LEU B 207 -32.73 32.73 1.73
N ALA B 208 -31.52 33.27 1.64
CA ALA B 208 -31.08 34.27 2.61
C ALA B 208 -32.04 35.47 2.65
N CYS B 209 -32.55 35.85 1.48
CA CYS B 209 -33.51 36.95 1.40
C CYS B 209 -34.88 36.52 1.93
N ASP B 210 -35.31 35.30 1.63
CA ASP B 210 -36.61 34.80 2.13
C ASP B 210 -36.65 34.81 3.65
N TYR B 211 -35.52 34.43 4.27
CA TYR B 211 -35.56 34.13 5.69
C TYR B 211 -34.85 35.14 6.59
N GLY B 212 -34.28 36.19 6.00
CA GLY B 212 -33.52 37.15 6.79
C GLY B 212 -34.39 37.90 7.79
N GLY B 213 -35.66 38.07 7.43
CA GLY B 213 -36.61 38.76 8.29
C GLY B 213 -36.95 37.95 9.53
N MET B 214 -36.64 36.65 9.49
CA MET B 214 -36.82 35.76 10.64
C MET B 214 -35.52 35.60 11.42
N ASN B 215 -34.52 36.39 11.05
CA ASN B 215 -33.16 36.27 11.60
C ASN B 215 -32.59 34.87 11.43
N ILE B 216 -32.84 34.28 10.28
CA ILE B 216 -32.15 33.07 9.90
C ILE B 216 -31.14 33.44 8.83
N ARG B 217 -29.87 33.17 9.09
CA ARG B 217 -28.83 33.47 8.11
C ARG B 217 -28.51 32.22 7.31
N ILE B 218 -28.23 32.39 6.01
CA ILE B 218 -28.00 31.27 5.11
C ILE B 218 -26.75 31.60 4.32
N ASN B 219 -25.72 30.77 4.41
CA ASN B 219 -24.46 31.06 3.72
C ASN B 219 -23.91 29.79 3.07
N ALA B 220 -22.90 29.94 2.23
CA ALA B 220 -22.24 28.77 1.65
C ALA B 220 -20.75 28.83 1.86
N ILE B 221 -20.15 27.68 2.10
CA ILE B 221 -18.70 27.58 2.07
C ILE B 221 -18.28 27.04 0.71
N SER B 222 -17.51 27.81 -0.04
CA SER B 222 -16.93 27.31 -1.28
C SER B 222 -15.59 26.71 -0.91
N ALA B 223 -15.59 25.40 -0.70
CA ALA B 223 -14.37 24.73 -0.26
C ALA B 223 -13.42 24.47 -1.42
N GLY B 224 -12.13 24.46 -1.12
CA GLY B 224 -11.16 23.93 -2.09
C GLY B 224 -11.17 22.42 -2.01
N PRO B 225 -10.42 21.77 -2.90
CA PRO B 225 -10.35 20.30 -2.81
C PRO B 225 -9.66 19.86 -1.54
N VAL B 226 -10.17 18.78 -0.94
CA VAL B 226 -9.56 18.21 0.26
C VAL B 226 -8.83 16.96 -0.17
N ARG B 227 -7.55 16.86 0.17
CA ARG B 227 -6.77 15.72 -0.29
C ARG B 227 -7.29 14.39 0.25
N THR B 228 -7.12 13.35 -0.58
CA THR B 228 -7.66 12.00 -0.35
C THR B 228 -9.15 11.94 -0.68
N LEU B 229 -9.94 12.88 -0.15
CA LEU B 229 -11.34 12.95 -0.51
C LEU B 229 -11.51 13.26 -2.00
N ALA B 230 -10.66 14.16 -2.51
CA ALA B 230 -10.79 14.60 -3.90
C ALA B 230 -10.62 13.42 -4.84
N GLY B 231 -9.54 12.66 -4.63
CA GLY B 231 -9.24 11.50 -5.47
C GLY B 231 -10.37 10.49 -5.50
N ALA B 232 -11.08 10.35 -4.38
CA ALA B 232 -12.21 9.41 -4.31
C ALA B 232 -13.46 9.95 -4.98
N SER B 233 -13.53 11.27 -5.10
CA SER B 233 -14.78 11.92 -5.50
C SER B 233 -15.00 12.14 -7.00
N ILE B 234 -13.91 12.13 -7.77
CA ILE B 234 -14.01 12.38 -9.20
C ILE B 234 -12.75 11.84 -9.87
N SER B 235 -12.85 11.46 -11.15
CA SER B 235 -11.77 10.71 -11.81
C SER B 235 -10.43 11.42 -11.82
N ASN B 236 -10.44 12.75 -11.92
CA ASN B 236 -9.21 13.51 -11.93
C ASN B 236 -9.04 14.28 -10.62
N GLY B 237 -9.66 13.79 -9.56
CA GLY B 237 -9.60 14.48 -8.28
C GLY B 237 -8.21 14.66 -7.72
N ARG B 238 -7.36 13.65 -7.90
CA ARG B 238 -6.02 13.73 -7.35
C ARG B 238 -5.26 14.85 -8.05
N ASP B 239 -5.49 14.98 -9.36
CA ASP B 239 -4.84 16.03 -10.13
C ASP B 239 -5.37 17.40 -9.75
N ILE B 240 -6.68 17.51 -9.54
CA ILE B 240 -7.28 18.77 -9.10
C ILE B 240 -6.69 19.21 -7.76
N ALA B 241 -6.60 18.28 -6.81
CA ALA B 241 -6.02 18.62 -5.51
C ALA B 241 -4.53 18.99 -5.62
N ALA B 242 -3.78 18.24 -6.41
CA ALA B 242 -2.35 18.54 -6.58
C ALA B 242 -2.13 19.91 -7.20
N TRP B 243 -2.93 20.22 -8.22
CA TRP B 243 -2.81 21.50 -8.90
C TRP B 243 -3.15 22.61 -7.93
N SER B 244 -4.22 22.40 -7.16
CA SER B 244 -4.65 23.42 -6.23
C SER B 244 -3.61 23.66 -5.15
N LYS B 245 -3.00 22.60 -4.64
CA LYS B 245 -1.94 22.75 -3.65
C LYS B 245 -0.74 23.50 -4.22
N GLU B 246 -0.33 23.13 -5.42
CA GLU B 246 0.88 23.71 -6.01
C GLU B 246 0.67 25.18 -6.32
N ASN B 247 -0.57 25.56 -6.63
CA ASN B 247 -0.79 26.92 -7.11
C ASN B 247 -1.53 27.86 -6.16
N SER B 248 -1.98 27.36 -5.02
CA SER B 248 -2.64 28.25 -4.08
C SER B 248 -1.58 29.09 -3.39
N PRO B 249 -1.98 30.28 -2.94
CA PRO B 249 -1.07 31.19 -2.23
C PRO B 249 -0.43 30.51 -1.02
N LEU B 250 -1.17 29.68 -0.29
CA LEU B 250 -0.66 29.05 0.93
C LEU B 250 0.08 27.71 0.72
N LYS B 251 0.07 27.23 -0.53
CA LYS B 251 0.79 26.00 -0.90
C LYS B 251 0.34 24.77 -0.10
N ARG B 252 -0.96 24.71 0.18
CA ARG B 252 -1.54 23.54 0.83
C ARG B 252 -2.99 23.45 0.42
N THR B 253 -3.58 22.27 0.52
CA THR B 253 -5.01 22.16 0.34
C THR B 253 -5.71 22.42 1.67
N VAL B 254 -6.96 22.86 1.59
CA VAL B 254 -7.78 23.06 2.77
C VAL B 254 -7.98 21.74 3.51
N SER B 255 -7.96 21.79 4.83
CA SER B 255 -8.23 20.58 5.62
C SER B 255 -9.68 20.49 6.04
N LEU B 256 -10.10 19.29 6.43
CA LEU B 256 -11.42 19.10 7.02
C LEU B 256 -11.60 20.01 8.24
N GLU B 257 -10.55 20.16 9.04
CA GLU B 257 -10.62 21.03 10.20
C GLU B 257 -10.80 22.51 9.82
N ASP B 258 -10.12 22.96 8.75
CA ASP B 258 -10.28 24.36 8.29
C ASP B 258 -11.74 24.61 7.91
N ILE B 259 -12.32 23.67 7.16
CA ILE B 259 -13.70 23.84 6.74
C ILE B 259 -14.62 23.84 7.97
N GLY B 260 -14.32 22.97 8.92
CA GLY B 260 -15.12 22.93 10.16
C GLY B 260 -15.06 24.23 10.94
N ASN B 261 -13.88 24.80 11.04
CA ASN B 261 -13.73 26.10 11.71
C ASN B 261 -14.45 27.24 10.98
N SER B 262 -14.39 27.23 9.65
CA SER B 262 -15.16 28.22 8.90
C SER B 262 -16.66 28.03 9.11
N ALA B 263 -17.09 26.76 9.20
CA ALA B 263 -18.49 26.48 9.48
C ALA B 263 -18.88 27.00 10.85
N LEU B 264 -18.01 26.80 11.84
CA LEU B 264 -18.25 27.27 13.21
C LEU B 264 -18.44 28.77 13.19
N TYR B 265 -17.60 29.46 12.42
CA TYR B 265 -17.82 30.90 12.25
C TYR B 265 -19.19 31.22 11.66
N LEU B 266 -19.52 30.60 10.52
CA LEU B 266 -20.78 30.92 9.82
C LEU B 266 -22.06 30.48 10.54
N LEU B 267 -21.93 29.60 11.53
CA LEU B 267 -23.12 29.08 12.21
C LEU B 267 -23.28 29.63 13.62
N SER B 268 -22.35 30.49 14.02
CA SER B 268 -22.33 31.07 15.38
C SER B 268 -22.57 32.57 15.34
N TYR B 269 -22.63 33.21 16.50
CA TYR B 269 -22.89 34.65 16.56
C TYR B 269 -21.74 35.47 15.95
N LEU B 270 -20.59 34.85 15.76
CA LEU B 270 -19.42 35.58 15.23
C LEU B 270 -19.74 36.15 13.86
N SER B 271 -20.62 35.47 13.12
CA SER B 271 -20.97 35.90 11.77
C SER B 271 -22.34 36.58 11.68
N ASN B 272 -22.77 37.21 12.79
CA ASN B 272 -24.04 37.90 12.86
C ASN B 272 -24.25 38.94 11.75
N GLY B 273 -23.15 39.44 11.19
CA GLY B 273 -23.25 40.42 10.10
C GLY B 273 -23.20 39.83 8.70
N VAL B 274 -23.29 38.51 8.58
CA VAL B 274 -23.01 37.83 7.30
C VAL B 274 -24.16 36.93 6.85
N THR B 275 -24.73 37.22 5.68
CA THR B 275 -25.74 36.32 5.11
C THR B 275 -25.70 36.37 3.59
N GLY B 276 -26.08 35.27 2.95
CA GLY B 276 -26.04 35.17 1.50
C GLY B 276 -24.63 35.14 0.93
N GLU B 277 -23.65 34.83 1.77
CA GLU B 277 -22.25 34.92 1.36
C GLU B 277 -21.76 33.61 0.76
N ILE B 278 -21.07 33.70 -0.38
CA ILE B 278 -20.34 32.54 -0.91
C ILE B 278 -18.90 32.72 -0.46
N HIS B 279 -18.53 32.01 0.60
CA HIS B 279 -17.29 32.31 1.31
C HIS B 279 -16.21 31.30 0.90
N TYR B 280 -15.11 31.77 0.31
CA TYR B 280 -14.06 30.86 -0.15
C TYR B 280 -13.13 30.38 0.95
N VAL B 281 -13.11 29.07 1.15
CA VAL B 281 -12.20 28.44 2.11
C VAL B 281 -11.40 27.45 1.28
N ASP B 282 -10.50 28.02 0.49
CA ASP B 282 -9.81 27.25 -0.53
C ASP B 282 -8.32 27.59 -0.51
N CYS B 283 -7.85 28.10 0.63
CA CYS B 283 -6.44 28.50 0.77
C CYS B 283 -6.02 29.54 -0.24
N GLY B 284 -7.00 30.29 -0.72
CA GLY B 284 -6.76 31.39 -1.65
C GLY B 284 -6.64 31.00 -3.12
N TYR B 285 -6.83 29.73 -3.44
CA TYR B 285 -6.68 29.27 -4.83
C TYR B 285 -7.39 30.16 -5.85
N ASN B 286 -8.61 30.56 -5.54
CA ASN B 286 -9.45 31.28 -6.48
C ASN B 286 -8.86 32.62 -6.94
N ILE B 287 -7.95 33.20 -6.17
CA ILE B 287 -7.45 34.53 -6.49
C ILE B 287 -6.30 34.50 -7.49
N VAL B 288 -5.79 33.30 -7.81
CA VAL B 288 -4.58 33.17 -8.63
C VAL B 288 -4.96 33.12 -10.11
N ALA B 289 -4.36 33.99 -10.93
CA ALA B 289 -4.73 34.07 -12.36
C ALA B 289 -4.01 33.03 -13.22
N MET B 290 -2.79 32.67 -12.81
CA MET B 290 -1.98 31.72 -13.56
C MET B 290 -0.80 31.34 -12.66
N PRO B 291 -0.11 30.24 -12.97
CA PRO B 291 1.01 29.82 -12.11
C PRO B 291 2.13 30.86 -12.06
N SER B 292 2.88 30.90 -10.96
CA SER B 292 3.90 31.93 -10.79
C SER B 292 5.03 31.73 -11.79
N MET C 35 3.54 -25.04 -28.98
CA MET C 35 3.34 -25.12 -27.54
C MET C 35 4.48 -24.42 -26.79
N ILE C 36 5.47 -25.21 -26.39
CA ILE C 36 6.73 -24.70 -25.85
C ILE C 36 7.91 -25.39 -26.52
N ASN C 37 8.80 -24.61 -27.14
CA ASN C 37 10.02 -25.16 -27.70
C ASN C 37 11.22 -24.27 -27.37
N ILE C 38 11.15 -23.64 -26.19
CA ILE C 38 12.12 -22.63 -25.82
C ILE C 38 13.50 -23.18 -25.47
N LEU C 39 13.64 -24.51 -25.40
CA LEU C 39 14.96 -25.11 -25.18
C LEU C 39 15.45 -25.85 -26.42
N LYS C 40 14.86 -25.53 -27.57
CA LYS C 40 15.31 -26.15 -28.81
C LYS C 40 16.76 -25.75 -29.08
N GLY C 41 17.59 -26.72 -29.45
CA GLY C 41 18.99 -26.46 -29.69
C GLY C 41 19.87 -26.39 -28.45
N LYS C 42 19.25 -26.50 -27.27
CA LYS C 42 20.01 -26.45 -26.02
C LYS C 42 20.29 -27.87 -25.51
N ARG C 43 21.36 -28.02 -24.75
CA ARG C 43 21.66 -29.32 -24.16
C ARG C 43 22.15 -29.15 -22.72
N GLY C 44 21.86 -30.13 -21.89
CA GLY C 44 22.25 -29.97 -20.50
C GLY C 44 22.38 -31.28 -19.76
N LEU C 45 22.92 -31.17 -18.55
CA LEU C 45 23.19 -32.30 -17.68
C LEU C 45 22.15 -32.40 -16.59
N ILE C 46 21.60 -33.60 -16.41
CA ILE C 46 20.66 -33.90 -15.33
C ILE C 46 21.35 -34.83 -14.32
N MET C 47 21.42 -34.37 -13.07
CA MET C 47 21.97 -35.19 -11.99
C MET C 47 20.90 -35.48 -10.94
N GLY C 48 20.85 -36.73 -10.48
CA GLY C 48 19.95 -37.12 -9.41
C GLY C 48 18.78 -38.02 -9.76
N VAL C 49 18.75 -38.52 -10.99
CA VAL C 49 17.71 -39.49 -11.34
C VAL C 49 18.02 -40.82 -10.66
N ALA C 50 17.10 -41.30 -9.81
CA ALA C 50 17.27 -42.62 -9.20
C ALA C 50 16.26 -43.60 -9.79
N ASN C 51 15.08 -43.09 -10.11
CA ASN C 51 14.02 -43.89 -10.71
C ASN C 51 12.98 -42.96 -11.32
N ASP C 52 11.88 -43.51 -11.83
CA ASP C 52 10.89 -42.70 -12.52
C ASP C 52 10.07 -41.80 -11.60
N HIS C 53 10.35 -41.84 -10.31
CA HIS C 53 9.70 -40.94 -9.34
C HIS C 53 10.60 -39.81 -8.86
N SER C 54 11.84 -39.77 -9.35
CA SER C 54 12.81 -38.76 -8.91
C SER C 54 12.43 -37.35 -9.38
N ILE C 55 12.68 -36.35 -8.53
CA ILE C 55 12.51 -34.96 -8.95
C ILE C 55 13.28 -34.69 -10.24
N ALA C 56 14.51 -35.20 -10.31
CA ALA C 56 15.36 -34.99 -11.47
C ALA C 56 14.71 -35.54 -12.74
N TRP C 57 13.96 -36.63 -12.59
CA TRP C 57 13.34 -37.23 -13.76
C TRP C 57 12.13 -36.40 -14.22
N GLY C 58 11.31 -35.94 -13.28
CA GLY C 58 10.22 -35.03 -13.64
C GLY C 58 10.73 -33.80 -14.39
N ILE C 59 11.87 -33.30 -13.91
CA ILE C 59 12.50 -32.14 -14.53
C ILE C 59 12.95 -32.51 -15.94
N ALA C 60 13.65 -33.65 -16.07
CA ALA C 60 14.14 -34.09 -17.37
C ALA C 60 13.02 -34.15 -18.40
N LYS C 61 11.90 -34.74 -18.04
CA LYS C 61 10.80 -34.88 -19.00
C LYS C 61 10.31 -33.52 -19.46
N VAL C 62 10.17 -32.59 -18.50
CA VAL C 62 9.71 -31.26 -18.95
C VAL C 62 10.72 -30.56 -19.87
N LEU C 63 12.00 -30.62 -19.52
CA LEU C 63 13.03 -29.94 -20.31
C LEU C 63 13.15 -30.54 -21.70
N HIS C 64 13.06 -31.86 -21.80
CA HIS C 64 13.11 -32.50 -23.11
C HIS C 64 11.90 -32.10 -23.94
N SER C 65 10.72 -32.05 -23.31
CA SER C 65 9.52 -31.68 -24.05
C SER C 65 9.61 -30.27 -24.63
N ALA C 66 10.46 -29.45 -24.02
CA ALA C 66 10.68 -28.08 -24.48
C ALA C 66 11.83 -28.00 -25.47
N GLY C 67 12.41 -29.15 -25.82
CA GLY C 67 13.39 -29.19 -26.89
C GLY C 67 14.82 -29.55 -26.52
N ALA C 68 15.11 -29.70 -25.23
CA ALA C 68 16.47 -29.94 -24.79
C ALA C 68 16.97 -31.35 -25.06
N GLN C 69 18.26 -31.44 -25.38
CA GLN C 69 18.98 -32.71 -25.38
C GLN C 69 19.58 -32.91 -23.99
N LEU C 70 19.53 -34.13 -23.48
CA LEU C 70 19.90 -34.42 -22.10
C LEU C 70 21.02 -35.43 -21.97
N ALA C 71 21.91 -35.18 -21.01
CA ALA C 71 22.90 -36.17 -20.56
C ALA C 71 22.57 -36.44 -19.11
N PHE C 72 22.81 -37.66 -18.64
CA PHE C 72 22.47 -38.00 -17.27
C PHE C 72 23.65 -38.57 -16.53
N SER C 73 23.82 -38.18 -15.28
CA SER C 73 24.77 -38.91 -14.42
C SER C 73 24.01 -40.07 -13.77
N TYR C 74 24.72 -41.10 -13.31
CA TYR C 74 24.06 -42.10 -12.46
C TYR C 74 25.00 -42.57 -11.36
N GLN C 75 24.45 -42.77 -10.18
CA GLN C 75 25.26 -42.99 -8.97
C GLN C 75 25.66 -44.46 -8.73
N GLY C 76 25.06 -45.38 -9.46
CA GLY C 76 25.45 -46.79 -9.38
C GLY C 76 24.74 -47.63 -10.42
N GLU C 77 25.15 -48.88 -10.60
CA GLU C 77 24.52 -49.73 -11.64
C GLU C 77 23.03 -50.01 -11.43
N SER C 78 22.59 -50.18 -10.20
CA SER C 78 21.18 -50.47 -9.97
C SER C 78 20.33 -49.31 -10.47
N ILE C 79 20.80 -48.10 -10.21
CA ILE C 79 20.15 -46.91 -10.75
C ILE C 79 20.31 -46.85 -12.26
N GLY C 80 21.51 -47.14 -12.77
CA GLY C 80 21.79 -47.06 -14.20
C GLY C 80 20.83 -47.90 -15.00
N LYS C 81 20.52 -49.09 -14.49
CA LYS C 81 19.59 -49.98 -15.18
C LYS C 81 18.18 -49.40 -15.27
N ARG C 82 17.75 -48.72 -14.21
CA ARG C 82 16.44 -48.07 -14.24
C ARG C 82 16.45 -46.83 -15.14
N LEU C 83 17.59 -46.15 -15.18
CA LEU C 83 17.72 -44.89 -15.93
C LEU C 83 17.72 -45.15 -17.43
N LYS C 84 18.33 -46.26 -17.84
CA LYS C 84 18.50 -46.52 -19.26
C LYS C 84 17.21 -46.41 -20.09
N PRO C 85 16.14 -47.13 -19.70
CA PRO C 85 14.94 -47.01 -20.54
C PRO C 85 14.29 -45.64 -20.39
N LEU C 86 14.42 -45.02 -19.22
CA LEU C 86 13.88 -43.67 -19.04
C LEU C 86 14.57 -42.71 -20.00
N ALA C 87 15.91 -42.74 -19.99
CA ALA C 87 16.67 -41.85 -20.87
C ALA C 87 16.26 -42.03 -22.34
N LEU C 88 16.00 -43.28 -22.73
CA LEU C 88 15.61 -43.55 -24.12
C LEU C 88 14.32 -42.83 -24.50
N THR C 89 13.40 -42.71 -23.55
CA THR C 89 12.10 -42.08 -23.83
C THR C 89 12.24 -40.58 -24.00
N VAL C 90 13.38 -40.04 -23.58
CA VAL C 90 13.69 -38.64 -23.86
C VAL C 90 14.84 -38.52 -24.85
N ASP C 91 14.96 -39.52 -25.73
CA ASP C 91 15.89 -39.48 -26.85
C ASP C 91 17.34 -39.36 -26.41
N SER C 92 17.68 -40.00 -25.30
CA SER C 92 19.04 -39.95 -24.80
C SER C 92 19.61 -41.35 -24.55
N ASP C 93 20.84 -41.55 -25.00
CA ASP C 93 21.61 -42.71 -24.58
C ASP C 93 22.91 -42.24 -23.93
N PHE C 94 22.89 -41.02 -23.38
CA PHE C 94 24.09 -40.38 -22.87
C PHE C 94 24.04 -40.48 -21.35
N MET C 95 24.61 -41.55 -20.81
CA MET C 95 24.57 -41.85 -19.37
C MET C 95 25.98 -42.09 -18.88
N ILE C 96 26.33 -41.48 -17.76
CA ILE C 96 27.73 -41.47 -17.31
C ILE C 96 27.78 -41.77 -15.82
N PRO C 97 28.57 -42.77 -15.42
CA PRO C 97 28.64 -43.05 -13.97
C PRO C 97 29.34 -41.93 -13.21
N CYS C 98 28.84 -41.58 -12.03
CA CYS C 98 29.51 -40.55 -11.25
C CYS C 98 29.25 -40.76 -9.78
N ASN C 99 30.31 -40.65 -9.00
CA ASN C 99 30.20 -40.63 -7.54
C ASN C 99 30.45 -39.20 -7.09
N VAL C 100 29.40 -38.47 -6.69
CA VAL C 100 29.57 -37.05 -6.40
C VAL C 100 30.32 -36.78 -5.10
N GLU C 101 30.68 -37.83 -4.38
CA GLU C 101 31.55 -37.68 -3.22
C GLU C 101 33.03 -37.68 -3.62
N ASP C 102 33.31 -38.02 -4.87
CA ASP C 102 34.69 -38.20 -5.33
C ASP C 102 35.05 -37.19 -6.42
N PRO C 103 35.94 -36.24 -6.11
CA PRO C 103 36.30 -35.21 -7.09
C PRO C 103 36.84 -35.77 -8.41
N SER C 104 37.62 -36.84 -8.35
CA SER C 104 38.13 -37.42 -9.59
C SER C 104 37.02 -38.01 -10.43
N SER C 105 36.02 -38.60 -9.77
CA SER C 105 34.86 -39.11 -10.48
C SER C 105 34.12 -37.99 -11.21
N MET C 106 34.03 -36.83 -10.58
CA MET C 106 33.36 -35.69 -11.22
C MET C 106 34.19 -35.10 -12.38
N ASP C 107 35.53 -35.12 -12.21
CA ASP C 107 36.42 -34.74 -13.31
C ASP C 107 36.15 -35.64 -14.53
N LEU C 108 36.08 -36.94 -14.27
CA LEU C 108 35.81 -37.90 -15.34
C LEU C 108 34.42 -37.76 -15.97
N LEU C 109 33.43 -37.39 -15.14
CA LEU C 109 32.10 -37.09 -15.63
C LEU C 109 32.19 -36.02 -16.71
N PHE C 110 32.91 -34.94 -16.43
CA PHE C 110 33.00 -33.89 -17.44
C PHE C 110 33.90 -34.23 -18.66
N GLU C 111 34.91 -35.07 -18.46
CA GLU C 111 35.63 -35.60 -19.63
C GLU C 111 34.70 -36.33 -20.59
N ARG C 112 33.88 -37.17 -19.99
CA ARG C 112 32.96 -38.00 -20.76
C ARG C 112 31.94 -37.12 -21.47
N ILE C 113 31.45 -36.10 -20.79
CA ILE C 113 30.53 -35.16 -21.45
C ILE C 113 31.21 -34.51 -22.66
N LYS C 114 32.46 -34.10 -22.47
CA LYS C 114 33.22 -33.41 -23.52
C LYS C 114 33.56 -34.30 -24.71
N GLU C 115 33.45 -35.62 -24.55
CA GLU C 115 33.57 -36.51 -25.71
C GLU C 115 32.50 -36.24 -26.78
N ARG C 116 31.35 -35.73 -26.37
CA ARG C 116 30.25 -35.50 -27.31
C ARG C 116 29.93 -34.02 -27.46
N TRP C 117 30.03 -33.29 -26.37
CA TRP C 117 29.57 -31.89 -26.30
C TRP C 117 30.70 -30.94 -25.94
N GLU C 118 30.93 -29.94 -26.78
CA GLU C 118 31.92 -28.91 -26.47
C GLU C 118 31.40 -27.95 -25.41
N THR C 119 30.08 -27.77 -25.37
CA THR C 119 29.44 -26.82 -24.46
C THR C 119 28.18 -27.38 -23.83
N LEU C 120 27.76 -26.75 -22.73
CA LEU C 120 26.57 -27.11 -21.96
C LEU C 120 25.71 -25.84 -21.88
N ASP C 121 24.40 -25.97 -21.86
CA ASP C 121 23.56 -24.78 -21.65
C ASP C 121 22.96 -24.72 -20.26
N PHE C 122 22.77 -25.87 -19.64
CA PHE C 122 22.23 -25.89 -18.28
C PHE C 122 22.65 -27.13 -17.50
N VAL C 123 22.49 -27.06 -16.18
CA VAL C 123 22.74 -28.19 -15.30
C VAL C 123 21.59 -28.25 -14.29
N VAL C 124 21.06 -29.45 -14.05
CA VAL C 124 20.10 -29.68 -12.97
C VAL C 124 20.79 -30.55 -11.92
N HIS C 125 20.91 -30.02 -10.69
CA HIS C 125 21.50 -30.75 -9.56
C HIS C 125 20.39 -31.06 -8.57
N SER C 126 19.99 -32.32 -8.49
CA SER C 126 18.93 -32.76 -7.60
C SER C 126 19.45 -33.99 -6.87
N ILE C 127 20.41 -33.73 -5.98
CA ILE C 127 21.12 -34.77 -5.25
C ILE C 127 21.02 -34.52 -3.75
N ALA C 128 20.33 -35.43 -3.07
CA ALA C 128 20.14 -35.30 -1.63
C ALA C 128 20.45 -36.65 -1.01
N PHE C 129 21.34 -36.67 -0.02
CA PHE C 129 21.60 -37.91 0.72
C PHE C 129 21.98 -37.63 2.15
N SER C 130 21.44 -38.47 3.03
CA SER C 130 21.91 -38.55 4.41
C SER C 130 21.57 -39.96 4.90
N ASP C 131 22.22 -40.41 5.96
CA ASP C 131 21.88 -41.73 6.50
C ASP C 131 20.48 -41.67 7.09
N LYS C 132 19.56 -42.43 6.51
CA LYS C 132 18.17 -42.35 6.92
C LYS C 132 17.97 -42.72 8.38
N ASN C 133 18.87 -43.51 8.95
CA ASN C 133 18.72 -43.90 10.33
C ASN C 133 18.92 -42.72 11.27
N GLU C 134 19.54 -41.66 10.76
CA GLU C 134 19.75 -40.45 11.54
C GLU C 134 18.70 -39.39 11.22
N LEU C 135 17.78 -39.72 10.32
CA LEU C 135 16.67 -38.83 9.99
C LEU C 135 15.43 -39.24 10.78
N ARG C 136 15.62 -39.39 12.09
CA ARG C 136 14.54 -39.61 13.03
C ARG C 136 15.11 -39.27 14.41
N GLY C 137 14.23 -39.00 15.36
CA GLY C 137 14.69 -38.56 16.66
C GLY C 137 15.33 -37.19 16.57
N PRO C 138 15.98 -36.77 17.66
CA PRO C 138 16.54 -35.41 17.80
C PRO C 138 17.68 -35.12 16.85
N TYR C 139 17.79 -33.86 16.41
CA TYR C 139 18.91 -33.44 15.59
C TYR C 139 20.25 -33.70 16.28
N TYR C 140 20.29 -33.53 17.60
CA TYR C 140 21.56 -33.59 18.32
C TYR C 140 22.27 -34.94 18.25
N ASN C 141 21.53 -35.97 17.87
CA ASN C 141 22.13 -37.31 17.72
C ASN C 141 22.84 -37.50 16.38
N THR C 142 22.80 -36.47 15.54
CA THR C 142 23.50 -36.51 14.24
C THR C 142 24.99 -36.78 14.44
N SER C 143 25.53 -37.76 13.73
CA SER C 143 26.94 -38.10 13.91
C SER C 143 27.85 -37.19 13.10
N ARG C 144 29.07 -37.02 13.58
CA ARG C 144 30.10 -36.25 12.87
C ARG C 144 30.29 -36.80 11.45
N ASP C 145 30.35 -38.12 11.34
CA ASP C 145 30.57 -38.75 10.05
C ASP C 145 29.40 -38.57 9.07
N ASN C 146 28.18 -38.75 9.56
CA ASN C 146 27.02 -38.50 8.71
C ASN C 146 26.91 -37.02 8.36
N PHE C 147 27.25 -36.13 9.30
CA PHE C 147 27.24 -34.71 9.01
C PHE C 147 28.19 -34.38 7.86
N ILE C 148 29.39 -34.95 7.92
CA ILE C 148 30.38 -34.71 6.88
C ILE C 148 29.92 -35.24 5.54
N GLN C 149 29.43 -36.48 5.52
CA GLN C 149 29.05 -37.09 4.25
C GLN C 149 27.84 -36.37 3.65
N THR C 150 26.90 -36.02 4.50
CA THR C 150 25.70 -35.31 4.08
C THR C 150 26.08 -33.95 3.52
N MET C 151 27.02 -33.26 4.16
CA MET C 151 27.49 -31.98 3.65
C MET C 151 28.16 -32.13 2.31
N LEU C 152 28.98 -33.16 2.14
CA LEU C 152 29.72 -33.33 0.89
C LEU C 152 28.79 -33.69 -0.27
N VAL C 153 27.82 -34.56 -0.02
CA VAL C 153 26.92 -35.03 -1.08
C VAL C 153 25.78 -34.05 -1.35
N SER C 154 25.15 -33.53 -0.29
CA SER C 154 23.95 -32.72 -0.45
C SER C 154 24.24 -31.24 -0.63
N CYS C 155 25.44 -30.80 -0.22
CA CYS C 155 25.81 -29.40 -0.40
C CYS C 155 27.00 -29.21 -1.35
N PHE C 156 28.19 -29.67 -0.95
CA PHE C 156 29.38 -29.26 -1.68
C PHE C 156 29.43 -29.80 -3.10
N SER C 157 28.73 -30.90 -3.37
CA SER C 157 28.71 -31.46 -4.72
C SER C 157 28.17 -30.43 -5.71
N PHE C 158 27.30 -29.54 -5.25
CA PHE C 158 26.81 -28.49 -6.15
C PHE C 158 27.94 -27.55 -6.54
N THR C 159 28.76 -27.16 -5.57
CA THR C 159 29.89 -26.28 -5.87
C THR C 159 30.86 -26.99 -6.84
N GLU C 160 31.13 -28.27 -6.57
CA GLU C 160 32.03 -29.05 -7.44
C GLU C 160 31.50 -29.09 -8.88
N ILE C 161 30.21 -29.36 -8.99
CA ILE C 161 29.57 -29.54 -10.29
C ILE C 161 29.48 -28.21 -11.03
N VAL C 162 29.04 -27.17 -10.33
CA VAL C 162 28.93 -25.85 -10.93
C VAL C 162 30.26 -25.37 -11.49
N ARG C 163 31.33 -25.51 -10.73
CA ARG C 163 32.60 -24.97 -11.19
C ARG C 163 33.15 -25.74 -12.37
N ARG C 164 32.84 -27.05 -12.44
CA ARG C 164 33.22 -27.77 -13.67
C ARG C 164 32.35 -27.37 -14.87
N ALA C 165 31.04 -27.29 -14.66
CA ALA C 165 30.11 -27.03 -15.74
C ALA C 165 30.27 -25.62 -16.32
N ALA C 166 30.69 -24.68 -15.49
CA ALA C 166 30.81 -23.30 -15.94
C ALA C 166 31.87 -23.18 -17.03
N GLN C 167 32.86 -24.08 -16.99
CA GLN C 167 33.94 -24.06 -17.98
C GLN C 167 33.42 -24.45 -19.37
N LEU C 168 32.23 -25.03 -19.42
CA LEU C 168 31.60 -25.45 -20.66
C LEU C 168 30.51 -24.45 -21.09
N MET C 169 30.51 -23.27 -20.47
CA MET C 169 29.49 -22.24 -20.76
C MET C 169 30.11 -20.90 -21.19
N PRO C 170 30.80 -20.88 -22.34
CA PRO C 170 31.51 -19.68 -22.77
C PRO C 170 30.59 -18.52 -23.17
N HIS C 171 29.31 -18.79 -23.36
CA HIS C 171 28.37 -17.73 -23.70
C HIS C 171 27.25 -17.68 -22.67
N GLY C 172 27.54 -18.19 -21.48
CA GLY C 172 26.59 -18.17 -20.39
C GLY C 172 25.68 -19.39 -20.36
N GLY C 173 24.80 -19.42 -19.37
CA GLY C 173 23.88 -20.53 -19.21
C GLY C 173 23.18 -20.38 -17.87
N ALA C 174 22.57 -21.47 -17.42
CA ALA C 174 21.81 -21.42 -16.17
C ALA C 174 21.90 -22.76 -15.44
N MET C 175 21.88 -22.73 -14.12
CA MET C 175 21.90 -23.97 -13.37
C MET C 175 20.94 -23.86 -12.19
N ILE C 176 20.38 -25.00 -11.79
CA ILE C 176 19.58 -25.02 -10.57
C ILE C 176 20.00 -26.13 -9.65
N THR C 177 19.71 -25.94 -8.38
CA THR C 177 19.78 -27.03 -7.41
C THR C 177 18.42 -27.11 -6.72
N LEU C 178 18.22 -28.18 -5.95
CA LEU C 178 16.96 -28.41 -5.26
C LEU C 178 17.17 -28.28 -3.76
N THR C 179 16.25 -27.60 -3.10
CA THR C 179 16.30 -27.46 -1.64
C THR C 179 14.90 -27.65 -1.06
N TYR C 180 14.79 -27.43 0.24
CA TYR C 180 13.55 -27.63 0.98
C TYR C 180 13.53 -26.69 2.16
N GLY C 181 12.33 -26.22 2.51
CA GLY C 181 12.19 -25.19 3.53
C GLY C 181 12.60 -25.64 4.92
N GLY C 182 12.82 -26.94 5.08
CA GLY C 182 13.35 -27.44 6.34
C GLY C 182 14.75 -26.91 6.63
N SER C 183 15.34 -26.22 5.67
CA SER C 183 16.67 -25.63 5.86
C SER C 183 16.64 -24.58 6.94
N MET C 184 15.60 -23.74 6.95
CA MET C 184 15.59 -22.65 7.93
C MET C 184 14.37 -22.59 8.82
N ARG C 185 13.47 -23.54 8.67
CA ARG C 185 12.41 -23.72 9.65
C ARG C 185 12.43 -25.18 10.05
N VAL C 186 12.12 -25.47 11.30
CA VAL C 186 12.40 -26.81 11.81
C VAL C 186 11.33 -27.84 11.43
N VAL C 187 11.74 -28.80 10.61
CA VAL C 187 10.90 -29.94 10.25
C VAL C 187 11.41 -31.14 11.06
N PRO C 188 10.55 -31.72 11.90
CA PRO C 188 11.00 -32.86 12.73
C PRO C 188 11.57 -34.00 11.88
N ASN C 189 12.66 -34.58 12.36
CA ASN C 189 13.40 -35.65 11.69
C ASN C 189 14.31 -35.21 10.54
N TYR C 190 14.13 -33.98 10.03
CA TYR C 190 14.91 -33.58 8.86
C TYR C 190 16.40 -33.50 9.21
N ASN C 191 16.69 -33.14 10.45
CA ASN C 191 18.01 -33.29 11.04
C ASN C 191 19.21 -32.88 10.17
N ALA C 192 20.12 -33.81 9.86
CA ALA C 192 21.34 -33.42 9.15
C ALA C 192 21.08 -32.75 7.80
N MET C 193 19.94 -33.06 7.19
CA MET C 193 19.63 -32.46 5.89
C MET C 193 19.41 -30.96 6.03
N ALA C 194 19.01 -30.52 7.20
CA ALA C 194 18.71 -29.09 7.35
C ALA C 194 19.93 -28.17 7.21
N PRO C 195 21.00 -28.38 8.01
CA PRO C 195 22.17 -27.51 7.79
C PRO C 195 22.77 -27.72 6.42
N ALA C 196 22.64 -28.92 5.86
CA ALA C 196 23.18 -29.17 4.54
C ALA C 196 22.43 -28.33 3.50
N LYS C 197 21.10 -28.31 3.60
CA LYS C 197 20.30 -27.54 2.65
C LYS C 197 20.52 -26.05 2.88
N SER C 198 20.72 -25.64 4.14
CA SER C 198 20.98 -24.24 4.42
C SER C 198 22.30 -23.80 3.80
N ALA C 199 23.31 -24.65 3.94
CA ALA C 199 24.61 -24.39 3.35
C ALA C 199 24.51 -24.35 1.84
N LEU C 200 23.69 -25.25 1.27
CA LEU C 200 23.44 -25.29 -0.17
C LEU C 200 22.80 -23.99 -0.67
N GLU C 201 21.82 -23.48 0.06
CA GLU C 201 21.17 -22.21 -0.33
C GLU C 201 22.15 -21.04 -0.26
N SER C 202 23.00 -21.04 0.77
CA SER C 202 24.04 -20.02 0.90
C SER C 202 25.00 -20.10 -0.29
N SER C 203 25.47 -21.30 -0.59
CA SER C 203 26.40 -21.45 -1.69
C SER C 203 25.78 -21.05 -3.03
N THR C 204 24.47 -21.28 -3.19
CA THR C 204 23.74 -20.89 -4.40
C THR C 204 23.89 -19.38 -4.65
N LYS C 205 23.79 -18.59 -3.60
CA LYS C 205 23.93 -17.14 -3.75
C LYS C 205 25.37 -16.72 -4.00
N TYR C 206 26.32 -17.34 -3.31
CA TYR C 206 27.71 -17.00 -3.54
C TYR C 206 28.14 -17.39 -4.95
N LEU C 207 27.69 -18.56 -5.40
CA LEU C 207 27.97 -18.97 -6.78
C LEU C 207 27.33 -18.04 -7.80
N ALA C 208 26.12 -17.59 -7.53
CA ALA C 208 25.45 -16.64 -8.42
C ALA C 208 26.26 -15.36 -8.57
N CYS C 209 26.85 -14.91 -7.46
CA CYS C 209 27.71 -13.74 -7.53
C CYS C 209 29.03 -14.02 -8.25
N ASP C 210 29.59 -15.21 -8.05
CA ASP C 210 30.85 -15.56 -8.72
C ASP C 210 30.68 -15.54 -10.23
N TYR C 211 29.54 -16.04 -10.71
CA TYR C 211 29.38 -16.34 -12.13
C TYR C 211 28.48 -15.38 -12.89
N GLY C 212 27.87 -14.42 -12.19
CA GLY C 212 26.96 -13.50 -12.84
C GLY C 212 27.62 -12.70 -13.96
N GLY C 213 28.90 -12.38 -13.76
CA GLY C 213 29.66 -11.62 -14.74
C GLY C 213 29.88 -12.37 -16.04
N MET C 214 29.68 -13.70 -16.01
CA MET C 214 29.80 -14.51 -17.21
C MET C 214 28.43 -14.89 -17.75
N ASN C 215 27.41 -14.22 -17.23
CA ASN C 215 26.02 -14.47 -17.63
C ASN C 215 25.63 -15.91 -17.40
N ILE C 216 26.09 -16.47 -16.28
CA ILE C 216 25.61 -17.77 -15.82
C ILE C 216 24.74 -17.51 -14.61
N ARG C 217 23.47 -17.89 -14.69
CA ARG C 217 22.56 -17.69 -13.57
C ARG C 217 22.45 -18.96 -12.76
N ILE C 218 22.38 -18.81 -11.43
CA ILE C 218 22.34 -19.94 -10.52
C ILE C 218 21.18 -19.76 -9.56
N ASN C 219 20.22 -20.69 -9.58
CA ASN C 219 19.05 -20.58 -8.69
C ASN C 219 18.74 -21.91 -8.00
N ALA C 220 17.84 -21.86 -7.02
CA ALA C 220 17.40 -23.07 -6.35
C ALA C 220 15.89 -23.16 -6.34
N ILE C 221 15.36 -24.37 -6.50
CA ILE C 221 13.95 -24.57 -6.30
C ILE C 221 13.76 -25.15 -4.92
N SER C 222 13.04 -24.46 -4.06
CA SER C 222 12.66 -25.03 -2.77
C SER C 222 11.35 -25.76 -2.96
N ALA C 223 11.43 -27.07 -3.13
CA ALA C 223 10.23 -27.83 -3.46
C ALA C 223 9.48 -28.19 -2.20
N GLY C 224 8.18 -28.38 -2.33
CA GLY C 224 7.39 -28.94 -1.25
C GLY C 224 7.59 -30.45 -1.28
N PRO C 225 7.05 -31.15 -0.28
CA PRO C 225 7.13 -32.61 -0.37
C PRO C 225 6.29 -33.14 -1.53
N VAL C 226 6.79 -34.17 -2.19
CA VAL C 226 6.08 -34.80 -3.31
C VAL C 226 5.48 -36.09 -2.81
N ARG C 227 4.20 -36.33 -3.13
CA ARG C 227 3.50 -37.53 -2.67
C ARG C 227 4.27 -38.79 -3.07
N THR C 228 4.36 -39.74 -2.13
CA THR C 228 5.09 -41.01 -2.29
C THR C 228 6.60 -40.89 -2.15
N LEU C 229 7.21 -39.97 -2.90
CA LEU C 229 8.67 -39.74 -2.80
C LEU C 229 9.00 -39.34 -1.38
N ALA C 230 8.14 -38.50 -0.79
CA ALA C 230 8.33 -38.04 0.58
C ALA C 230 8.47 -39.20 1.54
N GLY C 231 7.49 -40.11 1.52
CA GLY C 231 7.47 -41.26 2.43
C GLY C 231 8.62 -42.23 2.21
N ALA C 232 9.13 -42.27 1.00
CA ALA C 232 10.28 -43.13 0.69
C ALA C 232 11.58 -42.47 1.13
N SER C 233 11.56 -41.14 1.28
CA SER C 233 12.78 -40.39 1.60
C SER C 233 13.14 -40.31 3.08
N ILE C 234 12.13 -40.21 3.94
CA ILE C 234 12.36 -39.97 5.37
C ILE C 234 11.25 -40.64 6.17
N SER C 235 11.56 -41.08 7.39
CA SER C 235 10.67 -41.96 8.16
C SER C 235 9.24 -41.45 8.31
N ASN C 236 9.09 -40.15 8.53
CA ASN C 236 7.79 -39.54 8.71
C ASN C 236 7.34 -38.77 7.47
N GLY C 237 7.94 -39.10 6.32
CA GLY C 237 7.63 -38.42 5.07
C GLY C 237 6.17 -38.37 4.70
N ARG C 238 5.44 -39.44 4.99
CA ARG C 238 4.02 -39.49 4.70
C ARG C 238 3.28 -38.42 5.51
N ASP C 239 3.65 -38.25 6.77
CA ASP C 239 3.03 -37.25 7.63
C ASP C 239 3.38 -35.84 7.21
N ILE C 240 4.62 -35.65 6.78
CA ILE C 240 5.07 -34.35 6.29
C ILE C 240 4.25 -33.98 5.06
N ALA C 241 4.13 -34.92 4.13
CA ALA C 241 3.37 -34.68 2.91
C ALA C 241 1.89 -34.42 3.21
N ALA C 242 1.33 -35.19 4.14
CA ALA C 242 -0.08 -35.04 4.46
C ALA C 242 -0.36 -33.68 5.09
N TRP C 243 0.53 -33.28 6.01
CA TRP C 243 0.35 -32.04 6.72
C TRP C 243 0.47 -30.88 5.75
N SER C 244 1.45 -31.00 4.86
CA SER C 244 1.72 -29.93 3.91
C SER C 244 0.57 -29.82 2.91
N LYS C 245 -0.02 -30.95 2.55
CA LYS C 245 -1.16 -30.93 1.65
C LYS C 245 -2.39 -30.30 2.31
N GLU C 246 -2.69 -30.75 3.53
CA GLU C 246 -3.85 -30.26 4.27
C GLU C 246 -3.75 -28.76 4.56
N ASN C 247 -2.53 -28.26 4.73
CA ASN C 247 -2.39 -26.88 5.18
C ASN C 247 -1.88 -25.89 4.14
N SER C 248 -1.52 -26.38 2.95
CA SER C 248 -1.10 -25.47 1.89
C SER C 248 -2.32 -24.72 1.38
N PRO C 249 -2.13 -23.46 0.96
CA PRO C 249 -3.20 -22.65 0.37
C PRO C 249 -3.94 -23.37 -0.75
N LEU C 250 -3.22 -24.12 -1.57
CA LEU C 250 -3.84 -24.79 -2.71
C LEU C 250 -4.42 -26.17 -2.38
N LYS C 251 -4.19 -26.63 -1.15
CA LYS C 251 -4.74 -27.90 -0.68
C LYS C 251 -4.29 -29.08 -1.55
N ARG C 252 -3.07 -28.99 -2.04
CA ARG C 252 -2.46 -30.10 -2.77
C ARG C 252 -0.97 -30.06 -2.55
N THR C 253 -0.29 -31.17 -2.82
CA THR C 253 1.17 -31.17 -2.81
C THR C 253 1.66 -30.94 -4.23
N VAL C 254 2.89 -30.43 -4.32
CA VAL C 254 3.50 -30.14 -5.60
C VAL C 254 3.73 -31.43 -6.38
N SER C 255 3.57 -31.38 -7.70
CA SER C 255 3.81 -32.57 -8.54
C SER C 255 5.20 -32.51 -9.16
N LEU C 256 5.68 -33.65 -9.64
CA LEU C 256 6.95 -33.67 -10.37
C LEU C 256 6.88 -32.74 -11.57
N GLU C 257 5.71 -32.69 -12.20
CA GLU C 257 5.54 -31.84 -13.37
C GLU C 257 5.59 -30.35 -13.04
N ASP C 258 5.00 -29.95 -11.91
CA ASP C 258 5.09 -28.57 -11.41
C ASP C 258 6.58 -28.19 -11.26
N ILE C 259 7.33 -29.07 -10.61
CA ILE C 259 8.74 -28.78 -10.37
C ILE C 259 9.51 -28.68 -11.69
N GLY C 260 9.19 -29.56 -12.63
CA GLY C 260 9.81 -29.51 -13.94
C GLY C 260 9.50 -28.22 -14.69
N ASN C 261 8.26 -27.76 -14.62
CA ASN C 261 7.87 -26.49 -15.24
C ASN C 261 8.60 -25.30 -14.60
N SER C 262 8.74 -25.32 -13.28
CA SER C 262 9.51 -24.27 -12.62
C SER C 262 10.99 -24.32 -13.02
N ALA C 263 11.50 -25.53 -13.23
CA ALA C 263 12.86 -25.71 -13.69
C ALA C 263 13.03 -25.15 -15.11
N LEU C 264 12.06 -25.44 -15.97
CA LEU C 264 12.03 -24.89 -17.33
C LEU C 264 12.09 -23.37 -17.29
N TYR C 265 11.30 -22.77 -16.41
CA TYR C 265 11.37 -21.33 -16.21
C TYR C 265 12.78 -20.89 -15.81
N LEU C 266 13.34 -21.51 -14.79
CA LEU C 266 14.62 -21.07 -14.24
C LEU C 266 15.84 -21.35 -15.12
N LEU C 267 15.68 -22.23 -16.11
CA LEU C 267 16.82 -22.63 -16.95
C LEU C 267 16.68 -22.08 -18.37
N SER C 268 15.60 -21.34 -18.62
CA SER C 268 15.37 -20.74 -19.94
C SER C 268 15.49 -19.22 -19.89
N TYR C 269 15.31 -18.57 -21.04
CA TYR C 269 15.40 -17.11 -21.12
C TYR C 269 14.27 -16.43 -20.34
N LEU C 270 13.24 -17.18 -19.99
CA LEU C 270 12.10 -16.61 -19.26
C LEU C 270 12.54 -16.00 -17.94
N SER C 271 13.60 -16.55 -17.35
CA SER C 271 14.06 -16.08 -16.04
C SER C 271 15.34 -15.25 -16.15
N ASN C 272 15.53 -14.59 -17.28
CA ASN C 272 16.72 -13.80 -17.53
C ASN C 272 17.00 -12.72 -16.46
N GLY C 273 15.96 -12.32 -15.72
CA GLY C 273 16.15 -11.34 -14.66
C GLY C 273 16.31 -11.94 -13.27
N VAL C 274 16.60 -13.24 -13.21
CA VAL C 274 16.54 -13.96 -11.94
C VAL C 274 17.82 -14.75 -11.66
N THR C 275 18.50 -14.41 -10.57
CA THR C 275 19.63 -15.22 -10.12
C THR C 275 19.77 -15.16 -8.60
N GLY C 276 20.35 -16.21 -8.02
CA GLY C 276 20.54 -16.28 -6.59
C GLY C 276 19.24 -16.47 -5.82
N GLU C 277 18.20 -16.88 -6.53
CA GLU C 277 16.86 -16.93 -5.95
C GLU C 277 16.56 -18.29 -5.37
N ILE C 278 16.07 -18.31 -4.13
CA ILE C 278 15.53 -19.53 -3.54
C ILE C 278 14.03 -19.46 -3.79
N HIS C 279 13.57 -20.21 -4.79
CA HIS C 279 12.22 -20.03 -5.32
C HIS C 279 11.29 -21.12 -4.79
N TYR C 280 10.26 -20.73 -4.03
CA TYR C 280 9.39 -21.74 -3.41
C TYR C 280 8.36 -22.30 -4.37
N VAL C 281 8.45 -23.61 -4.61
CA VAL C 281 7.48 -24.33 -5.42
C VAL C 281 6.88 -25.39 -4.50
N ASP C 282 6.01 -24.94 -3.61
CA ASP C 282 5.53 -25.78 -2.52
C ASP C 282 4.04 -25.56 -2.32
N CYS C 283 3.38 -25.09 -3.38
CA CYS C 283 1.95 -24.78 -3.36
C CYS C 283 1.59 -23.80 -2.26
N GLY C 284 2.55 -22.94 -1.91
CA GLY C 284 2.33 -21.91 -0.90
C GLY C 284 2.46 -22.33 0.55
N TYR C 285 2.81 -23.58 0.83
CA TYR C 285 2.85 -24.06 2.22
C TYR C 285 3.61 -23.11 3.15
N ASN C 286 4.75 -22.63 2.67
CA ASN C 286 5.63 -21.80 3.50
C ASN C 286 4.97 -20.54 4.04
N ILE C 287 3.92 -20.05 3.40
CA ILE C 287 3.35 -18.77 3.84
C ILE C 287 2.38 -18.90 5.01
N VAL C 288 2.04 -20.15 5.36
CA VAL C 288 1.00 -20.38 6.37
C VAL C 288 1.61 -20.44 7.77
N ALA C 289 1.08 -19.66 8.70
CA ALA C 289 1.66 -19.60 10.05
C ALA C 289 1.08 -20.63 11.00
N MET C 290 -0.15 -21.07 10.73
CA MET C 290 -0.83 -22.07 11.54
C MET C 290 -2.07 -22.53 10.81
N PRO C 291 -2.58 -23.72 11.14
CA PRO C 291 -3.76 -24.24 10.43
C PRO C 291 -5.01 -23.38 10.66
N SER C 292 -5.90 -23.37 9.67
CA SER C 292 -7.19 -22.69 9.80
C SER C 292 -8.23 -23.63 10.39
N MET D 35 25.74 -2.64 39.26
CA MET D 35 24.33 -2.31 39.02
C MET D 35 23.58 -3.47 38.34
N ILE D 36 24.33 -4.42 37.79
CA ILE D 36 23.76 -5.67 37.31
C ILE D 36 24.45 -6.85 37.98
N ASN D 37 23.69 -7.73 38.60
CA ASN D 37 24.27 -8.94 39.19
C ASN D 37 23.42 -10.19 38.92
N ILE D 38 22.76 -10.21 37.76
CA ILE D 38 21.78 -11.25 37.47
C ILE D 38 22.40 -12.62 37.15
N LEU D 39 23.73 -12.67 37.03
CA LEU D 39 24.40 -13.96 36.86
C LEU D 39 25.16 -14.40 38.11
N LYS D 40 24.87 -13.78 39.25
CA LYS D 40 25.46 -14.24 40.50
C LYS D 40 25.00 -15.66 40.79
N GLY D 41 25.95 -16.53 41.13
CA GLY D 41 25.63 -17.91 41.42
C GLY D 41 25.50 -18.76 40.16
N LYS D 42 25.71 -18.15 39.00
CA LYS D 42 25.71 -18.88 37.74
C LYS D 42 27.14 -19.18 37.28
N ARG D 43 27.30 -20.32 36.61
CA ARG D 43 28.61 -20.75 36.13
C ARG D 43 28.50 -21.07 34.65
N GLY D 44 29.52 -20.74 33.87
CA GLY D 44 29.43 -21.01 32.45
C GLY D 44 30.76 -21.18 31.74
N LEU D 45 30.68 -21.80 30.57
CA LEU D 45 31.85 -22.07 29.71
C LEU D 45 31.99 -21.06 28.59
N ILE D 46 33.19 -20.51 28.44
CA ILE D 46 33.50 -19.56 27.37
C ILE D 46 34.48 -20.21 26.41
N MET D 47 34.04 -20.36 25.16
CA MET D 47 34.91 -20.89 24.10
C MET D 47 35.22 -19.82 23.07
N GLY D 48 36.50 -19.75 22.67
CA GLY D 48 36.91 -18.85 21.61
C GLY D 48 37.81 -17.70 22.01
N VAL D 49 38.30 -17.68 23.24
CA VAL D 49 39.26 -16.63 23.59
C VAL D 49 40.62 -16.95 23.01
N ALA D 50 41.11 -16.07 22.13
CA ALA D 50 42.46 -16.19 21.59
C ALA D 50 43.34 -15.08 22.12
N ASN D 51 42.74 -13.90 22.29
CA ASN D 51 43.42 -12.76 22.90
C ASN D 51 42.39 -11.80 23.51
N ASP D 52 42.83 -10.64 23.99
CA ASP D 52 41.92 -9.71 24.63
C ASP D 52 41.09 -8.88 23.65
N HIS D 53 41.14 -9.24 22.37
CA HIS D 53 40.29 -8.62 21.37
C HIS D 53 39.28 -9.61 20.80
N SER D 54 39.31 -10.84 21.30
CA SER D 54 38.34 -11.85 20.88
C SER D 54 36.95 -11.51 21.36
N ILE D 55 35.97 -11.75 20.49
CA ILE D 55 34.56 -11.58 20.83
C ILE D 55 34.22 -12.31 22.13
N ALA D 56 34.72 -13.54 22.27
CA ALA D 56 34.45 -14.34 23.45
C ALA D 56 34.99 -13.68 24.71
N TRP D 57 36.06 -12.90 24.57
CA TRP D 57 36.63 -12.20 25.72
C TRP D 57 35.77 -11.00 26.16
N GLY D 58 35.30 -10.19 25.22
CA GLY D 58 34.38 -9.10 25.53
C GLY D 58 33.14 -9.66 26.22
N ILE D 59 32.65 -10.78 25.69
CA ILE D 59 31.53 -11.45 26.31
C ILE D 59 31.88 -11.87 27.74
N ALA D 60 33.02 -12.53 27.91
CA ALA D 60 33.43 -12.99 29.23
C ALA D 60 33.45 -11.86 30.25
N LYS D 61 34.05 -10.73 29.88
CA LYS D 61 34.11 -9.56 30.78
C LYS D 61 32.72 -9.11 31.19
N VAL D 62 31.83 -8.97 30.22
CA VAL D 62 30.45 -8.57 30.59
C VAL D 62 29.76 -9.57 31.53
N LEU D 63 29.86 -10.87 31.22
CA LEU D 63 29.18 -11.87 32.02
C LEU D 63 29.75 -11.94 33.44
N HIS D 64 31.07 -11.77 33.56
CA HIS D 64 31.69 -11.77 34.87
C HIS D 64 31.24 -10.54 35.67
N SER D 65 31.15 -9.40 35.00
CA SER D 65 30.70 -8.18 35.69
C SER D 65 29.29 -8.34 36.25
N ALA D 66 28.50 -9.23 35.64
CA ALA D 66 27.15 -9.50 36.10
C ALA D 66 27.09 -10.64 37.11
N GLY D 67 28.26 -11.16 37.49
CA GLY D 67 28.32 -12.12 38.59
C GLY D 67 28.73 -13.55 38.27
N ALA D 68 28.86 -13.86 36.99
CA ALA D 68 29.11 -15.23 36.58
C ALA D 68 30.53 -15.71 36.88
N GLN D 69 30.64 -16.99 37.24
CA GLN D 69 31.93 -17.67 37.28
C GLN D 69 32.16 -18.30 35.92
N LEU D 70 33.40 -18.23 35.45
CA LEU D 70 33.72 -18.63 34.09
C LEU D 70 34.74 -19.75 34.07
N ALA D 71 34.58 -20.64 33.09
CA ALA D 71 35.61 -21.60 32.70
C ALA D 71 35.93 -21.26 31.26
N PHE D 72 37.17 -21.47 30.84
CA PHE D 72 37.57 -21.13 29.48
C PHE D 72 38.17 -22.32 28.78
N SER D 73 37.82 -22.52 27.50
CA SER D 73 38.57 -23.50 26.70
C SER D 73 39.69 -22.79 25.95
N TYR D 74 40.75 -23.51 25.60
CA TYR D 74 41.82 -22.92 24.78
C TYR D 74 42.49 -23.98 23.91
N GLN D 75 42.99 -23.56 22.75
CA GLN D 75 43.78 -24.47 21.92
C GLN D 75 45.17 -23.92 21.61
N GLY D 76 46.19 -24.63 22.05
CA GLY D 76 47.57 -24.21 21.82
C GLY D 76 48.13 -23.52 23.04
N GLU D 77 49.37 -23.87 23.38
CA GLU D 77 50.01 -23.33 24.58
C GLU D 77 50.20 -21.82 24.54
N SER D 78 50.38 -21.27 23.35
CA SER D 78 50.51 -19.82 23.19
C SER D 78 49.24 -19.09 23.65
N ILE D 79 48.10 -19.54 23.12
CA ILE D 79 46.81 -19.00 23.54
C ILE D 79 46.59 -19.18 25.03
N GLY D 80 46.89 -20.38 25.54
CA GLY D 80 46.79 -20.64 26.97
C GLY D 80 47.58 -19.64 27.80
N LYS D 81 48.78 -19.32 27.32
CA LYS D 81 49.67 -18.39 28.00
C LYS D 81 49.12 -16.97 27.98
N ARG D 82 48.55 -16.54 26.86
CA ARG D 82 47.88 -15.24 26.83
C ARG D 82 46.64 -15.23 27.73
N LEU D 83 45.98 -16.38 27.82
CA LEU D 83 44.69 -16.51 28.49
C LEU D 83 44.80 -16.52 30.00
N LYS D 84 45.88 -17.08 30.55
CA LYS D 84 46.04 -17.13 32.00
C LYS D 84 45.87 -15.76 32.70
N PRO D 85 46.61 -14.72 32.26
CA PRO D 85 46.46 -13.42 32.93
C PRO D 85 45.05 -12.84 32.75
N LEU D 86 44.47 -13.03 31.58
CA LEU D 86 43.12 -12.53 31.29
C LEU D 86 42.09 -13.15 32.21
N ALA D 87 42.09 -14.48 32.29
CA ALA D 87 41.12 -15.19 33.12
C ALA D 87 41.23 -14.78 34.58
N LEU D 88 42.45 -14.48 35.02
CA LEU D 88 42.68 -14.05 36.38
C LEU D 88 41.92 -12.75 36.68
N THR D 89 41.84 -11.87 35.69
CA THR D 89 41.15 -10.59 35.88
C THR D 89 39.65 -10.76 36.05
N VAL D 90 39.12 -11.90 35.63
CA VAL D 90 37.72 -12.22 35.86
C VAL D 90 37.57 -13.35 36.90
N ASP D 91 38.55 -13.41 37.79
CA ASP D 91 38.51 -14.32 38.95
C ASP D 91 38.48 -15.80 38.56
N SER D 92 39.21 -16.16 37.52
CA SER D 92 39.23 -17.56 37.07
C SER D 92 40.63 -18.10 36.81
N ASP D 93 40.86 -19.33 37.24
CA ASP D 93 42.03 -20.09 36.82
C ASP D 93 41.56 -21.38 36.13
N PHE D 94 40.27 -21.41 35.80
CA PHE D 94 39.63 -22.61 35.27
C PHE D 94 39.79 -22.62 33.76
N MET D 95 40.97 -23.02 33.30
CA MET D 95 41.31 -23.06 31.87
C MET D 95 41.58 -24.50 31.44
N ILE D 96 40.90 -24.93 30.38
CA ILE D 96 40.96 -26.33 29.96
C ILE D 96 41.30 -26.45 28.47
N PRO D 97 42.29 -27.29 28.13
CA PRO D 97 42.62 -27.44 26.70
C PRO D 97 41.49 -28.12 25.95
N CYS D 98 41.27 -27.71 24.70
CA CYS D 98 40.28 -28.34 23.84
C CYS D 98 40.53 -28.07 22.37
N ASN D 99 40.47 -29.13 21.57
CA ASN D 99 40.52 -29.02 20.12
C ASN D 99 39.15 -29.41 19.62
N VAL D 100 38.40 -28.46 19.10
CA VAL D 100 37.01 -28.71 18.75
C VAL D 100 36.80 -29.55 17.49
N GLU D 101 37.89 -29.95 16.83
CA GLU D 101 37.73 -30.97 15.77
C GLU D 101 38.05 -32.38 16.25
N ASP D 102 38.30 -32.52 17.55
CA ASP D 102 38.62 -33.81 18.15
C ASP D 102 37.58 -34.17 19.21
N PRO D 103 36.64 -35.05 18.85
CA PRO D 103 35.59 -35.46 19.81
C PRO D 103 36.13 -35.95 21.15
N SER D 104 37.24 -36.70 21.15
CA SER D 104 37.85 -37.13 22.42
C SER D 104 38.24 -35.94 23.29
N SER D 105 38.75 -34.89 22.64
CA SER D 105 39.17 -33.68 23.34
C SER D 105 37.97 -32.98 23.97
N MET D 106 36.87 -32.93 23.25
CA MET D 106 35.66 -32.31 23.78
C MET D 106 35.06 -33.11 24.95
N ASP D 107 35.15 -34.45 24.84
CA ASP D 107 34.77 -35.31 25.97
C ASP D 107 35.62 -34.97 27.21
N LEU D 108 36.93 -34.84 26.98
CA LEU D 108 37.85 -34.53 28.07
C LEU D 108 37.53 -33.15 28.68
N LEU D 109 37.20 -32.20 27.81
CA LEU D 109 36.85 -30.85 28.25
C LEU D 109 35.72 -30.94 29.26
N PHE D 110 34.70 -31.71 28.92
CA PHE D 110 33.59 -31.81 29.87
C PHE D 110 33.87 -32.64 31.13
N GLU D 111 34.76 -33.63 31.05
CA GLU D 111 35.18 -34.31 32.28
C GLU D 111 35.89 -33.32 33.22
N ARG D 112 36.78 -32.52 32.65
CA ARG D 112 37.50 -31.49 33.40
C ARG D 112 36.53 -30.48 34.05
N ILE D 113 35.56 -30.00 33.29
CA ILE D 113 34.53 -29.13 33.86
C ILE D 113 33.84 -29.84 35.02
N LYS D 114 33.50 -31.10 34.81
CA LYS D 114 32.75 -31.89 35.79
C LYS D 114 33.50 -32.15 37.10
N GLU D 115 34.82 -32.04 37.09
CA GLU D 115 35.53 -32.23 38.37
C GLU D 115 35.51 -31.02 39.31
N ARG D 116 35.06 -29.87 38.82
CA ARG D 116 34.83 -28.71 39.69
C ARG D 116 33.34 -28.39 39.80
N TRP D 117 32.61 -28.47 38.68
CA TRP D 117 31.20 -28.12 38.66
C TRP D 117 30.31 -29.30 38.31
N GLU D 118 29.29 -29.53 39.11
CA GLU D 118 28.33 -30.60 38.84
C GLU D 118 27.42 -30.18 37.70
N THR D 119 27.35 -28.89 37.49
CA THR D 119 26.24 -28.32 36.74
C THR D 119 26.73 -27.08 35.98
N LEU D 120 26.08 -26.80 34.85
CA LEU D 120 26.40 -25.63 34.03
C LEU D 120 25.14 -24.80 33.84
N ASP D 121 25.29 -23.48 33.75
CA ASP D 121 24.14 -22.62 33.50
C ASP D 121 24.15 -22.08 32.08
N PHE D 122 25.34 -21.88 31.51
CA PHE D 122 25.43 -21.31 30.16
C PHE D 122 26.70 -21.69 29.41
N VAL D 123 26.64 -21.58 28.07
CA VAL D 123 27.80 -21.81 27.22
C VAL D 123 27.87 -20.70 26.18
N VAL D 124 29.07 -20.16 25.98
CA VAL D 124 29.32 -19.23 24.88
C VAL D 124 30.20 -19.94 23.87
N HIS D 125 29.68 -20.12 22.65
CA HIS D 125 30.42 -20.72 21.56
C HIS D 125 30.80 -19.63 20.57
N SER D 126 32.07 -19.21 20.60
CA SER D 126 32.54 -18.18 19.70
C SER D 126 33.81 -18.69 19.02
N ILE D 127 33.61 -19.65 18.13
CA ILE D 127 34.67 -20.38 17.49
C ILE D 127 34.45 -20.32 16.00
N ALA D 128 35.37 -19.70 15.28
CA ALA D 128 35.29 -19.64 13.83
C ALA D 128 36.69 -19.86 13.25
N PHE D 129 36.76 -20.66 12.19
CA PHE D 129 38.01 -20.85 11.48
C PHE D 129 37.78 -21.21 10.04
N SER D 130 38.62 -20.66 9.17
CA SER D 130 38.73 -21.10 7.79
C SER D 130 40.13 -20.74 7.29
N ASP D 131 40.61 -21.46 6.28
CA ASP D 131 41.91 -21.16 5.68
C ASP D 131 41.90 -19.74 5.09
N LYS D 132 42.71 -18.86 5.67
CA LYS D 132 42.72 -17.45 5.24
C LYS D 132 43.10 -17.26 3.77
N ASN D 133 43.91 -18.19 3.24
CA ASN D 133 44.30 -18.14 1.83
C ASN D 133 43.11 -18.36 0.89
N GLU D 134 42.01 -18.90 1.43
CA GLU D 134 40.81 -19.12 0.62
C GLU D 134 39.71 -18.11 0.91
N LEU D 135 39.97 -17.21 1.85
CA LEU D 135 39.04 -16.11 2.12
C LEU D 135 39.42 -14.90 1.27
N ARG D 136 39.58 -15.16 -0.02
CA ARG D 136 39.86 -14.14 -1.02
C ARG D 136 39.61 -14.79 -2.37
N GLY D 137 39.31 -14.00 -3.38
CA GLY D 137 38.96 -14.55 -4.68
C GLY D 137 37.58 -15.18 -4.65
N PRO D 138 37.18 -15.83 -5.74
CA PRO D 138 35.82 -16.36 -5.87
C PRO D 138 35.49 -17.50 -4.89
N TYR D 139 34.22 -17.60 -4.51
CA TYR D 139 33.80 -18.69 -3.64
C TYR D 139 34.06 -20.04 -4.30
N TYR D 140 33.90 -20.10 -5.63
CA TYR D 140 34.02 -21.39 -6.32
C TYR D 140 35.39 -22.03 -6.22
N ASN D 141 36.41 -21.28 -5.82
CA ASN D 141 37.74 -21.86 -5.65
C ASN D 141 37.99 -22.47 -4.27
N THR D 142 36.94 -22.49 -3.44
CA THR D 142 37.03 -23.12 -2.13
C THR D 142 37.40 -24.58 -2.26
N SER D 143 38.40 -25.02 -1.50
CA SER D 143 38.82 -26.42 -1.59
C SER D 143 37.92 -27.30 -0.75
N ARG D 144 37.77 -28.55 -1.17
CA ARG D 144 37.01 -29.53 -0.43
C ARG D 144 37.50 -29.65 1.02
N ASP D 145 38.81 -29.73 1.21
CA ASP D 145 39.36 -29.89 2.54
C ASP D 145 39.05 -28.65 3.40
N ASN D 146 39.14 -27.46 2.80
CA ASN D 146 38.82 -26.26 3.56
C ASN D 146 37.33 -26.17 3.87
N PHE D 147 36.49 -26.55 2.91
CA PHE D 147 35.05 -26.62 3.18
C PHE D 147 34.76 -27.54 4.37
N ILE D 148 35.38 -28.71 4.38
CA ILE D 148 35.13 -29.67 5.46
C ILE D 148 35.63 -29.19 6.82
N GLN D 149 36.87 -28.71 6.87
CA GLN D 149 37.43 -28.21 8.12
C GLN D 149 36.63 -27.01 8.65
N THR D 150 36.27 -26.10 7.75
CA THR D 150 35.48 -24.93 8.12
C THR D 150 34.12 -25.35 8.67
N MET D 151 33.49 -26.32 8.02
CA MET D 151 32.23 -26.86 8.51
C MET D 151 32.36 -27.47 9.89
N LEU D 152 33.36 -28.32 10.08
CA LEU D 152 33.55 -28.98 11.37
C LEU D 152 33.86 -28.02 12.52
N VAL D 153 34.72 -27.03 12.27
CA VAL D 153 35.12 -26.10 13.33
C VAL D 153 34.06 -25.02 13.57
N SER D 154 33.54 -24.46 12.49
CA SER D 154 32.68 -23.26 12.59
C SER D 154 31.21 -23.59 12.74
N CYS D 155 30.80 -24.79 12.34
CA CYS D 155 29.40 -25.20 12.49
C CYS D 155 29.26 -26.38 13.44
N PHE D 156 29.80 -27.54 13.06
CA PHE D 156 29.47 -28.74 13.81
C PHE D 156 29.99 -28.75 15.25
N SER D 157 31.07 -28.03 15.52
CA SER D 157 31.56 -27.92 16.89
C SER D 157 30.47 -27.41 17.84
N PHE D 158 29.53 -26.61 17.33
CA PHE D 158 28.45 -26.11 18.20
C PHE D 158 27.52 -27.23 18.61
N THR D 159 27.18 -28.11 17.67
CA THR D 159 26.35 -29.26 18.00
C THR D 159 27.07 -30.14 19.00
N GLU D 160 28.36 -30.38 18.74
CA GLU D 160 29.17 -31.22 19.63
C GLU D 160 29.20 -30.66 21.05
N ILE D 161 29.35 -29.34 21.17
CA ILE D 161 29.45 -28.71 22.49
C ILE D 161 28.08 -28.65 23.18
N VAL D 162 27.05 -28.26 22.43
CA VAL D 162 25.70 -28.19 22.98
C VAL D 162 25.25 -29.52 23.56
N ARG D 163 25.46 -30.62 22.83
CA ARG D 163 24.91 -31.87 23.34
C ARG D 163 25.65 -32.40 24.57
N ARG D 164 26.91 -32.01 24.72
CA ARG D 164 27.66 -32.35 25.94
C ARG D 164 27.25 -31.44 27.10
N ALA D 165 27.15 -30.15 26.83
CA ALA D 165 26.78 -29.19 27.88
C ALA D 165 25.36 -29.41 28.40
N ALA D 166 24.46 -29.84 27.53
CA ALA D 166 23.07 -30.03 27.90
C ALA D 166 22.92 -31.09 29.00
N GLN D 167 23.85 -32.03 29.04
CA GLN D 167 23.81 -33.07 30.06
C GLN D 167 24.12 -32.52 31.45
N LEU D 168 24.62 -31.28 31.49
CA LEU D 168 24.99 -30.62 32.74
C LEU D 168 23.97 -29.54 33.12
N MET D 169 22.82 -29.55 32.45
CA MET D 169 21.77 -28.56 32.74
C MET D 169 20.45 -29.21 33.16
N PRO D 170 20.43 -29.88 34.33
CA PRO D 170 19.23 -30.60 34.77
C PRO D 170 18.03 -29.69 35.07
N HIS D 171 18.29 -28.41 35.29
CA HIS D 171 17.20 -27.47 35.53
C HIS D 171 17.14 -26.40 34.46
N GLY D 172 17.67 -26.72 33.28
CA GLY D 172 17.67 -25.78 32.17
C GLY D 172 18.90 -24.89 32.13
N GLY D 173 18.94 -24.04 31.11
CA GLY D 173 20.09 -23.19 30.90
C GLY D 173 19.96 -22.50 29.57
N ALA D 174 21.05 -21.90 29.11
CA ALA D 174 21.00 -21.13 27.88
C ALA D 174 22.35 -21.18 27.22
N MET D 175 22.37 -21.21 25.90
CA MET D 175 23.62 -21.19 25.17
C MET D 175 23.49 -20.28 23.97
N ILE D 176 24.62 -19.70 23.56
CA ILE D 176 24.65 -18.92 22.34
C ILE D 176 25.81 -19.30 21.46
N THR D 177 25.63 -19.10 20.16
CA THR D 177 26.77 -19.14 19.24
C THR D 177 26.83 -17.82 18.50
N LEU D 178 27.94 -17.60 17.82
CA LEU D 178 28.13 -16.39 17.05
C LEU D 178 28.10 -16.63 15.56
N THR D 179 27.42 -15.75 14.85
CA THR D 179 27.31 -15.83 13.41
C THR D 179 27.45 -14.43 12.79
N TYR D 180 27.28 -14.37 11.47
CA TYR D 180 27.49 -13.14 10.71
C TYR D 180 26.55 -13.18 9.52
N GLY D 181 26.06 -12.01 9.12
CA GLY D 181 25.09 -11.87 8.05
C GLY D 181 25.57 -12.33 6.69
N GLY D 182 26.87 -12.56 6.57
CA GLY D 182 27.44 -13.12 5.36
C GLY D 182 26.96 -14.53 5.09
N SER D 183 26.32 -15.16 6.07
CA SER D 183 25.72 -16.47 5.86
C SER D 183 24.59 -16.42 4.84
N MET D 184 23.85 -15.31 4.88
CA MET D 184 22.55 -15.17 4.22
C MET D 184 22.61 -14.23 2.99
N ARG D 185 23.58 -13.31 2.99
CA ARG D 185 23.76 -12.34 1.93
C ARG D 185 25.23 -12.32 1.57
N VAL D 186 25.53 -12.07 0.30
CA VAL D 186 26.88 -12.29 -0.18
C VAL D 186 27.87 -11.18 0.19
N VAL D 187 28.86 -11.56 1.01
CA VAL D 187 29.97 -10.68 1.38
C VAL D 187 31.20 -11.16 0.62
N PRO D 188 31.84 -10.26 -0.15
CA PRO D 188 33.02 -10.67 -0.94
C PRO D 188 34.09 -11.30 -0.06
N ASN D 189 34.70 -12.37 -0.55
CA ASN D 189 35.77 -13.08 0.15
C ASN D 189 35.35 -13.94 1.35
N TYR D 190 34.09 -13.84 1.78
CA TYR D 190 33.69 -14.58 2.98
C TYR D 190 33.68 -16.08 2.69
N ASN D 191 33.38 -16.41 1.44
CA ASN D 191 33.55 -17.76 0.89
C ASN D 191 33.15 -18.94 1.78
N ALA D 192 34.07 -19.83 2.13
CA ALA D 192 33.70 -21.04 2.88
C ALA D 192 33.00 -20.76 4.21
N MET D 193 33.23 -19.58 4.78
CA MET D 193 32.59 -19.25 6.05
C MET D 193 31.08 -19.06 5.88
N ALA D 194 30.64 -18.70 4.69
CA ALA D 194 29.22 -18.43 4.46
C ALA D 194 28.33 -19.68 4.59
N PRO D 195 28.64 -20.76 3.84
CA PRO D 195 27.79 -21.92 4.10
C PRO D 195 27.96 -22.49 5.50
N ALA D 196 29.14 -22.36 6.10
CA ALA D 196 29.32 -22.87 7.48
C ALA D 196 28.46 -22.08 8.45
N LYS D 197 28.45 -20.75 8.31
CA LYS D 197 27.58 -19.94 9.17
C LYS D 197 26.09 -20.20 8.90
N SER D 198 25.71 -20.38 7.63
CA SER D 198 24.31 -20.72 7.36
C SER D 198 23.92 -22.05 8.01
N ALA D 199 24.78 -23.06 7.90
CA ALA D 199 24.53 -24.34 8.57
C ALA D 199 24.45 -24.16 10.08
N LEU D 200 25.31 -23.30 10.63
CA LEU D 200 25.32 -23.02 12.08
C LEU D 200 23.99 -22.42 12.52
N GLU D 201 23.47 -21.49 11.73
CA GLU D 201 22.18 -20.88 12.06
C GLU D 201 21.06 -21.90 12.00
N SER D 202 21.11 -22.80 11.01
CA SER D 202 20.09 -23.82 10.87
C SER D 202 20.14 -24.75 12.09
N SER D 203 21.34 -25.19 12.44
CA SER D 203 21.50 -26.11 13.56
C SER D 203 21.07 -25.44 14.86
N THR D 204 21.30 -24.14 14.98
CA THR D 204 20.82 -23.39 16.15
C THR D 204 19.31 -23.59 16.35
N LYS D 205 18.53 -23.48 15.28
CA LYS D 205 17.08 -23.65 15.39
C LYS D 205 16.70 -25.09 15.70
N TYR D 206 17.35 -26.03 15.04
CA TYR D 206 17.08 -27.44 15.32
C TYR D 206 17.43 -27.83 16.75
N LEU D 207 18.53 -27.31 17.27
CA LEU D 207 18.93 -27.62 18.64
C LEU D 207 17.99 -26.94 19.63
N ALA D 208 17.53 -25.74 19.29
CA ALA D 208 16.53 -25.07 20.13
C ALA D 208 15.27 -25.92 20.24
N CYS D 209 14.87 -26.57 19.16
CA CYS D 209 13.71 -27.43 19.22
C CYS D 209 14.02 -28.73 19.97
N ASP D 210 15.24 -29.25 19.82
CA ASP D 210 15.61 -30.48 20.52
C ASP D 210 15.54 -30.30 22.03
N TYR D 211 15.98 -29.14 22.50
CA TYR D 211 16.24 -28.97 23.94
C TYR D 211 15.25 -28.05 24.65
N GLY D 212 14.31 -27.49 23.90
CA GLY D 212 13.33 -26.58 24.47
C GLY D 212 12.49 -27.21 25.56
N GLY D 213 12.20 -28.50 25.43
CA GLY D 213 11.43 -29.24 26.41
C GLY D 213 12.13 -29.37 27.74
N MET D 214 13.44 -29.17 27.74
CA MET D 214 14.24 -29.22 28.97
C MET D 214 14.54 -27.83 29.51
N ASN D 215 13.85 -26.82 28.98
CA ASN D 215 14.10 -25.42 29.32
C ASN D 215 15.55 -25.01 29.09
N ILE D 216 16.14 -25.51 28.01
CA ILE D 216 17.43 -25.05 27.57
C ILE D 216 17.19 -24.23 26.32
N ARG D 217 17.56 -22.95 26.37
CA ARG D 217 17.37 -22.07 25.21
C ARG D 217 18.65 -21.99 24.41
N ILE D 218 18.52 -21.92 23.08
CA ILE D 218 19.68 -21.89 22.20
C ILE D 218 19.50 -20.76 21.21
N ASN D 219 20.40 -19.78 21.23
CA ASN D 219 20.30 -18.63 20.32
C ASN D 219 21.63 -18.28 19.65
N ALA D 220 21.57 -17.37 18.68
CA ALA D 220 22.78 -16.90 18.03
C ALA D 220 22.84 -15.37 18.00
N ILE D 221 24.03 -14.82 18.21
CA ILE D 221 24.26 -13.40 17.97
C ILE D 221 24.86 -13.25 16.59
N SER D 222 24.17 -12.55 15.70
CA SER D 222 24.74 -12.23 14.40
C SER D 222 25.41 -10.88 14.55
N ALA D 223 26.73 -10.93 14.74
CA ALA D 223 27.47 -9.72 15.06
C ALA D 223 27.84 -8.97 13.80
N GLY D 224 27.97 -7.65 13.91
CA GLY D 224 28.56 -6.90 12.83
C GLY D 224 30.07 -7.07 12.91
N PRO D 225 30.80 -6.56 11.91
CA PRO D 225 32.25 -6.64 12.01
C PRO D 225 32.75 -5.84 13.21
N VAL D 226 33.80 -6.32 13.88
CA VAL D 226 34.36 -5.65 15.04
C VAL D 226 35.75 -5.09 14.74
N ARG D 227 36.02 -3.89 15.28
CA ARG D 227 37.26 -3.18 15.05
C ARG D 227 38.53 -3.96 15.43
N THR D 228 39.56 -3.84 14.60
CA THR D 228 40.80 -4.63 14.68
C THR D 228 40.61 -6.13 14.40
N LEU D 229 39.54 -6.71 14.94
CA LEU D 229 39.24 -8.11 14.72
C LEU D 229 38.98 -8.38 13.25
N ALA D 230 38.33 -7.41 12.59
CA ALA D 230 37.99 -7.51 11.18
C ALA D 230 39.22 -7.70 10.28
N GLY D 231 40.10 -6.71 10.27
CA GLY D 231 41.31 -6.74 9.45
C GLY D 231 42.20 -7.95 9.71
N ALA D 232 42.14 -8.46 10.93
CA ALA D 232 42.86 -9.68 11.28
C ALA D 232 42.18 -10.90 10.65
N SER D 233 40.85 -10.93 10.72
CA SER D 233 40.05 -12.10 10.33
C SER D 233 40.26 -12.60 8.90
N ILE D 234 40.29 -11.67 7.94
CA ILE D 234 39.99 -11.98 6.55
C ILE D 234 40.59 -10.89 5.66
N SER D 235 40.95 -11.22 4.41
CA SER D 235 41.77 -10.33 3.57
C SER D 235 41.30 -8.87 3.49
N ASN D 236 40.02 -8.66 3.24
CA ASN D 236 39.47 -7.32 3.04
C ASN D 236 38.68 -6.83 4.26
N GLY D 237 39.03 -7.32 5.43
CA GLY D 237 38.26 -7.05 6.65
C GLY D 237 38.13 -5.58 7.02
N ARG D 238 39.21 -4.83 6.82
CA ARG D 238 39.21 -3.39 7.09
C ARG D 238 38.12 -2.70 6.30
N ASP D 239 38.06 -3.02 5.01
CA ASP D 239 37.08 -2.40 4.12
C ASP D 239 35.65 -2.83 4.47
N ILE D 240 35.50 -4.07 4.92
CA ILE D 240 34.19 -4.57 5.33
C ILE D 240 33.70 -3.80 6.57
N ALA D 241 34.58 -3.65 7.55
CA ALA D 241 34.25 -2.90 8.75
C ALA D 241 33.98 -1.42 8.48
N ALA D 242 34.78 -0.84 7.58
CA ALA D 242 34.61 0.57 7.22
C ALA D 242 33.27 0.79 6.51
N TRP D 243 32.97 -0.10 5.56
CA TRP D 243 31.73 -0.02 4.80
C TRP D 243 30.55 -0.13 5.75
N SER D 244 30.63 -1.12 6.63
CA SER D 244 29.54 -1.40 7.55
C SER D 244 29.33 -0.23 8.50
N LYS D 245 30.43 0.35 8.94
CA LYS D 245 30.36 1.53 9.80
C LYS D 245 29.67 2.70 9.11
N GLU D 246 30.13 3.02 7.90
CA GLU D 246 29.60 4.17 7.19
C GLU D 246 28.14 4.00 6.79
N ASN D 247 27.72 2.76 6.55
CA ASN D 247 26.37 2.56 6.06
C ASN D 247 25.35 2.05 7.09
N SER D 248 25.80 1.81 8.31
CA SER D 248 24.87 1.38 9.35
C SER D 248 24.05 2.58 9.81
N PRO D 249 22.80 2.33 10.24
CA PRO D 249 21.91 3.36 10.78
C PRO D 249 22.58 4.17 11.89
N LEU D 250 23.36 3.51 12.74
CA LEU D 250 23.98 4.17 13.88
C LEU D 250 25.34 4.80 13.58
N LYS D 251 25.86 4.58 12.37
CA LYS D 251 27.14 5.17 11.96
C LYS D 251 28.29 4.78 12.89
N ARG D 252 28.22 3.57 13.43
CA ARG D 252 29.30 3.06 14.25
C ARG D 252 29.37 1.54 14.10
N THR D 253 30.54 0.97 14.37
CA THR D 253 30.69 -0.46 14.36
C THR D 253 30.36 -0.97 15.75
N VAL D 254 29.88 -2.22 15.83
CA VAL D 254 29.56 -2.81 17.11
C VAL D 254 30.82 -2.99 17.96
N SER D 255 30.70 -2.83 19.27
CA SER D 255 31.84 -3.00 20.17
C SER D 255 31.78 -4.38 20.83
N LEU D 256 32.90 -4.81 21.40
CA LEU D 256 32.93 -6.07 22.13
C LEU D 256 32.00 -5.99 23.31
N GLU D 257 31.86 -4.80 23.89
CA GLU D 257 30.97 -4.65 25.03
C GLU D 257 29.50 -4.76 24.62
N ASP D 258 29.15 -4.22 23.46
CA ASP D 258 27.79 -4.38 22.93
C ASP D 258 27.44 -5.87 22.81
N ILE D 259 28.35 -6.61 22.18
CA ILE D 259 28.11 -8.04 21.97
C ILE D 259 28.02 -8.75 23.32
N GLY D 260 28.86 -8.34 24.27
CA GLY D 260 28.79 -8.92 25.60
C GLY D 260 27.47 -8.65 26.31
N ASN D 261 26.93 -7.44 26.17
CA ASN D 261 25.65 -7.10 26.77
C ASN D 261 24.50 -7.88 26.13
N SER D 262 24.56 -8.04 24.80
CA SER D 262 23.57 -8.86 24.11
C SER D 262 23.67 -10.34 24.55
N ALA D 263 24.90 -10.80 24.77
CA ALA D 263 25.13 -12.12 25.33
C ALA D 263 24.50 -12.24 26.72
N LEU D 264 24.70 -11.22 27.55
CA LEU D 264 24.11 -11.22 28.90
C LEU D 264 22.59 -11.35 28.82
N TYR D 265 21.99 -10.60 27.92
CA TYR D 265 20.55 -10.72 27.68
C TYR D 265 20.18 -12.15 27.31
N LEU D 266 20.85 -12.69 26.29
CA LEU D 266 20.48 -14.00 25.75
C LEU D 266 20.79 -15.19 26.68
N LEU D 267 21.64 -14.96 27.68
CA LEU D 267 22.05 -16.04 28.57
C LEU D 267 21.43 -15.93 29.98
N SER D 268 20.65 -14.89 30.20
CA SER D 268 20.03 -14.69 31.52
C SER D 268 18.52 -14.86 31.45
N TYR D 269 17.87 -14.68 32.59
CA TYR D 269 16.42 -14.80 32.65
C TYR D 269 15.72 -13.75 31.77
N LEU D 270 16.45 -12.71 31.38
CA LEU D 270 15.84 -11.60 30.64
C LEU D 270 15.27 -12.06 29.32
N SER D 271 15.90 -13.09 28.75
CA SER D 271 15.47 -13.58 27.44
C SER D 271 14.66 -14.87 27.56
N ASN D 272 13.99 -15.06 28.69
CA ASN D 272 13.21 -16.28 28.95
C ASN D 272 12.19 -16.63 27.86
N GLY D 273 11.76 -15.64 27.08
CA GLY D 273 10.81 -15.90 26.02
C GLY D 273 11.45 -16.06 24.65
N VAL D 274 12.77 -16.22 24.61
CA VAL D 274 13.50 -16.19 23.34
C VAL D 274 14.33 -17.45 23.09
N THR D 275 14.04 -18.17 22.01
CA THR D 275 14.90 -19.29 21.64
C THR D 275 14.87 -19.50 20.12
N GLY D 276 15.97 -20.03 19.59
CA GLY D 276 16.10 -20.24 18.15
C GLY D 276 16.25 -18.96 17.36
N GLU D 277 16.59 -17.88 18.05
CA GLU D 277 16.63 -16.56 17.43
C GLU D 277 18.00 -16.25 16.86
N ILE D 278 18.05 -15.78 15.61
CA ILE D 278 19.27 -15.23 15.07
C ILE D 278 19.15 -13.72 15.26
N HIS D 279 19.85 -13.22 16.28
CA HIS D 279 19.64 -11.87 16.79
C HIS D 279 20.72 -10.93 16.27
N TYR D 280 20.32 -9.93 15.49
CA TYR D 280 21.33 -9.07 14.89
C TYR D 280 21.83 -8.01 15.83
N VAL D 281 23.13 -8.04 16.09
CA VAL D 281 23.78 -7.00 16.88
C VAL D 281 24.84 -6.41 15.98
N ASP D 282 24.37 -5.63 15.00
CA ASP D 282 25.23 -5.12 13.94
C ASP D 282 24.97 -3.64 13.71
N CYS D 283 24.45 -2.97 14.74
CA CYS D 283 24.15 -1.53 14.65
C CYS D 283 23.18 -1.24 13.50
N GLY D 284 22.40 -2.26 13.16
CA GLY D 284 21.35 -2.10 12.17
C GLY D 284 21.79 -2.22 10.73
N TYR D 285 23.05 -2.56 10.48
CA TYR D 285 23.55 -2.63 9.11
C TYR D 285 22.64 -3.47 8.21
N ASN D 286 22.15 -4.58 8.76
CA ASN D 286 21.40 -5.54 7.95
C ASN D 286 20.13 -4.96 7.33
N ILE D 287 19.62 -3.87 7.89
CA ILE D 287 18.33 -3.35 7.41
C ILE D 287 18.44 -2.41 6.22
N VAL D 288 19.66 -2.03 5.86
CA VAL D 288 19.90 -1.03 4.82
C VAL D 288 20.00 -1.66 3.45
N ALA D 289 19.19 -1.20 2.50
CA ALA D 289 19.18 -1.76 1.15
C ALA D 289 20.26 -1.19 0.25
N MET D 290 20.63 0.07 0.49
CA MET D 290 21.67 0.72 -0.30
C MET D 290 22.12 1.96 0.45
N PRO D 291 23.30 2.50 0.10
CA PRO D 291 23.75 3.69 0.82
C PRO D 291 22.85 4.90 0.60
N SER D 292 22.86 5.82 1.57
CA SER D 292 22.06 7.04 1.48
C SER D 292 22.65 8.02 0.47
N MET E 35 19.73 -5.75 41.89
CA MET E 35 19.67 -6.76 40.82
C MET E 35 19.94 -6.17 39.43
N ILE E 36 19.07 -5.27 38.95
CA ILE E 36 19.26 -4.67 37.62
C ILE E 36 18.71 -3.24 37.46
N ASN E 37 19.27 -2.29 38.21
CA ASN E 37 18.80 -0.90 38.22
C ASN E 37 19.29 -0.05 37.04
N ILE E 38 19.22 -0.60 35.83
CA ILE E 38 19.84 0.07 34.68
C ILE E 38 19.02 1.20 34.08
N LEU E 39 17.79 1.38 34.55
CA LEU E 39 16.98 2.51 34.11
C LEU E 39 16.84 3.56 35.20
N LYS E 40 17.73 3.47 36.19
CA LYS E 40 17.78 4.46 37.25
C LYS E 40 18.05 5.84 36.66
N GLY E 41 17.20 6.81 36.99
CA GLY E 41 17.38 8.17 36.48
C GLY E 41 16.77 8.39 35.11
N LYS E 42 16.18 7.32 34.54
CA LYS E 42 15.55 7.43 33.23
C LYS E 42 14.04 7.60 33.35
N ARG E 43 13.44 8.21 32.32
CA ARG E 43 11.99 8.35 32.30
C ARG E 43 11.45 8.08 30.91
N GLY E 44 10.23 7.55 30.85
CA GLY E 44 9.67 7.23 29.56
C GLY E 44 8.17 7.16 29.51
N LEU E 45 7.65 7.07 28.28
CA LEU E 45 6.22 7.06 28.00
C LEU E 45 5.76 5.65 27.66
N ILE E 46 4.70 5.21 28.33
CA ILE E 46 4.08 3.91 28.06
C ILE E 46 2.71 4.12 27.42
N MET E 47 2.56 3.61 26.20
CA MET E 47 1.29 3.71 25.49
C MET E 47 0.65 2.34 25.33
N GLY E 48 -0.63 2.24 25.63
CA GLY E 48 -1.36 1.01 25.37
C GLY E 48 -1.84 0.24 26.59
N VAL E 49 -1.76 0.82 27.78
CA VAL E 49 -2.32 0.11 28.93
C VAL E 49 -3.83 0.25 28.93
N ALA E 50 -4.53 -0.88 28.87
CA ALA E 50 -5.98 -0.87 28.96
C ALA E 50 -6.40 -1.48 30.29
N ASN E 51 -5.65 -2.49 30.73
CA ASN E 51 -5.87 -3.10 32.03
C ASN E 51 -4.63 -3.86 32.49
N ASP E 52 -4.74 -4.63 33.57
CA ASP E 52 -3.57 -5.28 34.13
C ASP E 52 -3.08 -6.49 33.33
N HIS E 53 -3.80 -6.83 32.26
CA HIS E 53 -3.36 -7.90 31.37
C HIS E 53 -2.71 -7.36 30.09
N SER E 54 -2.69 -6.04 29.93
CA SER E 54 -2.11 -5.43 28.73
C SER E 54 -0.62 -5.68 28.65
N ILE E 55 -0.14 -5.95 27.44
CA ILE E 55 1.30 -6.06 27.20
C ILE E 55 2.05 -4.83 27.72
N ALA E 56 1.48 -3.65 27.46
CA ALA E 56 2.11 -2.41 27.89
C ALA E 56 2.26 -2.36 29.41
N TRP E 57 1.33 -2.97 30.12
CA TRP E 57 1.41 -2.97 31.58
C TRP E 57 2.51 -3.93 32.07
N GLY E 58 2.59 -5.10 31.44
CA GLY E 58 3.66 -6.03 31.76
C GLY E 58 5.02 -5.39 31.56
N ILE E 59 5.12 -4.58 30.51
CA ILE E 59 6.35 -3.87 30.24
C ILE E 59 6.59 -2.78 31.31
N ALA E 60 5.55 -2.02 31.63
CA ALA E 60 5.70 -0.92 32.60
C ALA E 60 6.25 -1.43 33.93
N LYS E 61 5.71 -2.54 34.41
CA LYS E 61 6.18 -3.11 35.69
C LYS E 61 7.68 -3.40 35.66
N VAL E 62 8.16 -4.03 34.59
CA VAL E 62 9.58 -4.37 34.51
C VAL E 62 10.47 -3.14 34.39
N LEU E 63 10.05 -2.18 33.56
CA LEU E 63 10.84 -0.97 33.41
C LEU E 63 10.92 -0.19 34.73
N HIS E 64 9.81 -0.14 35.48
CA HIS E 64 9.82 0.53 36.78
C HIS E 64 10.71 -0.21 37.76
N SER E 65 10.63 -1.54 37.75
CA SER E 65 11.45 -2.34 38.65
C SER E 65 12.94 -2.09 38.41
N ALA E 66 13.27 -1.63 37.20
CA ALA E 66 14.65 -1.33 36.83
C ALA E 66 15.01 0.13 37.08
N GLY E 67 14.06 0.88 37.64
CA GLY E 67 14.36 2.24 38.07
C GLY E 67 13.72 3.36 37.28
N ALA E 68 12.96 3.03 36.23
CA ALA E 68 12.39 4.07 35.38
C ALA E 68 11.20 4.81 35.99
N GLN E 69 11.12 6.11 35.73
CA GLN E 69 9.90 6.88 36.01
C GLN E 69 9.03 6.81 34.76
N LEU E 70 7.72 6.65 34.96
CA LEU E 70 6.82 6.39 33.84
C LEU E 70 5.69 7.41 33.71
N ALA E 71 5.37 7.72 32.46
CA ALA E 71 4.17 8.45 32.08
C ALA E 71 3.29 7.47 31.30
N PHE E 72 1.98 7.60 31.38
CA PHE E 72 1.08 6.69 30.66
C PHE E 72 0.09 7.47 29.84
N SER E 73 -0.11 7.09 28.59
CA SER E 73 -1.24 7.63 27.84
C SER E 73 -2.49 6.78 28.12
N TYR E 74 -3.69 7.35 27.96
CA TYR E 74 -4.88 6.52 28.06
C TYR E 74 -6.00 7.00 27.14
N GLN E 75 -6.81 6.06 26.67
CA GLN E 75 -7.93 6.39 25.81
C GLN E 75 -9.26 6.07 26.50
N GLY E 76 -9.96 7.11 26.94
CA GLY E 76 -11.30 6.93 27.48
C GLY E 76 -11.35 6.77 28.99
N GLU E 77 -12.50 7.09 29.56
CA GLU E 77 -12.71 7.13 31.00
C GLU E 77 -12.53 5.80 31.72
N SER E 78 -13.13 4.73 31.19
CA SER E 78 -13.09 3.43 31.85
C SER E 78 -11.64 2.93 31.98
N ILE E 79 -10.89 3.04 30.89
CA ILE E 79 -9.47 2.72 30.93
C ILE E 79 -8.72 3.62 31.92
N GLY E 80 -9.01 4.92 31.91
CA GLY E 80 -8.35 5.83 32.85
C GLY E 80 -8.55 5.39 34.30
N LYS E 81 -9.78 4.98 34.61
CA LYS E 81 -10.11 4.54 35.95
C LYS E 81 -9.42 3.24 36.32
N ARG E 82 -9.21 2.36 35.33
CA ARG E 82 -8.42 1.16 35.60
C ARG E 82 -6.92 1.45 35.70
N LEU E 83 -6.46 2.46 34.96
CA LEU E 83 -5.04 2.79 34.90
C LEU E 83 -4.55 3.46 36.17
N LYS E 84 -5.35 4.35 36.75
CA LYS E 84 -4.86 5.08 37.93
C LYS E 84 -4.30 4.20 39.05
N PRO E 85 -5.06 3.17 39.48
CA PRO E 85 -4.47 2.36 40.56
C PRO E 85 -3.24 1.56 40.11
N LEU E 86 -3.20 1.12 38.84
CA LEU E 86 -2.01 0.43 38.36
C LEU E 86 -0.80 1.36 38.37
N ALA E 87 -0.98 2.55 37.79
CA ALA E 87 0.11 3.52 37.73
C ALA E 87 0.62 3.84 39.14
N LEU E 88 -0.28 3.93 40.11
CA LEU E 88 0.16 4.18 41.49
C LEU E 88 1.13 3.10 41.99
N THR E 89 0.93 1.84 41.61
CA THR E 89 1.84 0.78 42.05
C THR E 89 3.25 0.87 41.44
N VAL E 90 3.40 1.67 40.40
CA VAL E 90 4.73 1.94 39.85
C VAL E 90 5.11 3.39 40.07
N ASP E 91 4.59 3.95 41.17
CA ASP E 91 4.99 5.29 41.63
C ASP E 91 4.71 6.41 40.62
N SER E 92 3.59 6.29 39.91
CA SER E 92 3.23 7.30 38.91
C SER E 92 1.78 7.75 39.03
N ASP E 93 1.55 9.05 38.90
CA ASP E 93 0.21 9.53 38.65
C ASP E 93 0.24 10.39 37.39
N PHE E 94 1.24 10.12 36.56
CA PHE E 94 1.47 10.91 35.35
C PHE E 94 0.70 10.21 34.24
N MET E 95 -0.56 10.58 34.08
CA MET E 95 -1.46 9.91 33.15
C MET E 95 -2.07 10.95 32.25
N ILE E 96 -2.02 10.72 30.94
CA ILE E 96 -2.44 11.75 29.98
C ILE E 96 -3.37 11.16 28.94
N PRO E 97 -4.53 11.80 28.72
CA PRO E 97 -5.44 11.29 27.70
C PRO E 97 -4.84 11.44 26.30
N CYS E 98 -5.08 10.45 25.44
CA CYS E 98 -4.62 10.54 24.07
C CYS E 98 -5.41 9.58 23.19
N ASN E 99 -5.89 10.09 22.05
CA ASN E 99 -6.47 9.24 21.00
C ASN E 99 -5.44 9.18 19.89
N VAL E 100 -4.80 8.02 19.69
CA VAL E 100 -3.68 7.94 18.77
C VAL E 100 -4.12 7.98 17.31
N GLU E 101 -5.42 8.08 17.08
CA GLU E 101 -5.91 8.27 15.72
C GLU E 101 -5.94 9.76 15.36
N ASP E 102 -5.78 10.61 16.37
CA ASP E 102 -6.00 12.06 16.23
C ASP E 102 -4.70 12.81 16.44
N PRO E 103 -4.12 13.36 15.36
CA PRO E 103 -2.85 14.10 15.48
C PRO E 103 -2.93 15.25 16.49
N SER E 104 -4.05 15.96 16.56
CA SER E 104 -4.16 17.06 17.53
C SER E 104 -4.07 16.53 18.96
N SER E 105 -4.66 15.37 19.19
CA SER E 105 -4.58 14.73 20.50
C SER E 105 -3.16 14.29 20.82
N MET E 106 -2.43 13.77 19.84
CA MET E 106 -1.03 13.44 20.09
C MET E 106 -0.16 14.69 20.36
N ASP E 107 -0.48 15.80 19.67
CA ASP E 107 0.18 17.07 19.95
C ASP E 107 -0.05 17.46 21.41
N LEU E 108 -1.30 17.35 21.85
CA LEU E 108 -1.66 17.73 23.23
C LEU E 108 -0.99 16.80 24.26
N LEU E 109 -0.93 15.51 23.95
CA LEU E 109 -0.20 14.56 24.79
C LEU E 109 1.21 15.03 25.02
N PHE E 110 1.91 15.38 23.95
CA PHE E 110 3.29 15.82 24.17
C PHE E 110 3.44 17.19 24.82
N GLU E 111 2.51 18.10 24.60
CA GLU E 111 2.55 19.37 25.33
C GLU E 111 2.41 19.14 26.84
N ARG E 112 1.49 18.23 27.20
CA ARG E 112 1.30 17.90 28.62
C ARG E 112 2.49 17.16 29.20
N ILE E 113 3.11 16.25 28.43
CA ILE E 113 4.35 15.64 28.90
C ILE E 113 5.39 16.73 29.19
N LYS E 114 5.48 17.70 28.29
CA LYS E 114 6.50 18.73 28.42
C LYS E 114 6.25 19.65 29.60
N GLU E 115 5.02 19.69 30.09
CA GLU E 115 4.76 20.42 31.34
C GLU E 115 5.47 19.85 32.58
N ARG E 116 5.96 18.61 32.49
CA ARG E 116 6.70 17.98 33.60
C ARG E 116 8.13 17.60 33.22
N TRP E 117 8.29 17.07 32.01
CA TRP E 117 9.57 16.57 31.54
C TRP E 117 9.97 17.30 30.27
N GLU E 118 11.14 17.92 30.23
CA GLU E 118 11.58 18.50 28.97
C GLU E 118 12.27 17.46 28.11
N THR E 119 12.55 16.31 28.71
CA THR E 119 13.36 15.28 28.09
C THR E 119 12.81 13.88 28.41
N LEU E 120 12.88 12.97 27.42
CA LEU E 120 12.44 11.57 27.54
C LEU E 120 13.60 10.63 27.21
N ASP E 121 13.60 9.42 27.78
CA ASP E 121 14.65 8.46 27.44
C ASP E 121 14.13 7.28 26.61
N PHE E 122 12.84 6.99 26.74
CA PHE E 122 12.27 5.87 26.00
C PHE E 122 10.78 6.01 25.75
N VAL E 123 10.29 5.26 24.78
CA VAL E 123 8.88 5.18 24.48
C VAL E 123 8.51 3.74 24.22
N VAL E 124 7.42 3.29 24.83
CA VAL E 124 6.84 1.99 24.51
C VAL E 124 5.52 2.20 23.79
N HIS E 125 5.44 1.71 22.54
CA HIS E 125 4.23 1.82 21.74
C HIS E 125 3.61 0.44 21.64
N SER E 126 2.49 0.22 22.34
CA SER E 126 1.83 -1.10 22.30
C SER E 126 0.35 -0.89 22.15
N ILE E 127 -0.04 -0.54 20.93
CA ILE E 127 -1.36 -0.03 20.63
C ILE E 127 -1.81 -0.65 19.32
N ALA E 128 -2.96 -1.31 19.33
CA ALA E 128 -3.49 -1.85 18.10
C ALA E 128 -5.00 -1.83 18.14
N PHE E 129 -5.62 -1.67 16.98
CA PHE E 129 -7.06 -1.72 16.87
C PHE E 129 -7.44 -2.14 15.47
N SER E 130 -8.50 -2.94 15.38
CA SER E 130 -9.17 -3.23 14.12
C SER E 130 -10.60 -3.62 14.48
N ASP E 131 -11.53 -3.45 13.55
CA ASP E 131 -12.92 -3.85 13.79
C ASP E 131 -13.01 -5.36 14.04
N LYS E 132 -13.43 -5.74 15.24
CA LYS E 132 -13.50 -7.16 15.61
C LYS E 132 -14.42 -7.97 14.68
N ASN E 133 -15.44 -7.33 14.13
CA ASN E 133 -16.36 -8.03 13.24
C ASN E 133 -15.70 -8.44 11.92
N GLU E 134 -14.59 -7.79 11.60
CA GLU E 134 -13.85 -8.13 10.37
C GLU E 134 -12.64 -9.02 10.64
N LEU E 135 -12.38 -9.32 11.91
CA LEU E 135 -11.33 -10.26 12.30
C LEU E 135 -11.94 -11.65 12.42
N ARG E 136 -12.80 -11.96 11.45
CA ARG E 136 -13.44 -13.24 11.30
C ARG E 136 -13.50 -13.42 9.80
N GLY E 137 -13.62 -14.66 9.35
CA GLY E 137 -13.78 -14.92 7.93
C GLY E 137 -12.58 -14.51 7.11
N PRO E 138 -12.75 -14.52 5.78
CA PRO E 138 -11.67 -14.28 4.81
C PRO E 138 -11.13 -12.86 4.88
N TYR E 139 -9.84 -12.71 4.60
CA TYR E 139 -9.24 -11.38 4.60
C TYR E 139 -9.90 -10.51 3.53
N TYR E 140 -10.31 -11.12 2.42
CA TYR E 140 -10.90 -10.34 1.32
C TYR E 140 -12.18 -9.59 1.67
N ASN E 141 -12.79 -9.89 2.80
CA ASN E 141 -14.01 -9.17 3.18
C ASN E 141 -13.74 -7.89 3.96
N THR E 142 -12.45 -7.57 4.11
CA THR E 142 -12.02 -6.37 4.82
C THR E 142 -12.55 -5.15 4.09
N SER E 143 -13.16 -4.22 4.84
CA SER E 143 -13.63 -2.99 4.21
C SER E 143 -12.48 -1.99 4.11
N ARG E 144 -12.53 -1.11 3.11
CA ARG E 144 -11.44 -0.14 2.97
C ARG E 144 -11.38 0.83 4.15
N ASP E 145 -12.52 1.14 4.74
CA ASP E 145 -12.48 2.05 5.89
C ASP E 145 -11.92 1.37 7.15
N ASN E 146 -12.23 0.09 7.34
CA ASN E 146 -11.59 -0.63 8.42
C ASN E 146 -10.11 -0.80 8.16
N PHE E 147 -9.76 -1.05 6.90
CA PHE E 147 -8.37 -1.16 6.53
C PHE E 147 -7.62 0.11 6.92
N ILE E 148 -8.20 1.26 6.58
CA ILE E 148 -7.53 2.52 6.88
C ILE E 148 -7.48 2.83 8.37
N GLN E 149 -8.58 2.60 9.10
CA GLN E 149 -8.55 2.89 10.54
C GLN E 149 -7.54 1.98 11.23
N THR E 150 -7.51 0.72 10.81
CA THR E 150 -6.54 -0.22 11.36
C THR E 150 -5.12 0.23 11.05
N MET E 151 -4.89 0.69 9.83
CA MET E 151 -3.57 1.23 9.47
C MET E 151 -3.19 2.43 10.32
N LEU E 152 -4.12 3.37 10.50
CA LEU E 152 -3.83 4.58 11.24
C LEU E 152 -3.54 4.32 12.71
N VAL E 153 -4.32 3.43 13.32
CA VAL E 153 -4.15 3.17 14.75
C VAL E 153 -2.99 2.22 15.02
N SER E 154 -2.88 1.18 14.20
CA SER E 154 -1.92 0.12 14.50
C SER E 154 -0.56 0.32 13.85
N CYS E 155 -0.50 1.10 12.78
CA CYS E 155 0.79 1.38 12.15
C CYS E 155 1.22 2.86 12.27
N PHE E 156 0.47 3.77 11.66
CA PHE E 156 0.95 5.13 11.50
C PHE E 156 1.11 5.89 12.82
N SER E 157 0.33 5.50 13.82
CA SER E 157 0.45 6.12 15.14
C SER E 157 1.86 5.99 15.68
N PHE E 158 2.57 4.93 15.31
CA PHE E 158 3.95 4.79 15.78
C PHE E 158 4.83 5.86 15.14
N THR E 159 4.62 6.12 13.85
CA THR E 159 5.38 7.18 13.19
C THR E 159 5.08 8.54 13.83
N GLU E 160 3.79 8.79 14.09
CA GLU E 160 3.37 10.05 14.72
C GLU E 160 4.04 10.22 16.09
N ILE E 161 3.96 9.16 16.90
CA ILE E 161 4.54 9.18 18.25
C ILE E 161 6.06 9.29 18.25
N VAL E 162 6.73 8.51 17.40
CA VAL E 162 8.18 8.54 17.33
C VAL E 162 8.66 9.93 16.94
N ARG E 163 8.00 10.55 15.96
CA ARG E 163 8.48 11.83 15.50
C ARG E 163 8.26 12.93 16.54
N ARG E 164 7.19 12.80 17.33
CA ARG E 164 7.04 13.75 18.45
C ARG E 164 8.03 13.51 19.60
N ALA E 165 8.20 12.24 19.96
CA ALA E 165 9.08 11.87 21.06
C ALA E 165 10.55 12.11 20.78
N ALA E 166 10.97 11.99 19.53
CA ALA E 166 12.37 12.18 19.19
C ALA E 166 12.82 13.61 19.52
N GLN E 167 11.87 14.55 19.48
CA GLN E 167 12.15 15.95 19.82
C GLN E 167 12.50 16.12 21.29
N LEU E 168 12.20 15.10 22.08
CA LEU E 168 12.46 15.15 23.52
C LEU E 168 13.69 14.31 23.86
N MET E 169 14.45 13.95 22.83
CA MET E 169 15.64 13.11 23.02
C MET E 169 16.89 13.74 22.39
N PRO E 170 17.29 14.92 22.88
CA PRO E 170 18.46 15.60 22.29
C PRO E 170 19.78 14.84 22.48
N HIS E 171 19.87 13.95 23.48
CA HIS E 171 21.07 13.15 23.68
C HIS E 171 20.85 11.68 23.31
N GLY E 172 19.81 11.41 22.54
CA GLY E 172 19.51 10.04 22.12
C GLY E 172 18.50 9.35 23.03
N GLY E 173 18.17 8.11 22.69
CA GLY E 173 17.22 7.34 23.47
C GLY E 173 16.84 6.09 22.69
N ALA E 174 15.77 5.43 23.10
CA ALA E 174 15.35 4.21 22.43
C ALA E 174 13.85 4.06 22.51
N MET E 175 13.27 3.46 21.48
CA MET E 175 11.83 3.26 21.44
C MET E 175 11.54 1.86 20.91
N ILE E 176 10.41 1.30 21.34
CA ILE E 176 9.95 0.06 20.76
C ILE E 176 8.50 0.09 20.37
N THR E 177 8.14 -0.76 19.40
CA THR E 177 6.74 -1.02 19.14
C THR E 177 6.52 -2.52 19.24
N LEU E 178 5.25 -2.91 19.26
CA LEU E 178 4.87 -4.32 19.39
C LEU E 178 4.28 -4.81 18.08
N THR E 179 4.74 -5.96 17.63
CA THR E 179 4.20 -6.57 16.43
C THR E 179 3.92 -8.06 16.66
N TYR E 180 3.51 -8.75 15.61
CA TYR E 180 3.16 -10.18 15.67
C TYR E 180 3.49 -10.84 14.33
N GLY E 181 3.89 -12.12 14.37
CA GLY E 181 4.38 -12.79 13.17
C GLY E 181 3.31 -13.01 12.12
N GLY E 182 2.06 -12.73 12.47
CA GLY E 182 0.97 -12.79 11.52
C GLY E 182 1.10 -11.71 10.45
N SER E 183 2.08 -10.82 10.62
CA SER E 183 2.35 -9.79 9.61
C SER E 183 2.75 -10.37 8.27
N MET E 184 3.63 -11.38 8.25
CA MET E 184 4.07 -11.89 6.95
C MET E 184 3.96 -13.42 6.81
N ARG E 185 3.37 -14.06 7.81
CA ARG E 185 2.94 -15.45 7.68
C ARG E 185 1.46 -15.46 8.04
N VAL E 186 0.68 -16.26 7.34
CA VAL E 186 -0.78 -16.13 7.44
C VAL E 186 -1.40 -16.80 8.66
N VAL E 187 -2.06 -15.98 9.49
CA VAL E 187 -2.78 -16.43 10.68
C VAL E 187 -4.26 -16.23 10.40
N PRO E 188 -5.06 -17.29 10.53
CA PRO E 188 -6.50 -17.15 10.22
C PRO E 188 -7.17 -16.07 11.07
N ASN E 189 -8.04 -15.28 10.44
CA ASN E 189 -8.78 -14.20 11.08
C ASN E 189 -7.99 -12.93 11.42
N TYR E 190 -6.67 -12.96 11.28
CA TYR E 190 -5.88 -11.78 11.64
C TYR E 190 -6.17 -10.63 10.66
N ASN E 191 -6.47 -10.99 9.42
CA ASN E 191 -7.01 -10.09 8.40
C ASN E 191 -6.37 -8.70 8.34
N ALA E 192 -7.14 -7.63 8.58
CA ALA E 192 -6.60 -6.28 8.40
C ALA E 192 -5.39 -6.00 9.28
N MET E 193 -5.28 -6.69 10.40
CA MET E 193 -4.14 -6.45 11.28
C MET E 193 -2.82 -6.86 10.62
N ALA E 194 -2.88 -7.78 9.67
CA ALA E 194 -1.65 -8.30 9.10
C ALA E 194 -0.92 -7.27 8.23
N PRO E 195 -1.61 -6.66 7.25
CA PRO E 195 -0.86 -5.64 6.52
C PRO E 195 -0.51 -4.44 7.41
N ALA E 196 -1.34 -4.16 8.42
CA ALA E 196 -0.97 -3.07 9.35
C ALA E 196 0.32 -3.37 10.12
N LYS E 197 0.45 -4.59 10.63
CA LYS E 197 1.68 -4.97 11.34
C LYS E 197 2.87 -5.05 10.39
N SER E 198 2.63 -5.49 9.16
CA SER E 198 3.71 -5.53 8.19
C SER E 198 4.23 -4.12 7.90
N ALA E 199 3.31 -3.18 7.71
CA ALA E 199 3.68 -1.79 7.47
C ALA E 199 4.38 -1.23 8.69
N LEU E 200 3.94 -1.64 9.88
CA LEU E 200 4.57 -1.21 11.13
C LEU E 200 6.02 -1.70 11.21
N GLU E 201 6.28 -2.95 10.85
CA GLU E 201 7.65 -3.45 10.82
C GLU E 201 8.51 -2.69 9.82
N SER E 202 7.95 -2.43 8.65
CA SER E 202 8.66 -1.66 7.62
C SER E 202 9.03 -0.27 8.16
N SER E 203 8.05 0.41 8.75
CA SER E 203 8.29 1.77 9.23
C SER E 203 9.29 1.81 10.37
N THR E 204 9.30 0.75 11.18
CA THR E 204 10.31 0.60 12.24
C THR E 204 11.73 0.70 11.67
N LYS E 205 11.95 0.02 10.55
CA LYS E 205 13.27 0.03 9.96
C LYS E 205 13.58 1.39 9.34
N TYR E 206 12.59 1.99 8.69
CA TYR E 206 12.81 3.30 8.08
C TYR E 206 13.04 4.36 9.16
N LEU E 207 12.30 4.27 10.26
CA LEU E 207 12.52 5.21 11.35
C LEU E 207 13.88 4.98 11.98
N ALA E 208 14.31 3.74 12.09
CA ALA E 208 15.63 3.47 12.65
C ALA E 208 16.71 4.15 11.82
N CYS E 209 16.54 4.17 10.50
CA CYS E 209 17.51 4.82 9.63
C CYS E 209 17.42 6.35 9.74
N ASP E 210 16.20 6.87 9.83
CA ASP E 210 16.00 8.31 9.99
C ASP E 210 16.69 8.85 11.22
N TYR E 211 16.57 8.12 12.33
CA TYR E 211 16.99 8.65 13.63
C TYR E 211 18.29 8.10 14.18
N GLY E 212 18.90 7.13 13.48
CA GLY E 212 20.14 6.52 13.96
C GLY E 212 21.28 7.51 14.15
N GLY E 213 21.32 8.52 13.30
CA GLY E 213 22.37 9.53 13.36
C GLY E 213 22.27 10.37 14.62
N MET E 214 21.09 10.36 15.24
CA MET E 214 20.83 11.11 16.46
C MET E 214 20.93 10.22 17.69
N ASN E 215 21.45 9.01 17.47
CA ASN E 215 21.57 7.99 18.51
C ASN E 215 20.24 7.67 19.17
N ILE E 216 19.20 7.59 18.35
CA ILE E 216 17.92 7.09 18.80
C ILE E 216 17.70 5.73 18.15
N ARG E 217 17.59 4.68 18.96
CA ARG E 217 17.38 3.34 18.43
C ARG E 217 15.88 3.00 18.41
N ILE E 218 15.45 2.29 17.38
CA ILE E 218 14.04 2.00 17.16
C ILE E 218 13.89 0.53 16.81
N ASN E 219 13.19 -0.22 17.65
CA ASN E 219 13.08 -1.67 17.48
C ASN E 219 11.64 -2.14 17.69
N ALA E 220 11.39 -3.40 17.34
CA ALA E 220 10.08 -3.99 17.56
C ALA E 220 10.21 -5.32 18.27
N ILE E 221 9.27 -5.59 19.16
CA ILE E 221 9.15 -6.92 19.74
C ILE E 221 8.01 -7.62 19.02
N SER E 222 8.31 -8.76 18.37
CA SER E 222 7.26 -9.57 17.79
C SER E 222 6.86 -10.57 18.86
N ALA E 223 5.75 -10.27 19.54
CA ALA E 223 5.34 -11.08 20.68
C ALA E 223 4.55 -12.30 20.24
N GLY E 224 4.64 -13.37 21.01
CA GLY E 224 3.74 -14.49 20.80
C GLY E 224 2.44 -14.17 21.50
N PRO E 225 1.40 -14.97 21.25
CA PRO E 225 0.15 -14.70 21.99
C PRO E 225 0.34 -14.93 23.50
N VAL E 226 -0.27 -14.07 24.31
CA VAL E 226 -0.19 -14.23 25.77
C VAL E 226 -1.51 -14.80 26.26
N ARG E 227 -1.45 -15.79 27.15
CA ARG E 227 -2.65 -16.46 27.64
C ARG E 227 -3.65 -15.43 28.19
N THR E 228 -4.94 -15.70 27.95
CA THR E 228 -6.05 -14.83 28.34
C THR E 228 -6.23 -13.58 27.45
N LEU E 229 -5.17 -12.80 27.30
CA LEU E 229 -5.21 -11.59 26.46
C LEU E 229 -5.56 -11.96 25.00
N ALA E 230 -4.96 -13.04 24.52
CA ALA E 230 -5.18 -13.51 23.15
C ALA E 230 -6.66 -13.75 22.85
N GLY E 231 -7.31 -14.52 23.73
CA GLY E 231 -8.69 -14.91 23.54
C GLY E 231 -9.68 -13.77 23.59
N ALA E 232 -9.37 -12.75 24.39
CA ALA E 232 -10.24 -11.58 24.48
C ALA E 232 -9.92 -10.53 23.40
N SER E 233 -8.78 -10.71 22.72
CA SER E 233 -8.42 -9.80 21.62
C SER E 233 -9.11 -10.16 20.30
N ILE E 234 -8.95 -11.41 19.85
CA ILE E 234 -9.50 -11.83 18.56
C ILE E 234 -10.38 -13.09 18.72
N SER E 235 -11.27 -13.33 17.75
CA SER E 235 -12.27 -14.39 17.80
C SER E 235 -11.73 -15.78 18.18
N ASN E 236 -10.78 -16.28 17.39
CA ASN E 236 -10.19 -17.60 17.62
C ASN E 236 -8.91 -17.52 18.43
N GLY E 237 -8.74 -16.43 19.19
CA GLY E 237 -7.51 -16.17 19.92
C GLY E 237 -7.12 -17.26 20.90
N ARG E 238 -8.12 -17.89 21.52
CA ARG E 238 -7.89 -19.00 22.43
C ARG E 238 -7.20 -20.16 21.70
N ASP E 239 -7.70 -20.46 20.51
CA ASP E 239 -7.11 -21.51 19.67
C ASP E 239 -5.70 -21.13 19.26
N ILE E 240 -5.51 -19.87 18.91
CA ILE E 240 -4.19 -19.38 18.48
C ILE E 240 -3.17 -19.57 19.61
N ALA E 241 -3.54 -19.13 20.81
CA ALA E 241 -2.70 -19.29 21.98
C ALA E 241 -2.40 -20.77 22.30
N ALA E 242 -3.43 -21.61 22.25
CA ALA E 242 -3.26 -23.03 22.56
C ALA E 242 -2.32 -23.70 21.56
N TRP E 243 -2.54 -23.42 20.29
CA TRP E 243 -1.72 -23.95 19.23
C TRP E 243 -0.28 -23.53 19.41
N SER E 244 -0.10 -22.24 19.65
CA SER E 244 1.25 -21.68 19.74
C SER E 244 1.99 -22.24 20.95
N LYS E 245 1.27 -22.49 22.04
CA LYS E 245 1.86 -23.11 23.22
C LYS E 245 2.24 -24.57 22.98
N GLU E 246 1.35 -25.31 22.33
CA GLU E 246 1.55 -26.73 22.10
C GLU E 246 2.73 -26.94 21.17
N ASN E 247 2.90 -26.04 20.20
CA ASN E 247 3.93 -26.23 19.19
C ASN E 247 5.18 -25.36 19.28
N SER E 248 5.27 -24.53 20.30
CA SER E 248 6.50 -23.76 20.49
C SER E 248 7.57 -24.67 21.07
N PRO E 249 8.85 -24.38 20.75
CA PRO E 249 9.96 -25.18 21.26
C PRO E 249 9.97 -25.27 22.79
N LEU E 250 9.56 -24.19 23.46
CA LEU E 250 9.57 -24.14 24.92
C LEU E 250 8.30 -24.67 25.57
N LYS E 251 7.31 -25.03 24.75
CA LYS E 251 6.06 -25.62 25.23
C LYS E 251 5.34 -24.76 26.27
N ARG E 252 5.50 -23.44 26.14
CA ARG E 252 4.81 -22.50 27.02
C ARG E 252 4.52 -21.22 26.25
N THR E 253 3.48 -20.50 26.66
CA THR E 253 3.15 -19.21 26.06
C THR E 253 4.06 -18.14 26.66
N VAL E 254 4.38 -17.11 25.89
CA VAL E 254 5.17 -16.01 26.41
C VAL E 254 4.38 -15.31 27.51
N SER E 255 5.08 -14.83 28.54
CA SER E 255 4.42 -14.14 29.64
C SER E 255 4.60 -12.64 29.49
N LEU E 256 3.76 -11.88 30.19
CA LEU E 256 3.93 -10.42 30.25
C LEU E 256 5.31 -10.05 30.76
N GLU E 257 5.82 -10.82 31.71
CA GLU E 257 7.12 -10.51 32.29
C GLU E 257 8.25 -10.76 31.29
N ASP E 258 8.15 -11.82 30.49
CA ASP E 258 9.15 -12.07 29.45
C ASP E 258 9.23 -10.88 28.51
N ILE E 259 8.07 -10.43 28.05
CA ILE E 259 8.01 -9.30 27.11
C ILE E 259 8.57 -8.04 27.78
N GLY E 260 8.25 -7.84 29.06
CA GLY E 260 8.80 -6.71 29.79
C GLY E 260 10.31 -6.74 29.89
N ASN E 261 10.85 -7.92 30.15
CA ASN E 261 12.30 -8.10 30.21
C ASN E 261 12.98 -7.86 28.86
N SER E 262 12.34 -8.30 27.78
CA SER E 262 12.88 -8.03 26.45
C SER E 262 12.83 -6.54 26.13
N ALA E 263 11.76 -5.89 26.59
CA ALA E 263 11.65 -4.43 26.44
C ALA E 263 12.76 -3.73 27.22
N LEU E 264 13.04 -4.21 28.42
CA LEU E 264 14.10 -3.64 29.25
C LEU E 264 15.41 -3.74 28.48
N TYR E 265 15.64 -4.89 27.85
CA TYR E 265 16.82 -5.04 27.01
C TYR E 265 16.86 -4.01 25.89
N LEU E 266 15.79 -3.94 25.10
CA LEU E 266 15.76 -3.08 23.93
C LEU E 266 15.72 -1.58 24.23
N LEU E 267 15.39 -1.20 25.47
CA LEU E 267 15.27 0.22 25.81
C LEU E 267 16.43 0.73 26.68
N SER E 268 17.34 -0.16 27.02
CA SER E 268 18.48 0.18 27.86
C SER E 268 19.79 0.08 27.09
N TYR E 269 20.90 0.41 27.76
CA TYR E 269 22.21 0.41 27.12
C TYR E 269 22.63 -0.99 26.68
N LEU E 270 21.96 -2.00 27.23
CA LEU E 270 22.28 -3.39 26.92
C LEU E 270 22.16 -3.67 25.42
N SER E 271 21.24 -2.98 24.76
CA SER E 271 21.00 -3.21 23.34
C SER E 271 21.62 -2.11 22.47
N ASN E 272 22.68 -1.49 22.96
CA ASN E 272 23.37 -0.41 22.24
C ASN E 272 23.75 -0.74 20.80
N GLY E 273 23.96 -2.02 20.52
CA GLY E 273 24.33 -2.42 19.16
C GLY E 273 23.16 -2.84 18.29
N VAL E 274 21.93 -2.57 18.74
CA VAL E 274 20.74 -3.10 18.06
C VAL E 274 19.75 -2.03 17.65
N THR E 275 19.44 -1.96 16.35
CA THR E 275 18.39 -1.06 15.88
C THR E 275 17.77 -1.60 14.61
N GLY E 276 16.49 -1.26 14.40
CA GLY E 276 15.76 -1.74 13.24
C GLY E 276 15.43 -3.22 13.32
N GLU E 277 15.54 -3.78 14.51
CA GLU E 277 15.40 -5.23 14.69
C GLU E 277 13.96 -5.64 14.98
N ILE E 278 13.47 -6.67 14.29
CA ILE E 278 12.19 -7.27 14.62
C ILE E 278 12.52 -8.50 15.45
N HIS E 279 12.38 -8.37 16.77
CA HIS E 279 12.94 -9.30 17.73
C HIS E 279 11.86 -10.25 18.22
N TYR E 280 12.00 -11.55 17.95
CA TYR E 280 10.92 -12.48 18.27
C TYR E 280 10.98 -12.92 19.73
N VAL E 281 9.93 -12.56 20.48
CA VAL E 281 9.77 -13.00 21.86
C VAL E 281 8.48 -13.82 21.91
N ASP E 282 8.57 -15.03 21.33
CA ASP E 282 7.39 -15.87 21.10
C ASP E 282 7.68 -17.30 21.51
N CYS E 283 8.65 -17.46 22.40
CA CYS E 283 9.10 -18.77 22.89
C CYS E 283 9.56 -19.67 21.74
N GLY E 284 10.01 -19.04 20.66
CA GLY E 284 10.55 -19.77 19.52
C GLY E 284 9.53 -20.30 18.53
N TYR E 285 8.24 -19.99 18.74
CA TYR E 285 7.20 -20.51 17.85
C TYR E 285 7.53 -20.31 16.36
N ASN E 286 8.07 -19.14 16.02
CA ASN E 286 8.27 -18.78 14.63
C ASN E 286 9.23 -19.70 13.89
N ILE E 287 10.07 -20.41 14.62
CA ILE E 287 11.07 -21.27 13.96
C ILE E 287 10.55 -22.64 13.56
N VAL E 288 9.35 -22.98 14.00
CA VAL E 288 8.82 -24.33 13.79
C VAL E 288 8.09 -24.43 12.44
N ALA E 289 8.48 -25.41 11.62
CA ALA E 289 7.90 -25.55 10.28
C ALA E 289 6.59 -26.34 10.27
N MET E 290 6.45 -27.25 11.23
CA MET E 290 5.26 -28.07 11.34
C MET E 290 5.28 -28.80 12.68
N PRO E 291 4.10 -29.26 13.15
CA PRO E 291 4.06 -29.93 14.46
C PRO E 291 4.83 -31.23 14.49
N SER E 292 5.20 -31.67 15.70
CA SER E 292 5.99 -32.89 15.85
C SER E 292 5.12 -34.06 16.31
N ILE F 36 6.53 -19.57 -27.57
CA ILE F 36 5.53 -19.98 -26.58
C ILE F 36 4.15 -19.51 -26.97
N ASN F 37 3.15 -20.36 -26.75
CA ASN F 37 1.77 -19.97 -26.92
C ASN F 37 0.91 -20.56 -25.81
N ILE F 38 1.46 -20.54 -24.59
CA ILE F 38 0.82 -21.19 -23.45
C ILE F 38 -0.36 -20.40 -22.89
N LEU F 39 -0.59 -19.21 -23.41
CA LEU F 39 -1.77 -18.44 -23.00
C LEU F 39 -2.79 -18.33 -24.13
N LYS F 40 -2.63 -19.15 -25.17
CA LYS F 40 -3.65 -19.11 -26.22
C LYS F 40 -5.00 -19.49 -25.63
N GLY F 41 -6.03 -18.72 -25.97
CA GLY F 41 -7.35 -18.96 -25.43
C GLY F 41 -7.61 -18.30 -24.09
N LYS F 42 -6.58 -17.69 -23.51
CA LYS F 42 -6.74 -17.04 -22.21
C LYS F 42 -7.04 -15.54 -22.35
N ARG F 43 -7.75 -14.98 -21.36
CA ARG F 43 -8.11 -13.56 -21.34
C ARG F 43 -7.64 -12.97 -20.03
N GLY F 44 -7.17 -11.73 -20.03
CA GLY F 44 -6.78 -11.13 -18.77
C GLY F 44 -6.90 -9.62 -18.73
N LEU F 45 -6.91 -9.09 -17.51
CA LEU F 45 -6.95 -7.64 -17.28
C LEU F 45 -5.56 -7.10 -16.92
N ILE F 46 -5.15 -6.03 -17.59
CA ILE F 46 -3.91 -5.34 -17.29
C ILE F 46 -4.24 -3.97 -16.69
N MET F 47 -3.74 -3.74 -15.46
CA MET F 47 -3.88 -2.44 -14.80
C MET F 47 -2.54 -1.79 -14.58
N GLY F 48 -2.45 -0.50 -14.89
CA GLY F 48 -1.24 0.26 -14.63
C GLY F 48 -0.46 0.76 -15.82
N VAL F 49 -1.02 0.67 -17.02
CA VAL F 49 -0.35 1.23 -18.19
C VAL F 49 -0.54 2.74 -18.18
N ALA F 50 0.56 3.48 -18.16
CA ALA F 50 0.49 4.93 -18.26
C ALA F 50 1.10 5.39 -19.57
N ASN F 51 2.08 4.60 -20.04
CA ASN F 51 2.73 4.84 -21.32
C ASN F 51 3.47 3.57 -21.79
N ASP F 52 4.22 3.67 -22.89
CA ASP F 52 4.90 2.50 -23.44
C ASP F 52 6.14 2.06 -22.65
N HIS F 53 6.44 2.76 -21.56
CA HIS F 53 7.54 2.35 -20.69
C HIS F 53 7.05 1.79 -19.36
N SER F 54 5.73 1.75 -19.18
CA SER F 54 5.14 1.21 -17.95
C SER F 54 5.43 -0.28 -17.80
N ILE F 55 5.73 -0.71 -16.58
CA ILE F 55 5.89 -2.15 -16.30
C ILE F 55 4.69 -2.95 -16.82
N ALA F 56 3.48 -2.43 -16.61
CA ALA F 56 2.29 -3.12 -17.04
C ALA F 56 2.26 -3.30 -18.56
N TRP F 57 2.83 -2.35 -19.29
CA TRP F 57 2.88 -2.48 -20.75
C TRP F 57 3.89 -3.54 -21.22
N GLY F 58 5.07 -3.57 -20.59
CA GLY F 58 6.05 -4.61 -20.90
C GLY F 58 5.45 -5.99 -20.68
N ILE F 59 4.73 -6.10 -19.56
CA ILE F 59 4.04 -7.34 -19.27
C ILE F 59 2.98 -7.64 -20.33
N ALA F 60 2.18 -6.63 -20.68
CA ALA F 60 1.13 -6.81 -21.66
C ALA F 60 1.67 -7.39 -22.97
N LYS F 61 2.79 -6.83 -23.44
CA LYS F 61 3.37 -7.28 -24.71
C LYS F 61 3.78 -8.74 -24.61
N VAL F 62 4.45 -9.12 -23.52
CA VAL F 62 4.81 -10.52 -23.37
C VAL F 62 3.60 -11.47 -23.33
N LEU F 63 2.59 -11.11 -22.54
CA LEU F 63 1.43 -11.99 -22.38
C LEU F 63 0.66 -12.13 -23.69
N HIS F 64 0.56 -11.04 -24.46
CA HIS F 64 -0.12 -11.11 -25.74
C HIS F 64 0.66 -11.97 -26.74
N SER F 65 1.99 -11.85 -26.73
CA SER F 65 2.80 -12.70 -27.62
C SER F 65 2.61 -14.19 -27.32
N ALA F 66 2.24 -14.51 -26.09
CA ALA F 66 2.02 -15.90 -25.69
C ALA F 66 0.58 -16.33 -25.93
N GLY F 67 -0.21 -15.46 -26.55
CA GLY F 67 -1.55 -15.81 -26.98
C GLY F 67 -2.72 -15.16 -26.26
N ALA F 68 -2.44 -14.38 -25.21
CA ALA F 68 -3.50 -13.82 -24.38
C ALA F 68 -4.25 -12.69 -25.08
N GLN F 69 -5.57 -12.66 -24.88
CA GLN F 69 -6.37 -11.48 -25.18
C GLN F 69 -6.34 -10.58 -23.95
N LEU F 70 -6.31 -9.28 -24.17
CA LEU F 70 -6.08 -8.33 -23.09
C LEU F 70 -7.17 -7.26 -22.98
N ALA F 71 -7.49 -6.89 -21.73
CA ALA F 71 -8.32 -5.71 -21.44
C ALA F 71 -7.43 -4.78 -20.64
N PHE F 72 -7.66 -3.48 -20.73
CA PHE F 72 -6.83 -2.51 -20.03
C PHE F 72 -7.67 -1.55 -19.22
N SER F 73 -7.26 -1.27 -17.99
CA SER F 73 -7.86 -0.14 -17.31
C SER F 73 -7.05 1.10 -17.68
N TYR F 74 -7.64 2.28 -17.55
CA TYR F 74 -6.87 3.51 -17.66
C TYR F 74 -7.44 4.58 -16.74
N GLN F 75 -6.58 5.42 -16.18
CA GLN F 75 -7.08 6.55 -15.43
C GLN F 75 -6.74 7.85 -16.11
N GLY F 76 -7.77 8.59 -16.48
CA GLY F 76 -7.55 9.88 -17.06
C GLY F 76 -7.57 9.81 -18.56
N GLU F 77 -8.10 10.87 -19.16
CA GLU F 77 -8.24 10.97 -20.60
C GLU F 77 -6.89 10.94 -21.32
N SER F 78 -5.88 11.59 -20.75
CA SER F 78 -4.56 11.65 -21.37
C SER F 78 -3.95 10.26 -21.54
N ILE F 79 -3.95 9.50 -20.45
CA ILE F 79 -3.49 8.12 -20.50
C ILE F 79 -4.32 7.34 -21.49
N GLY F 80 -5.63 7.54 -21.51
CA GLY F 80 -6.50 6.85 -22.46
C GLY F 80 -6.04 7.07 -23.89
N LYS F 81 -5.66 8.31 -24.19
CA LYS F 81 -5.12 8.64 -25.51
C LYS F 81 -3.78 7.97 -25.80
N ARG F 82 -2.90 7.89 -24.81
CA ARG F 82 -1.63 7.20 -25.03
C ARG F 82 -1.87 5.69 -25.21
N LEU F 83 -2.90 5.19 -24.54
CA LEU F 83 -3.17 3.76 -24.46
C LEU F 83 -3.81 3.21 -25.72
N LYS F 84 -4.69 3.98 -26.33
CA LYS F 84 -5.43 3.47 -27.49
C LYS F 84 -4.56 2.88 -28.62
N PRO F 85 -3.53 3.63 -29.07
CA PRO F 85 -2.61 3.06 -30.09
C PRO F 85 -1.83 1.83 -29.62
N LEU F 86 -1.34 1.83 -28.39
CA LEU F 86 -0.59 0.69 -27.85
C LEU F 86 -1.47 -0.54 -27.84
N ALA F 87 -2.68 -0.40 -27.28
CA ALA F 87 -3.60 -1.52 -27.18
C ALA F 87 -3.86 -2.16 -28.54
N LEU F 88 -3.93 -1.33 -29.57
CA LEU F 88 -4.19 -1.82 -30.93
C LEU F 88 -3.10 -2.80 -31.37
N THR F 89 -1.85 -2.50 -31.03
CA THR F 89 -0.72 -3.36 -31.39
C THR F 89 -0.77 -4.73 -30.70
N VAL F 90 -1.60 -4.85 -29.67
CA VAL F 90 -1.81 -6.16 -29.04
C VAL F 90 -3.24 -6.64 -29.22
N ASP F 91 -3.86 -6.23 -30.32
CA ASP F 91 -5.18 -6.73 -30.73
C ASP F 91 -6.30 -6.41 -29.76
N SER F 92 -6.20 -5.26 -29.10
CA SER F 92 -7.21 -4.87 -28.12
C SER F 92 -7.75 -3.47 -28.34
N ASP F 93 -9.07 -3.34 -28.26
CA ASP F 93 -9.69 -2.03 -28.10
C ASP F 93 -10.47 -2.02 -26.81
N PHE F 94 -10.13 -2.98 -25.94
CA PHE F 94 -10.88 -3.19 -24.71
C PHE F 94 -10.25 -2.35 -23.61
N MET F 95 -10.57 -1.06 -23.59
CA MET F 95 -10.01 -0.12 -22.62
C MET F 95 -11.13 0.45 -21.77
N ILE F 96 -10.97 0.42 -20.44
CA ILE F 96 -12.06 0.75 -19.55
C ILE F 96 -11.58 1.73 -18.50
N PRO F 97 -12.31 2.84 -18.31
CA PRO F 97 -11.84 3.79 -17.30
C PRO F 97 -11.93 3.22 -15.88
N CYS F 98 -10.98 3.60 -15.02
CA CYS F 98 -11.05 3.14 -13.63
C CYS F 98 -10.30 4.07 -12.71
N ASN F 99 -10.97 4.43 -11.62
CA ASN F 99 -10.37 5.20 -10.53
C ASN F 99 -10.30 4.30 -9.30
N VAL F 100 -9.11 3.81 -8.97
CA VAL F 100 -9.00 2.85 -7.85
C VAL F 100 -9.21 3.48 -6.49
N GLU F 101 -9.45 4.80 -6.45
CA GLU F 101 -9.82 5.42 -5.18
C GLU F 101 -11.34 5.52 -5.03
N ASP F 102 -12.06 5.02 -6.02
CA ASP F 102 -13.51 5.07 -6.05
C ASP F 102 -14.08 3.66 -6.25
N PRO F 103 -14.55 3.03 -5.16
CA PRO F 103 -15.08 1.66 -5.27
C PRO F 103 -16.17 1.48 -6.33
N SER F 104 -17.02 2.49 -6.50
CA SER F 104 -18.06 2.41 -7.52
C SER F 104 -17.46 2.33 -8.93
N SER F 105 -16.32 3.00 -9.13
CA SER F 105 -15.61 2.95 -10.41
C SER F 105 -15.06 1.55 -10.66
N MET F 106 -14.53 0.92 -9.61
CA MET F 106 -14.03 -0.46 -9.76
C MET F 106 -15.18 -1.44 -10.04
N ASP F 107 -16.35 -1.18 -9.43
CA ASP F 107 -17.53 -1.99 -9.74
C ASP F 107 -17.89 -1.86 -11.22
N LEU F 108 -17.87 -0.61 -11.72
CA LEU F 108 -18.15 -0.37 -13.13
C LEU F 108 -17.13 -1.04 -14.06
N LEU F 109 -15.85 -1.01 -13.65
CA LEU F 109 -14.80 -1.66 -14.40
C LEU F 109 -15.18 -3.10 -14.63
N PHE F 110 -15.64 -3.76 -13.57
CA PHE F 110 -15.95 -5.17 -13.74
C PHE F 110 -17.28 -5.46 -14.46
N GLU F 111 -18.25 -4.57 -14.33
CA GLU F 111 -19.44 -4.68 -15.17
C GLU F 111 -19.10 -4.62 -16.65
N ARG F 112 -18.23 -3.67 -16.99
CA ARG F 112 -17.78 -3.47 -18.37
C ARG F 112 -16.97 -4.64 -18.90
N ILE F 113 -16.12 -5.22 -18.06
CA ILE F 113 -15.44 -6.45 -18.44
C ILE F 113 -16.49 -7.53 -18.75
N LYS F 114 -17.48 -7.66 -17.87
CA LYS F 114 -18.49 -8.69 -18.05
C LYS F 114 -19.39 -8.49 -19.27
N GLU F 115 -19.39 -7.29 -19.83
CA GLU F 115 -20.09 -7.07 -21.10
C GLU F 115 -19.50 -7.85 -22.29
N ARG F 116 -18.21 -8.17 -22.24
CA ARG F 116 -17.57 -8.94 -23.31
C ARG F 116 -17.17 -10.33 -22.83
N TRP F 117 -16.68 -10.40 -21.61
CA TRP F 117 -16.10 -11.64 -21.07
C TRP F 117 -16.85 -12.14 -19.86
N GLU F 118 -17.41 -13.34 -19.95
CA GLU F 118 -18.05 -13.97 -18.81
C GLU F 118 -17.03 -14.30 -17.75
N THR F 119 -15.78 -14.39 -18.18
CA THR F 119 -14.78 -15.09 -17.43
C THR F 119 -13.39 -14.50 -17.68
N LEU F 120 -12.55 -14.53 -16.64
CA LEU F 120 -11.20 -13.96 -16.68
C LEU F 120 -10.21 -15.08 -16.32
N ASP F 121 -9.03 -15.07 -16.92
CA ASP F 121 -8.00 -16.06 -16.54
C ASP F 121 -6.88 -15.47 -15.71
N PHE F 122 -6.58 -14.19 -15.91
CA PHE F 122 -5.52 -13.54 -15.13
C PHE F 122 -5.74 -12.04 -14.93
N VAL F 123 -5.03 -11.50 -13.95
CA VAL F 123 -5.05 -10.07 -13.69
C VAL F 123 -3.63 -9.64 -13.37
N VAL F 124 -3.20 -8.55 -14.00
CA VAL F 124 -1.94 -7.90 -13.66
C VAL F 124 -2.22 -6.58 -12.95
N HIS F 125 -1.74 -6.43 -11.72
CA HIS F 125 -1.94 -5.20 -10.96
C HIS F 125 -0.59 -4.54 -10.82
N SER F 126 -0.39 -3.45 -11.56
CA SER F 126 0.87 -2.71 -11.49
C SER F 126 0.53 -1.25 -11.26
N ILE F 127 0.06 -0.96 -10.06
CA ILE F 127 -0.46 0.36 -9.72
C ILE F 127 0.25 0.86 -8.48
N ALA F 128 0.93 2.00 -8.60
CA ALA F 128 1.55 2.62 -7.43
C ALA F 128 1.43 4.11 -7.49
N PHE F 129 1.20 4.71 -6.33
CA PHE F 129 1.22 6.14 -6.21
C PHE F 129 1.64 6.56 -4.82
N SER F 130 2.50 7.58 -4.75
CA SER F 130 2.68 8.34 -3.52
C SER F 130 3.04 9.75 -3.94
N ASP F 131 2.80 10.71 -3.05
CA ASP F 131 3.17 12.10 -3.33
C ASP F 131 4.67 12.24 -3.55
N LYS F 132 5.06 12.58 -4.78
CA LYS F 132 6.46 12.77 -5.13
C LYS F 132 7.20 13.71 -4.18
N ASN F 133 6.49 14.71 -3.67
CA ASN F 133 7.11 15.68 -2.78
C ASN F 133 7.58 15.09 -1.46
N GLU F 134 7.02 13.93 -1.10
CA GLU F 134 7.36 13.28 0.16
C GLU F 134 8.26 12.07 -0.04
N LEU F 135 8.65 11.83 -1.30
CA LEU F 135 9.58 10.75 -1.63
C LEU F 135 10.99 11.32 -1.73
N ARG F 136 11.37 12.04 -0.67
CA ARG F 136 12.67 12.64 -0.51
C ARG F 136 12.72 13.04 0.95
N GLY F 137 13.91 13.28 1.47
CA GLY F 137 14.06 13.59 2.89
C GLY F 137 13.68 12.41 3.75
N PRO F 138 13.66 12.60 5.07
CA PRO F 138 13.39 11.51 6.01
C PRO F 138 11.99 10.91 5.92
N TYR F 139 11.87 9.61 6.20
CA TYR F 139 10.57 8.97 6.19
C TYR F 139 9.63 9.62 7.20
N TYR F 140 10.15 10.04 8.34
CA TYR F 140 9.31 10.56 9.42
C TYR F 140 8.51 11.81 9.06
N ASN F 141 8.87 12.50 7.98
CA ASN F 141 8.10 13.66 7.55
C ASN F 141 6.93 13.31 6.63
N THR F 142 6.68 12.01 6.45
CA THR F 142 5.51 11.57 5.70
C THR F 142 4.22 12.11 6.31
N SER F 143 3.36 12.70 5.49
CA SER F 143 2.11 13.22 6.05
C SER F 143 1.08 12.12 6.20
N ARG F 144 0.19 12.31 7.16
CA ARG F 144 -0.93 11.40 7.38
C ARG F 144 -1.77 11.23 6.11
N ASP F 145 -2.06 12.33 5.42
CA ASP F 145 -2.86 12.26 4.21
C ASP F 145 -2.17 11.44 3.13
N ASN F 146 -0.87 11.69 2.95
CA ASN F 146 -0.12 10.94 1.95
C ASN F 146 -0.03 9.47 2.34
N PHE F 147 0.15 9.20 3.63
CA PHE F 147 0.15 7.81 4.09
C PHE F 147 -1.16 7.09 3.73
N ILE F 148 -2.29 7.74 4.03
CA ILE F 148 -3.59 7.17 3.74
C ILE F 148 -3.78 6.94 2.23
N GLN F 149 -3.47 7.95 1.43
CA GLN F 149 -3.72 7.82 0.00
C GLN F 149 -2.78 6.80 -0.66
N THR F 150 -1.54 6.80 -0.22
CA THR F 150 -0.55 5.85 -0.71
C THR F 150 -0.98 4.43 -0.37
N MET F 151 -1.50 4.24 0.84
CA MET F 151 -2.01 2.92 1.23
C MET F 151 -3.19 2.49 0.38
N LEU F 152 -4.13 3.40 0.14
CA LEU F 152 -5.31 3.06 -0.63
C LEU F 152 -4.98 2.71 -2.08
N VAL F 153 -4.06 3.46 -2.69
CA VAL F 153 -3.74 3.25 -4.10
C VAL F 153 -2.73 2.13 -4.31
N SER F 154 -1.65 2.16 -3.54
CA SER F 154 -0.53 1.24 -3.77
C SER F 154 -0.70 -0.10 -3.06
N CYS F 155 -1.55 -0.15 -2.05
CA CYS F 155 -1.82 -1.42 -1.38
C CYS F 155 -3.25 -1.89 -1.55
N PHE F 156 -4.21 -1.16 -0.99
CA PHE F 156 -5.55 -1.73 -0.89
C PHE F 156 -6.24 -1.97 -2.25
N SER F 157 -5.83 -1.23 -3.28
CA SER F 157 -6.44 -1.42 -4.59
C SER F 157 -6.26 -2.87 -5.08
N PHE F 158 -5.18 -3.51 -4.68
CA PHE F 158 -4.98 -4.90 -5.06
C PHE F 158 -6.07 -5.77 -4.43
N THR F 159 -6.37 -5.58 -3.15
CA THR F 159 -7.45 -6.35 -2.52
C THR F 159 -8.80 -6.10 -3.19
N GLU F 160 -9.08 -4.82 -3.47
CA GLU F 160 -10.31 -4.44 -4.16
C GLU F 160 -10.48 -5.15 -5.52
N ILE F 161 -9.39 -5.12 -6.28
CA ILE F 161 -9.36 -5.70 -7.61
C ILE F 161 -9.42 -7.22 -7.57
N VAL F 162 -8.60 -7.83 -6.71
CA VAL F 162 -8.58 -9.29 -6.58
C VAL F 162 -9.96 -9.82 -6.23
N ARG F 163 -10.63 -9.22 -5.25
CA ARG F 163 -11.89 -9.80 -4.83
C ARG F 163 -12.96 -9.63 -5.91
N ARG F 164 -12.90 -8.54 -6.68
CA ARG F 164 -13.81 -8.45 -7.82
C ARG F 164 -13.50 -9.47 -8.94
N ALA F 165 -12.22 -9.58 -9.27
CA ALA F 165 -11.75 -10.46 -10.35
C ALA F 165 -12.01 -11.94 -10.05
N ALA F 166 -11.94 -12.32 -8.77
CA ALA F 166 -12.09 -13.72 -8.38
C ALA F 166 -13.47 -14.25 -8.76
N GLN F 167 -14.46 -13.36 -8.77
CA GLN F 167 -15.83 -13.73 -9.15
C GLN F 167 -15.91 -14.17 -10.61
N LEU F 168 -14.90 -13.83 -11.40
CA LEU F 168 -14.90 -14.14 -12.82
C LEU F 168 -13.96 -15.31 -13.11
N MET F 169 -13.59 -16.05 -12.08
CA MET F 169 -12.65 -17.18 -12.22
C MET F 169 -13.23 -18.49 -11.67
N PRO F 170 -14.33 -18.97 -12.27
CA PRO F 170 -15.01 -20.16 -11.73
C PRO F 170 -14.16 -21.43 -11.85
N HIS F 171 -13.20 -21.45 -12.76
CA HIS F 171 -12.31 -22.60 -12.91
C HIS F 171 -10.88 -22.26 -12.46
N GLY F 172 -10.76 -21.26 -11.59
CA GLY F 172 -9.45 -20.84 -11.11
C GLY F 172 -8.78 -19.86 -12.05
N GLY F 173 -7.55 -19.47 -11.71
CA GLY F 173 -6.79 -18.55 -12.52
C GLY F 173 -5.60 -18.05 -11.70
N ALA F 174 -5.01 -16.94 -12.11
CA ALA F 174 -3.79 -16.45 -11.46
C ALA F 174 -3.73 -14.93 -11.54
N MET F 175 -3.22 -14.31 -10.49
CA MET F 175 -3.05 -12.86 -10.50
C MET F 175 -1.67 -12.51 -9.95
N ILE F 176 -1.14 -11.37 -10.37
CA ILE F 176 0.09 -10.85 -9.78
C ILE F 176 -0.04 -9.39 -9.43
N THR F 177 0.74 -8.98 -8.43
CA THR F 177 0.98 -7.56 -8.20
C THR F 177 2.48 -7.29 -8.28
N LEU F 178 2.85 -6.02 -8.34
CA LEU F 178 4.24 -5.60 -8.42
C LEU F 178 4.67 -4.97 -7.10
N THR F 179 5.83 -5.38 -6.62
CA THR F 179 6.44 -4.80 -5.43
C THR F 179 7.92 -4.49 -5.65
N TYR F 180 8.59 -4.04 -4.59
CA TYR F 180 9.98 -3.66 -4.64
C TYR F 180 10.60 -3.95 -3.29
N GLY F 181 11.86 -4.35 -3.28
CA GLY F 181 12.54 -4.79 -2.09
C GLY F 181 12.69 -3.71 -1.03
N GLY F 182 12.38 -2.47 -1.38
CA GLY F 182 12.40 -1.37 -0.42
C GLY F 182 11.32 -1.51 0.64
N SER F 183 10.44 -2.49 0.45
CA SER F 183 9.39 -2.77 1.41
C SER F 183 9.96 -3.15 2.77
N MET F 184 11.01 -3.95 2.79
CA MET F 184 11.54 -4.39 4.10
C MET F 184 13.04 -4.23 4.25
N ARG F 185 13.68 -3.56 3.31
CA ARG F 185 15.07 -3.12 3.47
C ARG F 185 15.10 -1.66 3.05
N VAL F 186 15.83 -0.83 3.79
CA VAL F 186 15.62 0.62 3.67
C VAL F 186 16.29 1.23 2.45
N VAL F 187 15.48 1.80 1.56
CA VAL F 187 15.97 2.48 0.37
C VAL F 187 15.73 3.96 0.61
N PRO F 188 16.80 4.78 0.57
CA PRO F 188 16.62 6.21 0.85
C PRO F 188 15.55 6.83 -0.05
N ASN F 189 14.69 7.67 0.54
CA ASN F 189 13.63 8.39 -0.16
C ASN F 189 12.37 7.59 -0.53
N TYR F 190 12.41 6.26 -0.36
CA TYR F 190 11.27 5.44 -0.76
C TYR F 190 10.08 5.69 0.18
N ASN F 191 10.40 6.02 1.43
CA ASN F 191 9.45 6.59 2.40
C ASN F 191 8.07 5.94 2.43
N ALA F 192 7.00 6.69 2.16
CA ALA F 192 5.65 6.11 2.32
C ALA F 192 5.40 4.86 1.47
N MET F 193 6.11 4.73 0.34
CA MET F 193 5.95 3.55 -0.50
C MET F 193 6.39 2.27 0.21
N ALA F 194 7.31 2.39 1.17
CA ALA F 194 7.84 1.18 1.83
C ALA F 194 6.78 0.45 2.68
N PRO F 195 6.14 1.14 3.64
CA PRO F 195 5.09 0.40 4.36
C PRO F 195 3.94 0.01 3.45
N ALA F 196 3.67 0.78 2.40
CA ALA F 196 2.60 0.42 1.48
C ALA F 196 2.93 -0.87 0.74
N LYS F 197 4.17 -0.99 0.26
CA LYS F 197 4.57 -2.22 -0.43
C LYS F 197 4.64 -3.38 0.53
N SER F 198 5.03 -3.12 1.78
CA SER F 198 5.06 -4.22 2.75
C SER F 198 3.66 -4.73 3.04
N ALA F 199 2.71 -3.81 3.19
CA ALA F 199 1.32 -4.19 3.40
C ALA F 199 0.80 -4.93 2.17
N LEU F 200 1.23 -4.50 0.98
CA LEU F 200 0.85 -5.18 -0.26
C LEU F 200 1.33 -6.62 -0.27
N GLU F 201 2.57 -6.83 0.15
CA GLU F 201 3.15 -8.17 0.17
C GLU F 201 2.42 -9.06 1.16
N SER F 202 2.11 -8.50 2.32
CA SER F 202 1.32 -9.21 3.33
C SER F 202 -0.03 -9.59 2.76
N SER F 203 -0.72 -8.62 2.15
CA SER F 203 -2.05 -8.89 1.61
C SER F 203 -1.98 -9.95 0.52
N THR F 204 -0.87 -9.97 -0.23
CA THR F 204 -0.68 -10.99 -1.27
C THR F 204 -0.76 -12.39 -0.68
N LYS F 205 -0.07 -12.61 0.45
CA LYS F 205 -0.11 -13.91 1.11
C LYS F 205 -1.48 -14.24 1.69
N TYR F 206 -2.14 -13.23 2.28
CA TYR F 206 -3.45 -13.48 2.85
C TYR F 206 -4.47 -13.80 1.77
N LEU F 207 -4.38 -13.10 0.65
CA LEU F 207 -5.28 -13.35 -0.47
C LEU F 207 -5.02 -14.72 -1.08
N ALA F 208 -3.75 -15.12 -1.14
CA ALA F 208 -3.42 -16.43 -1.68
C ALA F 208 -4.06 -17.53 -0.82
N CYS F 209 -4.10 -17.32 0.49
CA CYS F 209 -4.78 -18.27 1.37
C CYS F 209 -6.30 -18.22 1.20
N ASP F 210 -6.85 -17.01 1.07
CA ASP F 210 -8.30 -16.86 0.87
C ASP F 210 -8.78 -17.64 -0.36
N TYR F 211 -7.99 -17.57 -1.43
CA TYR F 211 -8.48 -18.01 -2.73
C TYR F 211 -7.86 -19.31 -3.23
N GLY F 212 -6.91 -19.85 -2.47
CA GLY F 212 -6.21 -21.05 -2.90
C GLY F 212 -7.15 -22.22 -3.10
N GLY F 213 -8.19 -22.32 -2.27
CA GLY F 213 -9.16 -23.40 -2.38
C GLY F 213 -10.02 -23.33 -3.64
N MET F 214 -9.98 -22.16 -4.29
CA MET F 214 -10.70 -21.92 -5.53
C MET F 214 -9.75 -22.12 -6.72
N ASN F 215 -8.55 -22.62 -6.43
CA ASN F 215 -7.48 -22.74 -7.43
C ASN F 215 -7.15 -21.42 -8.10
N ILE F 216 -7.18 -20.34 -7.32
CA ILE F 216 -6.66 -19.07 -7.80
C ILE F 216 -5.33 -18.81 -7.11
N ARG F 217 -4.28 -18.59 -7.91
CA ARG F 217 -2.96 -18.34 -7.35
C ARG F 217 -2.69 -16.84 -7.34
N ILE F 218 -2.05 -16.35 -6.29
CA ILE F 218 -1.81 -14.91 -6.17
C ILE F 218 -0.36 -14.73 -5.82
N ASN F 219 0.40 -14.03 -6.66
CA ASN F 219 1.84 -13.85 -6.42
C ASN F 219 2.27 -12.41 -6.64
N ALA F 220 3.49 -12.09 -6.24
CA ALA F 220 4.04 -10.76 -6.50
C ALA F 220 5.39 -10.85 -7.19
N ILE F 221 5.63 -9.94 -8.12
CA ILE F 221 6.98 -9.77 -8.65
C ILE F 221 7.63 -8.62 -7.91
N SER F 222 8.73 -8.89 -7.24
CA SER F 222 9.57 -7.84 -6.66
C SER F 222 10.58 -7.43 -7.70
N ALA F 223 10.28 -6.35 -8.40
CA ALA F 223 11.09 -5.96 -9.54
C ALA F 223 12.28 -5.13 -9.12
N GLY F 224 13.37 -5.23 -9.86
CA GLY F 224 14.47 -4.28 -9.69
C GLY F 224 14.04 -2.96 -10.32
N PRO F 225 14.83 -1.91 -10.11
CA PRO F 225 14.51 -0.68 -10.85
C PRO F 225 14.75 -0.85 -12.35
N VAL F 226 13.89 -0.25 -13.16
CA VAL F 226 14.08 -0.25 -14.60
C VAL F 226 14.62 1.11 -15.01
N ARG F 227 15.71 1.12 -15.80
CA ARG F 227 16.35 2.38 -16.18
C ARG F 227 15.38 3.36 -16.84
N THR F 228 15.64 4.65 -16.65
CA THR F 228 14.75 5.74 -17.09
C THR F 228 13.37 5.82 -16.40
N LEU F 229 12.76 4.68 -16.09
CA LEU F 229 11.52 4.69 -15.31
C LEU F 229 11.84 5.05 -13.87
N ALA F 230 12.80 4.34 -13.30
CA ALA F 230 13.29 4.57 -11.94
C ALA F 230 13.62 6.04 -11.73
N GLY F 231 14.37 6.60 -12.68
CA GLY F 231 14.75 8.00 -12.65
C GLY F 231 13.57 8.94 -12.67
N ALA F 232 12.47 8.50 -13.29
CA ALA F 232 11.28 9.33 -13.41
C ALA F 232 10.32 9.20 -12.23
N SER F 233 10.47 8.14 -11.43
CA SER F 233 9.51 7.84 -10.38
C SER F 233 9.76 8.44 -8.97
N ILE F 234 11.02 8.73 -8.65
CA ILE F 234 11.37 9.10 -7.28
C ILE F 234 12.60 10.04 -7.30
N SER F 235 12.76 10.86 -6.26
CA SER F 235 13.79 11.91 -6.20
C SER F 235 15.15 11.57 -6.82
N ASN F 236 15.80 10.52 -6.29
CA ASN F 236 17.09 10.10 -6.84
C ASN F 236 17.03 8.71 -7.45
N GLY F 237 15.94 8.44 -8.17
CA GLY F 237 15.74 7.15 -8.81
C GLY F 237 16.86 6.74 -9.73
N ARG F 238 17.50 7.72 -10.36
CA ARG F 238 18.62 7.44 -11.26
C ARG F 238 19.80 6.81 -10.51
N ASP F 239 20.12 7.37 -9.35
CA ASP F 239 21.19 6.83 -8.52
C ASP F 239 20.85 5.42 -8.04
N ILE F 240 19.57 5.21 -7.67
CA ILE F 240 19.12 3.89 -7.22
C ILE F 240 19.29 2.85 -8.33
N ALA F 241 18.84 3.19 -9.53
CA ALA F 241 19.02 2.33 -10.69
C ALA F 241 20.51 2.04 -10.98
N ALA F 242 21.32 3.09 -10.99
CA ALA F 242 22.74 2.94 -11.30
C ALA F 242 23.46 2.04 -10.28
N TRP F 243 23.13 2.25 -9.01
CA TRP F 243 23.74 1.48 -7.93
C TRP F 243 23.33 0.02 -8.06
N SER F 244 22.03 -0.19 -8.24
CA SER F 244 21.50 -1.55 -8.35
C SER F 244 22.13 -2.27 -9.53
N LYS F 245 22.36 -1.54 -10.63
CA LYS F 245 23.02 -2.14 -11.79
C LYS F 245 24.48 -2.50 -11.53
N GLU F 246 25.23 -1.55 -10.96
CA GLU F 246 26.65 -1.77 -10.71
C GLU F 246 26.88 -2.93 -9.73
N ASN F 247 25.95 -3.11 -8.80
CA ASN F 247 26.15 -4.08 -7.72
C ASN F 247 25.35 -5.38 -7.82
N SER F 248 24.51 -5.51 -8.84
CA SER F 248 23.79 -6.75 -9.05
C SER F 248 24.75 -7.83 -9.57
N PRO F 249 24.50 -9.09 -9.20
CA PRO F 249 25.37 -10.17 -9.70
C PRO F 249 25.51 -10.18 -11.22
N LEU F 250 24.44 -9.81 -11.92
CA LEU F 250 24.44 -9.88 -13.39
C LEU F 250 24.94 -8.63 -14.09
N LYS F 251 25.22 -7.58 -13.31
CA LYS F 251 25.74 -6.30 -13.84
C LYS F 251 24.85 -5.68 -14.89
N ARG F 252 23.55 -5.83 -14.72
CA ARG F 252 22.59 -5.17 -15.61
C ARG F 252 21.32 -4.89 -14.84
N THR F 253 20.50 -3.99 -15.38
CA THR F 253 19.20 -3.68 -14.80
C THR F 253 18.17 -4.60 -15.44
N VAL F 254 17.14 -4.94 -14.66
CA VAL F 254 16.07 -5.77 -15.20
C VAL F 254 15.35 -5.02 -16.33
N SER F 255 14.95 -5.73 -17.37
CA SER F 255 14.25 -5.10 -18.49
C SER F 255 12.75 -5.30 -18.36
N LEU F 256 11.99 -4.50 -19.10
CA LEU F 256 10.54 -4.67 -19.15
C LEU F 256 10.19 -6.06 -19.65
N GLU F 257 11.00 -6.59 -20.57
CA GLU F 257 10.75 -7.92 -21.11
C GLU F 257 11.04 -9.03 -20.09
N ASP F 258 12.08 -8.86 -19.28
CA ASP F 258 12.37 -9.80 -18.19
C ASP F 258 11.16 -9.89 -17.25
N ILE F 259 10.64 -8.73 -16.85
CA ILE F 259 9.47 -8.70 -15.97
C ILE F 259 8.26 -9.33 -16.67
N GLY F 260 8.09 -9.05 -17.96
CA GLY F 260 7.00 -9.66 -18.70
C GLY F 260 7.11 -11.19 -18.75
N ASN F 261 8.32 -11.70 -18.95
CA ASN F 261 8.53 -13.14 -18.98
C ASN F 261 8.30 -13.80 -17.61
N SER F 262 8.69 -13.10 -16.55
CA SER F 262 8.41 -13.61 -15.20
C SER F 262 6.91 -13.60 -14.92
N ALA F 263 6.23 -12.56 -15.44
CA ALA F 263 4.80 -12.51 -15.33
C ALA F 263 4.16 -13.67 -16.09
N LEU F 264 4.67 -13.96 -17.28
CA LEU F 264 4.15 -15.07 -18.09
C LEU F 264 4.27 -16.38 -17.33
N TYR F 265 5.42 -16.59 -16.70
CA TYR F 265 5.56 -17.74 -15.82
C TYR F 265 4.51 -17.79 -14.71
N LEU F 266 4.42 -16.69 -13.95
CA LEU F 266 3.53 -16.65 -12.79
C LEU F 266 2.04 -16.67 -13.11
N LEU F 267 1.68 -16.38 -14.36
CA LEU F 267 0.28 -16.31 -14.74
C LEU F 267 -0.16 -17.48 -15.61
N SER F 268 0.77 -18.39 -15.89
CA SER F 268 0.44 -19.55 -16.72
C SER F 268 0.55 -20.85 -15.95
N TYR F 269 0.30 -21.98 -16.61
CA TYR F 269 0.30 -23.27 -15.93
C TYR F 269 1.70 -23.65 -15.43
N LEU F 270 2.72 -22.97 -15.95
CA LEU F 270 4.12 -23.24 -15.58
C LEU F 270 4.36 -23.09 -14.08
N SER F 271 3.63 -22.16 -13.46
CA SER F 271 3.80 -21.87 -12.04
C SER F 271 2.69 -22.48 -11.20
N ASN F 272 2.11 -23.57 -11.68
CA ASN F 272 1.03 -24.27 -10.97
C ASN F 272 1.34 -24.65 -9.51
N GLY F 273 2.63 -24.78 -9.17
CA GLY F 273 3.01 -25.10 -7.80
C GLY F 273 3.39 -23.88 -6.96
N VAL F 274 3.07 -22.68 -7.45
CA VAL F 274 3.54 -21.45 -6.80
C VAL F 274 2.40 -20.50 -6.43
N THR F 275 2.27 -20.19 -5.14
CA THR F 275 1.33 -19.16 -4.70
C THR F 275 1.83 -18.47 -3.45
N GLY F 276 1.44 -17.21 -3.26
CA GLY F 276 1.89 -16.40 -2.14
C GLY F 276 3.36 -16.03 -2.18
N GLU F 277 3.97 -16.15 -3.36
CA GLU F 277 5.40 -15.96 -3.48
C GLU F 277 5.77 -14.52 -3.79
N ILE F 278 6.75 -13.98 -3.07
CA ILE F 278 7.33 -12.69 -3.43
C ILE F 278 8.59 -13.04 -4.22
N HIS F 279 8.46 -12.96 -5.54
CA HIS F 279 9.46 -13.49 -6.47
C HIS F 279 10.38 -12.38 -6.94
N TYR F 280 11.67 -12.45 -6.62
CA TYR F 280 12.60 -11.37 -6.99
C TYR F 280 13.07 -11.45 -8.43
N VAL F 281 12.72 -10.41 -9.19
CA VAL F 281 13.17 -10.28 -10.57
C VAL F 281 13.96 -8.98 -10.61
N ASP F 282 15.17 -9.05 -10.05
CA ASP F 282 15.97 -7.87 -9.80
C ASP F 282 17.44 -8.13 -10.16
N CYS F 283 17.65 -9.12 -11.02
CA CYS F 283 18.99 -9.50 -11.46
C CYS F 283 19.90 -9.89 -10.28
N GLY F 284 19.27 -10.38 -9.21
CA GLY F 284 20.01 -10.85 -8.05
C GLY F 284 20.42 -9.79 -7.06
N TYR F 285 20.02 -8.52 -7.27
CA TYR F 285 20.53 -7.44 -6.43
C TYR F 285 20.34 -7.74 -4.94
N ASN F 286 19.17 -8.30 -4.63
CA ASN F 286 18.79 -8.48 -3.23
C ASN F 286 19.71 -9.41 -2.45
N ILE F 287 20.51 -10.23 -3.14
CA ILE F 287 21.32 -11.23 -2.44
C ILE F 287 22.67 -10.68 -2.01
N VAL F 288 23.00 -9.47 -2.46
CA VAL F 288 24.33 -8.89 -2.25
C VAL F 288 24.41 -8.10 -0.95
N ALA F 289 25.38 -8.42 -0.10
CA ALA F 289 25.47 -7.79 1.23
C ALA F 289 26.18 -6.44 1.22
N MET F 290 27.08 -6.27 0.26
CA MET F 290 27.87 -5.04 0.13
C MET F 290 28.61 -5.14 -1.20
N PRO F 291 29.14 -4.01 -1.71
CA PRO F 291 29.79 -4.11 -3.01
C PRO F 291 31.08 -4.93 -3.00
N SER F 292 31.46 -5.47 -4.15
CA SER F 292 32.74 -6.16 -4.29
C SER F 292 33.78 -5.26 -4.95
#